data_4LMM
# 
_entry.id   4LMM 
# 
_audit_conform.dict_name       mmcif_pdbx.dic 
_audit_conform.dict_version    5.379 
_audit_conform.dict_location   http://mmcif.pdb.org/dictionaries/ascii/mmcif_pdbx.dic 
# 
loop_
_database_2.database_id 
_database_2.database_code 
_database_2.pdbx_database_accession 
_database_2.pdbx_DOI 
PDB   4LMM         pdb_00004lmm 10.2210/pdb4lmm/pdb 
RCSB  RCSB080819   ?            ?                   
WWPDB D_1000080819 ?            ?                   
# 
_pdbx_database_status.status_code                     REL 
_pdbx_database_status.entry_id                        4LMM 
_pdbx_database_status.recvd_initial_deposition_date   2013-07-10 
_pdbx_database_status.deposit_site                    RCSB 
_pdbx_database_status.process_site                    RCSB 
_pdbx_database_status.status_code_sf                  REL 
_pdbx_database_status.status_code_mr                  ? 
_pdbx_database_status.SG_entry                        ? 
_pdbx_database_status.status_code_cs                  ? 
_pdbx_database_status.methods_development_category    ? 
_pdbx_database_status.pdb_format_compatible           Y 
_pdbx_database_status.status_code_nmr_data            ? 
# 
loop_
_audit_author.name 
_audit_author.pdbx_ordinal 
'Jiang, Y.'      1 
'Lu, G.'         2 
'Wu, Y.'         3 
'Brunzelle, J.'  4 
'Sirinupong, N.' 5 
'Li, C.'         6 
'Yang, Z.'       7 
# 
_citation.id                        primary 
_citation.title                     
'New Conformational State of NHERF1-CXCR2 Signaling Complex Captured by Crystal Lattice Trapping.' 
_citation.journal_abbrev            'Plos One' 
_citation.journal_volume            8 
_citation.page_first                e81904 
_citation.page_last                 e81904 
_citation.year                      2013 
_citation.journal_id_ASTM           ? 
_citation.country                   US 
_citation.journal_id_ISSN           1932-6203 
_citation.journal_id_CSD            ? 
_citation.book_publisher            ? 
_citation.pdbx_database_id_PubMed   24339979 
_citation.pdbx_database_id_DOI      10.1371/journal.pone.0081904 
# 
loop_
_citation_author.citation_id 
_citation_author.name 
_citation_author.ordinal 
_citation_author.identifier_ORCID 
primary 'Jiang, Y.'        1  ? 
primary 'Lu, G.'           2  ? 
primary 'Trescott, L.R.'   3  ? 
primary 'Hou, Y.'          4  ? 
primary 'Guan, X.'         5  ? 
primary 'Wang, S.'         6  ? 
primary 'Stamenkovich, A.' 7  ? 
primary 'Brunzelle, J.'    8  ? 
primary 'Sirinupong, N.'   9  ? 
primary 'Li, C.'           10 ? 
primary 'Yang, Z.'         11 ? 
# 
_cell.entry_id           4LMM 
_cell.length_a           26.593 
_cell.length_b           45.509 
_cell.length_c           33.446 
_cell.angle_alpha        90.00 
_cell.angle_beta         109.71 
_cell.angle_gamma        90.00 
_cell.Z_PDB              2 
_cell.pdbx_unique_axis   ? 
_cell.length_a_esd       ? 
_cell.length_b_esd       ? 
_cell.length_c_esd       ? 
_cell.angle_alpha_esd    ? 
_cell.angle_beta_esd     ? 
_cell.angle_gamma_esd    ? 
# 
_symmetry.entry_id                         4LMM 
_symmetry.space_group_name_H-M             'P 1 21 1' 
_symmetry.pdbx_full_space_group_name_H-M   ? 
_symmetry.cell_setting                     ? 
_symmetry.Int_Tables_number                4 
_symmetry.space_group_name_Hall            ? 
# 
loop_
_entity.id 
_entity.type 
_entity.src_method 
_entity.pdbx_description 
_entity.formula_weight 
_entity.pdbx_number_of_molecules 
_entity.pdbx_ec 
_entity.pdbx_mutation 
_entity.pdbx_fragment 
_entity.details 
1 polymer     man 'Na(+)/H(+) exchange regulatory cofactor NHE-RF1' 9860.318 1   ? ? 'UNP residues 11-95' ? 
2 non-polymer syn 'ACETIC ACID'                                     60.052   1   ? ? ?                    ? 
3 non-polymer syn 'CHLORIDE ION'                                    35.453   1   ? ? ?                    ? 
4 water       nat water                                             18.015   129 ? ? ?                    ? 
# 
_entity_poly.entity_id                      1 
_entity_poly.type                           'polypeptide(L)' 
_entity_poly.nstd_linkage                   no 
_entity_poly.nstd_monomer                   no 
_entity_poly.pdbx_seq_one_letter_code       
;GMLPRLCCLEKGPNGYGFHLHGEKGKLGQYIRLVEPGSPAEKAGLLAGDRLVEVNGENVEKETHQQVVSRIRAALNAVRL
LVVDPETSTTL
;
_entity_poly.pdbx_seq_one_letter_code_can   
;GMLPRLCCLEKGPNGYGFHLHGEKGKLGQYIRLVEPGSPAEKAGLLAGDRLVEVNGENVEKETHQQVVSRIRAALNAVRL
LVVDPETSTTL
;
_entity_poly.pdbx_strand_id                 A 
_entity_poly.pdbx_target_identifier         ? 
# 
loop_
_entity_poly_seq.entity_id 
_entity_poly_seq.num 
_entity_poly_seq.mon_id 
_entity_poly_seq.hetero 
1 1  GLY n 
1 2  MET n 
1 3  LEU n 
1 4  PRO n 
1 5  ARG n 
1 6  LEU n 
1 7  CYS n 
1 8  CYS n 
1 9  LEU n 
1 10 GLU n 
1 11 LYS n 
1 12 GLY n 
1 13 PRO n 
1 14 ASN n 
1 15 GLY n 
1 16 TYR n 
1 17 GLY n 
1 18 PHE n 
1 19 HIS n 
1 20 LEU n 
1 21 HIS n 
1 22 GLY n 
1 23 GLU n 
1 24 LYS n 
1 25 GLY n 
1 26 LYS n 
1 27 LEU n 
1 28 GLY n 
1 29 GLN n 
1 30 TYR n 
1 31 ILE n 
1 32 ARG n 
1 33 LEU n 
1 34 VAL n 
1 35 GLU n 
1 36 PRO n 
1 37 GLY n 
1 38 SER n 
1 39 PRO n 
1 40 ALA n 
1 41 GLU n 
1 42 LYS n 
1 43 ALA n 
1 44 GLY n 
1 45 LEU n 
1 46 LEU n 
1 47 ALA n 
1 48 GLY n 
1 49 ASP n 
1 50 ARG n 
1 51 LEU n 
1 52 VAL n 
1 53 GLU n 
1 54 VAL n 
1 55 ASN n 
1 56 GLY n 
1 57 GLU n 
1 58 ASN n 
1 59 VAL n 
1 60 GLU n 
1 61 LYS n 
1 62 GLU n 
1 63 THR n 
1 64 HIS n 
1 65 GLN n 
1 66 GLN n 
1 67 VAL n 
1 68 VAL n 
1 69 SER n 
1 70 ARG n 
1 71 ILE n 
1 72 ARG n 
1 73 ALA n 
1 74 ALA n 
1 75 LEU n 
1 76 ASN n 
1 77 ALA n 
1 78 VAL n 
1 79 ARG n 
1 80 LEU n 
1 81 LEU n 
1 82 VAL n 
1 83 VAL n 
1 84 ASP n 
1 85 PRO n 
1 86 GLU n 
1 87 THR n 
1 88 SER n 
1 89 THR n 
1 90 THR n 
1 91 LEU n 
# 
_entity_src_gen.entity_id                          1 
_entity_src_gen.pdbx_src_id                        1 
_entity_src_gen.pdbx_alt_source_flag               sample 
_entity_src_gen.pdbx_seq_type                      ? 
_entity_src_gen.pdbx_beg_seq_num                   ? 
_entity_src_gen.pdbx_end_seq_num                   ? 
_entity_src_gen.gene_src_common_name               human 
_entity_src_gen.gene_src_genus                     ? 
_entity_src_gen.pdbx_gene_src_gene                 'NHERF, NHERF1, SLC9A3R1' 
_entity_src_gen.gene_src_species                   ? 
_entity_src_gen.gene_src_strain                    ? 
_entity_src_gen.gene_src_tissue                    ? 
_entity_src_gen.gene_src_tissue_fraction           ? 
_entity_src_gen.gene_src_details                   ? 
_entity_src_gen.pdbx_gene_src_fragment             ? 
_entity_src_gen.pdbx_gene_src_scientific_name      'Homo sapiens' 
_entity_src_gen.pdbx_gene_src_ncbi_taxonomy_id     9606 
_entity_src_gen.pdbx_gene_src_variant              ? 
_entity_src_gen.pdbx_gene_src_cell_line            ? 
_entity_src_gen.pdbx_gene_src_atcc                 ? 
_entity_src_gen.pdbx_gene_src_organ                ? 
_entity_src_gen.pdbx_gene_src_organelle            ? 
_entity_src_gen.pdbx_gene_src_cell                 ? 
_entity_src_gen.pdbx_gene_src_cellular_location    ? 
_entity_src_gen.host_org_common_name               ? 
_entity_src_gen.pdbx_host_org_scientific_name      'Escherichia coli' 
_entity_src_gen.pdbx_host_org_ncbi_taxonomy_id     469008 
_entity_src_gen.host_org_genus                     ? 
_entity_src_gen.pdbx_host_org_gene                 ? 
_entity_src_gen.pdbx_host_org_organ                ? 
_entity_src_gen.host_org_species                   ? 
_entity_src_gen.pdbx_host_org_tissue               ? 
_entity_src_gen.pdbx_host_org_tissue_fraction      ? 
_entity_src_gen.pdbx_host_org_strain               'BL21(DE3)' 
_entity_src_gen.pdbx_host_org_variant              ? 
_entity_src_gen.pdbx_host_org_cell_line            ? 
_entity_src_gen.pdbx_host_org_atcc                 ? 
_entity_src_gen.pdbx_host_org_culture_collection   ? 
_entity_src_gen.pdbx_host_org_cell                 ? 
_entity_src_gen.pdbx_host_org_organelle            ? 
_entity_src_gen.pdbx_host_org_cellular_location    ? 
_entity_src_gen.pdbx_host_org_vector_type          Plasmid 
_entity_src_gen.pdbx_host_org_vector               ? 
_entity_src_gen.host_org_details                   ? 
_entity_src_gen.expression_system_id               ? 
_entity_src_gen.plasmid_name                       pSUMO 
_entity_src_gen.plasmid_details                    ? 
_entity_src_gen.pdbx_description                   ? 
# 
_struct_ref.id                         1 
_struct_ref.db_name                    UNP 
_struct_ref.db_code                    NHRF1_HUMAN 
_struct_ref.pdbx_db_accession          O14745 
_struct_ref.entity_id                  1 
_struct_ref.pdbx_seq_one_letter_code   
;LPRLCCLEKGPNGYGFHLHGEKGKLGQYIRLVEPGSPAEKAGLLAGDRLVEVNGENVEKETHQQVVSRIRAALNAVRLLV
VDPE
;
_struct_ref.pdbx_align_begin           11 
_struct_ref.pdbx_db_isoform            ? 
# 
_struct_ref_seq.align_id                      1 
_struct_ref_seq.ref_id                        1 
_struct_ref_seq.pdbx_PDB_id_code              4LMM 
_struct_ref_seq.pdbx_strand_id                A 
_struct_ref_seq.seq_align_beg                 3 
_struct_ref_seq.pdbx_seq_align_beg_ins_code   ? 
_struct_ref_seq.seq_align_end                 86 
_struct_ref_seq.pdbx_seq_align_end_ins_code   ? 
_struct_ref_seq.pdbx_db_accession             O14745 
_struct_ref_seq.db_align_beg                  11 
_struct_ref_seq.pdbx_db_align_beg_ins_code    ? 
_struct_ref_seq.db_align_end                  94 
_struct_ref_seq.pdbx_db_align_end_ins_code    ? 
_struct_ref_seq.pdbx_auth_seq_align_beg       11 
_struct_ref_seq.pdbx_auth_seq_align_end       94 
# 
loop_
_struct_ref_seq_dif.align_id 
_struct_ref_seq_dif.pdbx_pdb_id_code 
_struct_ref_seq_dif.mon_id 
_struct_ref_seq_dif.pdbx_pdb_strand_id 
_struct_ref_seq_dif.seq_num 
_struct_ref_seq_dif.pdbx_pdb_ins_code 
_struct_ref_seq_dif.pdbx_seq_db_name 
_struct_ref_seq_dif.pdbx_seq_db_accession_code 
_struct_ref_seq_dif.db_mon_id 
_struct_ref_seq_dif.pdbx_seq_db_seq_num 
_struct_ref_seq_dif.details 
_struct_ref_seq_dif.pdbx_auth_seq_num 
_struct_ref_seq_dif.pdbx_ordinal 
1 4LMM GLY A 1  ? UNP O14745 ? ? 'expression tag' 9  1 
1 4LMM MET A 2  ? UNP O14745 ? ? 'expression tag' 10 2 
1 4LMM THR A 87 ? UNP O14745 ? ? 'SEE REMARK 999' 95 3 
1 4LMM SER A 88 ? UNP O14745 ? ? 'SEE REMARK 999' 96 4 
1 4LMM THR A 89 ? UNP O14745 ? ? 'SEE REMARK 999' 97 5 
1 4LMM THR A 90 ? UNP O14745 ? ? 'SEE REMARK 999' 98 6 
1 4LMM LEU A 91 ? UNP O14745 ? ? 'SEE REMARK 999' 99 7 
# 
loop_
_chem_comp.id 
_chem_comp.type 
_chem_comp.mon_nstd_flag 
_chem_comp.name 
_chem_comp.pdbx_synonyms 
_chem_comp.formula 
_chem_comp.formula_weight 
ACY non-polymer         . 'ACETIC ACID'   ? 'C2 H4 O2'       60.052  
ALA 'L-peptide linking' y ALANINE         ? 'C3 H7 N O2'     89.093  
ARG 'L-peptide linking' y ARGININE        ? 'C6 H15 N4 O2 1' 175.209 
ASN 'L-peptide linking' y ASPARAGINE      ? 'C4 H8 N2 O3'    132.118 
ASP 'L-peptide linking' y 'ASPARTIC ACID' ? 'C4 H7 N O4'     133.103 
CL  non-polymer         . 'CHLORIDE ION'  ? 'Cl -1'          35.453  
CYS 'L-peptide linking' y CYSTEINE        ? 'C3 H7 N O2 S'   121.158 
GLN 'L-peptide linking' y GLUTAMINE       ? 'C5 H10 N2 O3'   146.144 
GLU 'L-peptide linking' y 'GLUTAMIC ACID' ? 'C5 H9 N O4'     147.129 
GLY 'peptide linking'   y GLYCINE         ? 'C2 H5 N O2'     75.067  
HIS 'L-peptide linking' y HISTIDINE       ? 'C6 H10 N3 O2 1' 156.162 
HOH non-polymer         . WATER           ? 'H2 O'           18.015  
ILE 'L-peptide linking' y ISOLEUCINE      ? 'C6 H13 N O2'    131.173 
LEU 'L-peptide linking' y LEUCINE         ? 'C6 H13 N O2'    131.173 
LYS 'L-peptide linking' y LYSINE          ? 'C6 H15 N2 O2 1' 147.195 
MET 'L-peptide linking' y METHIONINE      ? 'C5 H11 N O2 S'  149.211 
PHE 'L-peptide linking' y PHENYLALANINE   ? 'C9 H11 N O2'    165.189 
PRO 'L-peptide linking' y PROLINE         ? 'C5 H9 N O2'     115.130 
SER 'L-peptide linking' y SERINE          ? 'C3 H7 N O3'     105.093 
THR 'L-peptide linking' y THREONINE       ? 'C4 H9 N O3'     119.119 
TYR 'L-peptide linking' y TYROSINE        ? 'C9 H11 N O3'    181.189 
VAL 'L-peptide linking' y VALINE          ? 'C5 H11 N O2'    117.146 
# 
_exptl.entry_id          4LMM 
_exptl.method            'X-RAY DIFFRACTION' 
_exptl.crystals_number   1 
# 
_exptl_crystal.id                    1 
_exptl_crystal.density_meas          ? 
_exptl_crystal.density_Matthews      1.93 
_exptl_crystal.density_percent_sol   36.34 
_exptl_crystal.description           ? 
_exptl_crystal.F_000                 ? 
_exptl_crystal.preparation           ? 
# 
_exptl_crystal_grow.crystal_id      1 
_exptl_crystal_grow.method          'VAPOR DIFFUSION, HANGING DROP' 
_exptl_crystal_grow.temp            293 
_exptl_crystal_grow.temp_details    ? 
_exptl_crystal_grow.pH              4.8 
_exptl_crystal_grow.pdbx_details    
'100 mM sodium acetate, 0.2 M ammonium acetate, 24% PEG4000, pH 4.8, VAPOR DIFFUSION, HANGING DROP, temperature 293K' 
_exptl_crystal_grow.pdbx_pH_range   ? 
# 
_diffrn.id                     1 
_diffrn.ambient_temp           100 
_diffrn.ambient_temp_details   ? 
_diffrn.crystal_id             1 
# 
_diffrn_detector.diffrn_id              1 
_diffrn_detector.detector               CCD 
_diffrn_detector.type                   'MARMOSAIC 300 mm CCD' 
_diffrn_detector.pdbx_collection_date   2013-03-04 
_diffrn_detector.details                ? 
# 
_diffrn_radiation.diffrn_id                        1 
_diffrn_radiation.wavelength_id                    1 
_diffrn_radiation.pdbx_monochromatic_or_laue_m_l   M 
_diffrn_radiation.monochromator                    Kohzu 
_diffrn_radiation.pdbx_diffrn_protocol             'SINGLE WAVELENGTH' 
_diffrn_radiation.pdbx_scattering_type             x-ray 
# 
_diffrn_radiation_wavelength.id           1 
_diffrn_radiation_wavelength.wavelength   0.97856 
_diffrn_radiation_wavelength.wt           1.0 
# 
_diffrn_source.diffrn_id                   1 
_diffrn_source.source                      SYNCHROTRON 
_diffrn_source.type                        'APS BEAMLINE 21-ID-F' 
_diffrn_source.pdbx_synchrotron_site       APS 
_diffrn_source.pdbx_synchrotron_beamline   21-ID-F 
_diffrn_source.pdbx_wavelength             ? 
_diffrn_source.pdbx_wavelength_list        0.97856 
# 
_reflns.entry_id                     4LMM 
_reflns.observed_criterion_sigma_I   0 
_reflns.observed_criterion_sigma_F   0 
_reflns.d_resolution_low             45.5 
_reflns.d_resolution_high            1.10 
_reflns.number_obs                   30032 
_reflns.number_all                   30032 
_reflns.percent_possible_obs         100 
_reflns.pdbx_Rmerge_I_obs            0.024 
_reflns.pdbx_Rsym_value              ? 
_reflns.pdbx_netI_over_sigmaI        24.8 
_reflns.B_iso_Wilson_estimate        8.17 
_reflns.pdbx_redundancy              3.7 
_reflns.R_free_details               ? 
_reflns.limit_h_max                  ? 
_reflns.limit_h_min                  ? 
_reflns.limit_k_max                  ? 
_reflns.limit_k_min                  ? 
_reflns.limit_l_max                  ? 
_reflns.limit_l_min                  ? 
_reflns.observed_criterion_F_max     ? 
_reflns.observed_criterion_F_min     ? 
_reflns.pdbx_chi_squared             ? 
_reflns.pdbx_scaling_rejects         ? 
_reflns.pdbx_ordinal                 1 
_reflns.pdbx_diffrn_id               1 
# 
_reflns_shell.d_res_high             1.10 
_reflns_shell.d_res_low              1.16 
_reflns_shell.percent_possible_all   86.0 
_reflns_shell.Rmerge_I_obs           0.180 
_reflns_shell.pdbx_Rsym_value        ? 
_reflns_shell.meanI_over_sigI_obs    4.5 
_reflns_shell.pdbx_redundancy        2.4 
_reflns_shell.percent_possible_obs   ? 
_reflns_shell.number_unique_all      3845 
_reflns_shell.number_measured_all    ? 
_reflns_shell.number_measured_obs    ? 
_reflns_shell.number_unique_obs      ? 
_reflns_shell.pdbx_chi_squared       ? 
_reflns_shell.pdbx_ordinal           1 
_reflns_shell.pdbx_diffrn_id         1 
# 
_refine.entry_id                                 4LMM 
_refine.ls_number_reflns_obs                     29864 
_refine.ls_number_reflns_all                     30517 
_refine.pdbx_ls_sigma_I                          ? 
_refine.pdbx_ls_sigma_F                          0.0 
_refine.pdbx_data_cutoff_high_absF               ? 
_refine.pdbx_data_cutoff_low_absF                ? 
_refine.pdbx_data_cutoff_high_rms_absF           ? 
_refine.ls_d_res_low                             25.89 
_refine.ls_d_res_high                            1.10 
_refine.ls_percent_reflns_obs                    97.86 
_refine.ls_R_factor_obs                          0.1897 
_refine.ls_R_factor_all                          ? 
_refine.ls_R_factor_R_work                       0.1882 
_refine.ls_R_factor_R_free                       0.2169 
_refine.ls_R_factor_R_free_error                 ? 
_refine.ls_R_factor_R_free_error_details         ? 
_refine.ls_percent_reflns_R_free                 5.03 
_refine.ls_number_reflns_R_free                  1503 
_refine.ls_number_parameters                     ? 
_refine.ls_number_restraints                     ? 
_refine.occupancy_min                            ? 
_refine.occupancy_max                            ? 
_refine.correlation_coeff_Fo_to_Fc               0.9561 
_refine.correlation_coeff_Fo_to_Fc_free          0.9318 
_refine.B_iso_mean                               16.60 
_refine.aniso_B[1][1]                            0.0922 
_refine.aniso_B[2][2]                            -0.1969 
_refine.aniso_B[3][3]                            0.1047 
_refine.aniso_B[1][2]                            0.0000 
_refine.aniso_B[1][3]                            -1.2310 
_refine.aniso_B[2][3]                            0.0000 
_refine.solvent_model_details                    ? 
_refine.solvent_model_param_ksol                 ? 
_refine.solvent_model_param_bsol                 ? 
_refine.pdbx_solvent_vdw_probe_radii             ? 
_refine.pdbx_solvent_ion_probe_radii             ? 
_refine.pdbx_solvent_shrinkage_radii             ? 
_refine.pdbx_ls_cross_valid_method               THROUGHOUT 
_refine.details                                  ? 
_refine.pdbx_starting_model                      'PDB ENTRY 4JL7' 
_refine.pdbx_method_to_determine_struct          'MOLECULAR REPLACEMENT' 
_refine.pdbx_isotropic_thermal_model             ? 
_refine.pdbx_stereochemistry_target_values       'Engh & Huber' 
_refine.pdbx_stereochem_target_val_spec_case     ? 
_refine.pdbx_R_Free_selection_details            RANDOM 
_refine.pdbx_overall_ESU_R                       ? 
_refine.pdbx_overall_ESU_R_Free                  ? 
_refine.overall_SU_ML                            ? 
_refine.pdbx_overall_phase_error                 ? 
_refine.overall_SU_B                             ? 
_refine.overall_SU_R_Cruickshank_DPI             0.037 
_refine.ls_redundancy_reflns_obs                 ? 
_refine.B_iso_min                                ? 
_refine.B_iso_max                                ? 
_refine.overall_SU_R_free                        ? 
_refine.ls_wR_factor_R_free                      ? 
_refine.ls_wR_factor_R_work                      ? 
_refine.overall_FOM_free_R_set                   ? 
_refine.overall_FOM_work_R_set                   ? 
_refine.pdbx_diffrn_id                           1 
_refine.pdbx_refine_id                           'X-RAY DIFFRACTION' 
_refine.pdbx_TLS_residual_ADP_flag               ? 
_refine.pdbx_overall_SU_R_free_Cruickshank_DPI   ? 
_refine.pdbx_overall_SU_R_Blow_DPI               ? 
_refine.pdbx_overall_SU_R_free_Blow_DPI          ? 
# 
_refine_analyze.entry_id                        4LMM 
_refine_analyze.Luzzati_coordinate_error_obs    0.145 
_refine_analyze.Luzzati_sigma_a_obs             ? 
_refine_analyze.Luzzati_d_res_low_obs           ? 
_refine_analyze.Luzzati_coordinate_error_free   ? 
_refine_analyze.Luzzati_sigma_a_free            ? 
_refine_analyze.Luzzati_d_res_low_free          ? 
_refine_analyze.number_disordered_residues      ? 
_refine_analyze.occupancy_sum_hydrogen          ? 
_refine_analyze.occupancy_sum_non_hydrogen      ? 
_refine_analyze.pdbx_Luzzati_d_res_high_obs     ? 
_refine_analyze.pdbx_refine_id                  'X-RAY DIFFRACTION' 
# 
_refine_hist.pdbx_refine_id                   'X-RAY DIFFRACTION' 
_refine_hist.cycle_id                         LAST 
_refine_hist.pdbx_number_atoms_protein        691 
_refine_hist.pdbx_number_atoms_nucleic_acid   0 
_refine_hist.pdbx_number_atoms_ligand         5 
_refine_hist.number_atoms_solvent             129 
_refine_hist.number_atoms_total               825 
_refine_hist.d_res_high                       1.10 
_refine_hist.d_res_low                        25.89 
# 
loop_
_refine_ls_restr.type 
_refine_ls_restr.dev_ideal 
_refine_ls_restr.dev_ideal_target 
_refine_ls_restr.weight 
_refine_ls_restr.number 
_refine_ls_restr.pdbx_restraint_function 
_refine_ls_restr.pdbx_refine_id 
t_bond_d                  0.010 ? 2.00  737  HARMONIC     'X-RAY DIFFRACTION' 
t_angle_deg               1.16  ? 2.00  1005 HARMONIC     'X-RAY DIFFRACTION' 
t_dihedral_angle_d        ?     ? 2.00  274  SINUSOIDAL   'X-RAY DIFFRACTION' 
t_trig_c_planes           ?     ? 2.00  20   HARMONIC     'X-RAY DIFFRACTION' 
t_gen_planes              ?     ? 5.00  115  HARMONIC     'X-RAY DIFFRACTION' 
t_it                      ?     ? 20.00 737  HARMONIC     'X-RAY DIFFRACTION' 
t_omega_torsion           4.07  ? ?     ?    ?            'X-RAY DIFFRACTION' 
t_other_torsion           16.31 ? ?     ?    ?            'X-RAY DIFFRACTION' 
t_chiral_improper_torsion ?     ? 5.00  92   SEMIHARMONIC 'X-RAY DIFFRACTION' 
t_ideal_dist_contact      ?     ? 4.00  918  SEMIHARMONIC 'X-RAY DIFFRACTION' 
# 
_refine_ls_shell.pdbx_total_number_of_bins_used   15 
_refine_ls_shell.d_res_high                       1.10 
_refine_ls_shell.d_res_low                        1.14 
_refine_ls_shell.number_reflns_R_work             2318 
_refine_ls_shell.R_factor_R_work                  0.2071 
_refine_ls_shell.percent_reflns_obs               97.86 
_refine_ls_shell.R_factor_R_free                  0.2056 
_refine_ls_shell.R_factor_R_free_error            ? 
_refine_ls_shell.percent_reflns_R_free            4.77 
_refine_ls_shell.number_reflns_R_free             116 
_refine_ls_shell.number_reflns_all                2434 
_refine_ls_shell.R_factor_all                     0.2070 
_refine_ls_shell.number_reflns_obs                ? 
_refine_ls_shell.redundancy_reflns_obs            ? 
_refine_ls_shell.pdbx_refine_id                   'X-RAY DIFFRACTION' 
# 
_struct.entry_id                  4LMM 
_struct.title                     
'Crystal structure of NHERF1 PDZ1 domain complexed with the CXCR2 C-terminal tail in P21 space group' 
_struct.pdbx_model_details        ? 
_struct.pdbx_CASP_flag            ? 
_struct.pdbx_model_type_details   ? 
# 
_struct_keywords.entry_id        4LMM 
_struct_keywords.pdbx_keywords   'PROTEIN BINDING' 
_struct_keywords.text            'CXCR2, NHERF1, Neutrophil, Inflammatory diseases, PROTEIN BINDING' 
# 
loop_
_struct_asym.id 
_struct_asym.pdbx_blank_PDB_chainid_flag 
_struct_asym.pdbx_modified 
_struct_asym.entity_id 
_struct_asym.details 
A N N 1 ? 
B N N 2 ? 
C N N 3 ? 
D N N 4 ? 
# 
_struct_biol.id        1 
_struct_biol.details   ? 
# 
loop_
_struct_conf.conf_type_id 
_struct_conf.id 
_struct_conf.pdbx_PDB_helix_id 
_struct_conf.beg_label_comp_id 
_struct_conf.beg_label_asym_id 
_struct_conf.beg_label_seq_id 
_struct_conf.pdbx_beg_PDB_ins_code 
_struct_conf.end_label_comp_id 
_struct_conf.end_label_asym_id 
_struct_conf.end_label_seq_id 
_struct_conf.pdbx_end_PDB_ins_code 
_struct_conf.beg_auth_comp_id 
_struct_conf.beg_auth_asym_id 
_struct_conf.beg_auth_seq_id 
_struct_conf.end_auth_comp_id 
_struct_conf.end_auth_asym_id 
_struct_conf.end_auth_seq_id 
_struct_conf.pdbx_PDB_helix_class 
_struct_conf.details 
_struct_conf.pdbx_PDB_helix_length 
HELX_P HELX_P1 1 SER A 38 ? ALA A 43 ? SER A 46 ALA A 51 1 ? 6  
HELX_P HELX_P2 2 THR A 63 ? ALA A 74 ? THR A 71 ALA A 82 1 ? 12 
# 
_struct_conf_type.id          HELX_P 
_struct_conf_type.criteria    ? 
_struct_conf_type.reference   ? 
# 
loop_
_struct_sheet.id 
_struct_sheet.type 
_struct_sheet.number_strands 
_struct_sheet.details 
A ? 4 ? 
B ? 2 ? 
# 
loop_
_struct_sheet_order.sheet_id 
_struct_sheet_order.range_id_1 
_struct_sheet_order.range_id_2 
_struct_sheet_order.offset 
_struct_sheet_order.sense 
A 1 2 ? anti-parallel 
A 2 3 ? anti-parallel 
A 3 4 ? anti-parallel 
B 1 2 ? anti-parallel 
# 
loop_
_struct_sheet_range.sheet_id 
_struct_sheet_range.id 
_struct_sheet_range.beg_label_comp_id 
_struct_sheet_range.beg_label_asym_id 
_struct_sheet_range.beg_label_seq_id 
_struct_sheet_range.pdbx_beg_PDB_ins_code 
_struct_sheet_range.end_label_comp_id 
_struct_sheet_range.end_label_asym_id 
_struct_sheet_range.end_label_seq_id 
_struct_sheet_range.pdbx_end_PDB_ins_code 
_struct_sheet_range.beg_auth_comp_id 
_struct_sheet_range.beg_auth_asym_id 
_struct_sheet_range.beg_auth_seq_id 
_struct_sheet_range.end_auth_comp_id 
_struct_sheet_range.end_auth_asym_id 
_struct_sheet_range.end_auth_seq_id 
A 1 ARG A 5  ? GLU A 10 ? ARG A 13 GLU A 18 
A 2 ALA A 77 ? VAL A 83 ? ALA A 85 VAL A 91 
A 3 ARG A 50 ? VAL A 54 ? ARG A 58 VAL A 62 
A 4 GLU A 57 ? ASN A 58 ? GLU A 65 ASN A 66 
B 1 HIS A 19 ? GLY A 22 ? HIS A 27 GLY A 30 
B 2 GLN A 29 ? ARG A 32 ? GLN A 37 ARG A 40 
# 
loop_
_pdbx_struct_sheet_hbond.sheet_id 
_pdbx_struct_sheet_hbond.range_id_1 
_pdbx_struct_sheet_hbond.range_id_2 
_pdbx_struct_sheet_hbond.range_1_label_atom_id 
_pdbx_struct_sheet_hbond.range_1_label_comp_id 
_pdbx_struct_sheet_hbond.range_1_label_asym_id 
_pdbx_struct_sheet_hbond.range_1_label_seq_id 
_pdbx_struct_sheet_hbond.range_1_PDB_ins_code 
_pdbx_struct_sheet_hbond.range_1_auth_atom_id 
_pdbx_struct_sheet_hbond.range_1_auth_comp_id 
_pdbx_struct_sheet_hbond.range_1_auth_asym_id 
_pdbx_struct_sheet_hbond.range_1_auth_seq_id 
_pdbx_struct_sheet_hbond.range_2_label_atom_id 
_pdbx_struct_sheet_hbond.range_2_label_comp_id 
_pdbx_struct_sheet_hbond.range_2_label_asym_id 
_pdbx_struct_sheet_hbond.range_2_label_seq_id 
_pdbx_struct_sheet_hbond.range_2_PDB_ins_code 
_pdbx_struct_sheet_hbond.range_2_auth_atom_id 
_pdbx_struct_sheet_hbond.range_2_auth_comp_id 
_pdbx_struct_sheet_hbond.range_2_auth_asym_id 
_pdbx_struct_sheet_hbond.range_2_auth_seq_id 
A 1 2 N CYS A 7  ? N CYS A 15 O LEU A 80 ? O LEU A 88 
A 2 3 O LEU A 81 ? O LEU A 89 N VAL A 52 ? N VAL A 60 
A 3 4 N VAL A 54 ? N VAL A 62 O GLU A 57 ? O GLU A 65 
B 1 2 N HIS A 21 ? N HIS A 29 O TYR A 30 ? O TYR A 38 
# 
loop_
_struct_site.id 
_struct_site.pdbx_evidence_code 
_struct_site.pdbx_auth_asym_id 
_struct_site.pdbx_auth_comp_id 
_struct_site.pdbx_auth_seq_id 
_struct_site.pdbx_auth_ins_code 
_struct_site.pdbx_num_residues 
_struct_site.details 
AC1 Software A ACY 101 ? 5 'BINDING SITE FOR RESIDUE ACY A 101' 
AC2 Software A CL  102 ? 6 'BINDING SITE FOR RESIDUE CL A 102'  
# 
loop_
_struct_site_gen.id 
_struct_site_gen.site_id 
_struct_site_gen.pdbx_num_res 
_struct_site_gen.label_comp_id 
_struct_site_gen.label_asym_id 
_struct_site_gen.label_seq_id 
_struct_site_gen.pdbx_auth_ins_code 
_struct_site_gen.auth_comp_id 
_struct_site_gen.auth_asym_id 
_struct_site_gen.auth_seq_id 
_struct_site_gen.label_atom_id 
_struct_site_gen.label_alt_id 
_struct_site_gen.symmetry 
_struct_site_gen.details 
1  AC1 5 GLY A 12 ? GLY A 20  . ? 1_555 ? 
2  AC1 5 PRO A 13 ? PRO A 21  . ? 1_555 ? 
3  AC1 5 ARG A 50 ? ARG A 58  . ? 1_554 ? 
4  AC1 5 LYS A 61 ? LYS A 69  . ? 1_554 ? 
5  AC1 5 HOH D .  ? HOH A 234 . ? 1_554 ? 
6  AC2 6 GLY A 48 ? GLY A 56  . ? 1_555 ? 
7  AC2 6 ARG A 50 ? ARG A 58  . ? 1_555 ? 
8  AC2 6 VAL A 83 ? VAL A 91  . ? 1_555 ? 
9  AC2 6 ASP A 84 ? ASP A 92  . ? 1_555 ? 
10 AC2 6 PRO A 85 ? PRO A 93  . ? 1_555 ? 
11 AC2 6 HOH D .  ? HOH A 277 . ? 1_555 ? 
# 
_atom_sites.entry_id                    4LMM 
_atom_sites.fract_transf_matrix[1][1]   -0.03249112 
_atom_sites.fract_transf_matrix[1][2]   -0.01758734 
_atom_sites.fract_transf_matrix[1][3]   -0.01518447 
_atom_sites.fract_transf_matrix[2][1]   -0.00900140 
_atom_sites.fract_transf_matrix[2][2]   -0.00066804 
_atom_sites.fract_transf_matrix[2][3]   0.02003460 
_atom_sites.fract_transf_matrix[3][1]   -0.02106106 
_atom_sites.fract_transf_matrix[3][2]   0.02211333 
_atom_sites.fract_transf_matrix[3][3]   -0.00872523 
_atom_sites.fract_transf_vector[1]      -0.785839 
_atom_sites.fract_transf_vector[2]      -0.351351 
_atom_sites.fract_transf_vector[3]      -0.755671 
# 
loop_
_atom_type.symbol 
C  
CL 
N  
O  
S  
# 
loop_
_atom_site.group_PDB 
_atom_site.id 
_atom_site.type_symbol 
_atom_site.label_atom_id 
_atom_site.label_alt_id 
_atom_site.label_comp_id 
_atom_site.label_asym_id 
_atom_site.label_entity_id 
_atom_site.label_seq_id 
_atom_site.pdbx_PDB_ins_code 
_atom_site.Cartn_x 
_atom_site.Cartn_y 
_atom_site.Cartn_z 
_atom_site.occupancy 
_atom_site.B_iso_or_equiv 
_atom_site.pdbx_formal_charge 
_atom_site.auth_seq_id 
_atom_site.auth_comp_id 
_atom_site.auth_asym_id 
_atom_site.auth_atom_id 
_atom_site.pdbx_PDB_model_num 
ATOM   1   N  N   . GLY A 1 1  ? -3.076  17.575  5.635   1.00 24.65  ? 9   GLY A N   1 
ATOM   2   C  CA  . GLY A 1 1  ? -3.338  16.171  5.340   1.00 23.40  ? 9   GLY A CA  1 
ATOM   3   C  C   . GLY A 1 1  ? -2.990  15.245  6.487   1.00 25.13  ? 9   GLY A C   1 
ATOM   4   O  O   . GLY A 1 1  ? -2.182  15.601  7.350   1.00 25.77  ? 9   GLY A O   1 
ATOM   5   N  N   . MET A 1 2  ? -3.596  14.048  6.512   1.00 19.55  ? 10  MET A N   1 
ATOM   6   C  CA  . MET A 1 2  ? -3.326  13.072  7.564   1.00 17.00  ? 10  MET A CA  1 
ATOM   7   C  C   . MET A 1 2  ? -1.881  12.612  7.478   1.00 16.17  ? 10  MET A C   1 
ATOM   8   O  O   . MET A 1 2  ? -1.395  12.278  6.393   1.00 15.62  ? 10  MET A O   1 
ATOM   9   C  CB  . MET A 1 2  ? -4.261  11.850  7.473   1.00 19.06  ? 10  MET A CB  1 
ATOM   10  C  CG  . MET A 1 2  ? -4.264  10.998  8.744   1.00 22.41  ? 10  MET A CG  1 
ATOM   11  S  SD  . MET A 1 2  ? -5.006  9.371   8.494   1.00 25.06  ? 10  MET A SD  1 
ATOM   12  C  CE  . MET A 1 2  ? -6.716  9.791   8.549   1.00 21.69  ? 10  MET A CE  1 
ATOM   13  N  N   . LEU A 1 3  ? -1.198  12.588  8.621   1.00 12.78  ? 11  LEU A N   1 
ATOM   14  C  CA  . LEU A 1 3  ? 0.184   12.158  8.701   1.00 11.47  ? 11  LEU A CA  1 
ATOM   15  C  C   . LEU A 1 3  ? 0.335   10.800  7.998   1.00 10.60  ? 11  LEU A C   1 
ATOM   16  O  O   . LEU A 1 3  ? -0.270  9.825   8.440   1.00 10.73  ? 11  LEU A O   1 
ATOM   17  C  CB  . LEU A 1 3  ? 0.584   12.042  10.178  1.00 12.64  ? 11  LEU A CB  1 
ATOM   18  C  CG  . LEU A 1 3  ? 2.025   11.690  10.494  1.00 17.07  ? 11  LEU A CG  1 
ATOM   19  C  CD1 . LEU A 1 3  ? 2.999   12.788  10.039  1.00 20.10  ? 11  LEU A CD1 1 
ATOM   20  C  CD2 . LEU A 1 3  ? 2.194   11.422  11.978  1.00 17.96  ? 11  LEU A CD2 1 
ATOM   21  N  N   . PRO A 1 4  ? 1.175   10.690  6.939   1.00 10.13  ? 12  PRO A N   1 
ATOM   22  C  CA  . PRO A 1 4  ? 1.421   9.371   6.341   1.00 9.42   ? 12  PRO A CA  1 
ATOM   23  C  C   . PRO A 1 4  ? 2.159   8.490   7.339   1.00 8.33   ? 12  PRO A C   1 
ATOM   24  O  O   . PRO A 1 4  ? 2.855   8.979   8.254   1.00 9.61   ? 12  PRO A O   1 
ATOM   25  C  CB  . PRO A 1 4  ? 2.222   9.677   5.082   1.00 12.89  ? 12  PRO A CB  1 
ATOM   26  C  CG  . PRO A 1 4  ? 2.753   11.001  5.254   1.00 17.80  ? 12  PRO A CG  1 
ATOM   27  C  CD  . PRO A 1 4  ? 1.992   11.737  6.307   1.00 12.89  ? 12  PRO A CD  1 
ATOM   28  N  N   . ARG A 1 5  ? 2.055   7.184   7.123   1.00 8.06   ? 13  ARG A N   1 
ATOM   29  C  CA  . ARG A 1 5  ? 2.573   6.196   8.032   1.00 8.41   ? 13  ARG A CA  1 
ATOM   30  C  C   . ARG A 1 5  ? 3.435   5.169   7.254   1.00 8.30   ? 13  ARG A C   1 
ATOM   31  O  O   . ARG A 1 5  ? 3.036   4.707   6.162   1.00 7.74   ? 13  ARG A O   1 
ATOM   32  C  CB  . ARG A 1 5  ? 1.351   5.556   8.705   1.00 11.11  ? 13  ARG A CB  1 
ATOM   33  C  CG  . ARG A 1 5  ? 1.683   4.567   9.804   1.00 11.47  ? 13  ARG A CG  1 
ATOM   34  C  CD  . ARG A 1 5  ? 0.455   4.152   10.605  1.00 10.03  ? 13  ARG A CD  1 
ATOM   35  N  NE  . ARG A 1 5  ? -0.535  3.451   9.771   1.00 8.98   ? 13  ARG A NE  1 
ATOM   36  C  CZ  . ARG A 1 5  ? -0.559  2.138   9.553   1.00 10.66  ? 13  ARG A CZ  1 
ATOM   37  N  NH1 . ARG A 1 5  ? 0.305   1.335   10.170  1.00 14.91  ? 13  ARG A NH1 1 
ATOM   38  N  NH2 . ARG A 1 5  ? -1.485  1.609   8.759   1.00 11.36  ? 13  ARG A NH2 1 
ATOM   39  N  N   . LEU A 1 6  ? 4.611   4.828   7.808   1.00 8.43   ? 14  LEU A N   1 
ATOM   40  C  CA  A LEU A 1 6  ? 5.536   3.882   7.189   0.50 9.04   ? 14  LEU A CA  1 
ATOM   41  C  CA  B LEU A 1 6  ? 5.515   3.878   7.189   0.50 8.94   ? 14  LEU A CA  1 
ATOM   42  C  C   . LEU A 1 6  ? 5.235   2.449   7.612   1.00 10.28  ? 14  LEU A C   1 
ATOM   43  O  O   . LEU A 1 6  ? 5.152   2.162   8.811   1.00 11.82  ? 14  LEU A O   1 
ATOM   44  C  CB  A LEU A 1 6  ? 6.995   4.239   7.565   0.50 10.09  ? 14  LEU A CB  1 
ATOM   45  C  CB  B LEU A 1 6  ? 6.956   4.237   7.557   0.50 9.99   ? 14  LEU A CB  1 
ATOM   46  C  CG  A LEU A 1 6  ? 7.654   5.410   6.818   0.50 15.12  ? 14  LEU A CG  1 
ATOM   47  C  CG  B LEU A 1 6  ? 8.008   3.490   6.772   0.50 15.24  ? 14  LEU A CG  1 
ATOM   48  C  CD1 A LEU A 1 6  ? 8.923   5.855   7.496   0.50 16.86  ? 14  LEU A CD1 1 
ATOM   49  C  CD1 B LEU A 1 6  ? 7.936   3.874   5.305   0.50 16.33  ? 14  LEU A CD1 1 
ATOM   50  C  CD2 A LEU A 1 6  ? 8.008   5.025   5.402   0.50 18.48  ? 14  LEU A CD2 1 
ATOM   51  C  CD2 B LEU A 1 6  ? 9.372   3.741   7.355   0.50 14.33  ? 14  LEU A CD2 1 
ATOM   52  N  N   . CYS A 1 7  ? 5.110   1.539   6.632   1.00 10.02  ? 15  CYS A N   1 
ATOM   53  C  CA  . CYS A 1 7  ? 4.908   0.104   6.861   1.00 9.74   ? 15  CYS A CA  1 
ATOM   54  C  C   . CYS A 1 7  ? 6.055   -0.614  6.170   1.00 11.20  ? 15  CYS A C   1 
ATOM   55  O  O   . CYS A 1 7  ? 6.295   -0.395  4.972   1.00 12.39  ? 15  CYS A O   1 
ATOM   56  C  CB  . CYS A 1 7  ? 3.562   -0.354  6.316   1.00 9.28   ? 15  CYS A CB  1 
ATOM   57  S  SG  . CYS A 1 7  ? 2.149   0.387   7.150   1.00 11.70  ? 15  CYS A SG  1 
ATOM   58  N  N   . CYS A 1 8  ? 6.788   -1.463  6.910   1.00 10.71  ? 16  CYS A N   1 
ATOM   59  C  CA  . CYS A 1 8  ? 7.957   -2.132  6.366   1.00 11.61  ? 16  CYS A CA  1 
ATOM   60  C  C   . CYS A 1 8  ? 7.670   -3.623  6.308   1.00 12.68  ? 16  CYS A C   1 
ATOM   61  O  O   . CYS A 1 8  ? 7.523   -4.261  7.349   1.00 14.09  ? 16  CYS A O   1 
ATOM   62  C  CB  . CYS A 1 8  ? 9.194   -1.803  7.207   1.00 14.08  ? 16  CYS A CB  1 
ATOM   63  S  SG  . CYS A 1 8  ? 9.516   -0.023  7.386   1.00 19.33  ? 16  CYS A SG  1 
ATOM   64  N  N   . LEU A 1 9  ? 7.476   -4.151  5.090   1.00 10.27  ? 17  LEU A N   1 
ATOM   65  C  CA  . LEU A 1 9  ? 7.076   -5.541  4.864   1.00 10.75  ? 17  LEU A CA  1 
ATOM   66  C  C   . LEU A 1 9  ? 8.254   -6.426  4.542   1.00 13.52  ? 17  LEU A C   1 
ATOM   67  O  O   . LEU A 1 9  ? 9.118   -6.022  3.777   1.00 15.42  ? 17  LEU A O   1 
ATOM   68  C  CB  . LEU A 1 9  ? 6.055   -5.632  3.708   1.00 9.82   ? 17  LEU A CB  1 
ATOM   69  C  CG  . LEU A 1 9  ? 4.647   -5.095  3.941   1.00 9.82   ? 17  LEU A CG  1 
ATOM   70  C  CD1 . LEU A 1 9  ? 4.614   -3.555  4.022   1.00 10.01  ? 17  LEU A CD1 1 
ATOM   71  C  CD2 . LEU A 1 9  ? 3.734   -5.530  2.820   1.00 10.71  ? 17  LEU A CD2 1 
ATOM   72  N  N   . GLU A 1 10 ? 8.255   -7.656  5.085   1.00 12.75  ? 18  GLU A N   1 
ATOM   73  C  CA  . GLU A 1 10 ? 9.255   -8.675  4.774   1.00 13.47  ? 18  GLU A CA  1 
ATOM   74  C  C   . GLU A 1 10 ? 8.568   -9.720  3.894   1.00 15.12  ? 18  GLU A C   1 
ATOM   75  O  O   . GLU A 1 10 ? 7.578   -10.317 4.313   1.00 14.84  ? 18  GLU A O   1 
ATOM   76  C  CB  . GLU A 1 10 ? 9.828   -9.320  6.048   1.00 16.07  ? 18  GLU A CB  1 
ATOM   77  C  CG  . GLU A 1 10 ? 11.085  -8.634  6.542   1.00 32.79  ? 18  GLU A CG  1 
ATOM   78  C  CD  . GLU A 1 10 ? 12.367  -9.294  6.072   1.00 57.24  ? 18  GLU A CD  1 
ATOM   79  O  OE1 . GLU A 1 10 ? 12.798  -9.013  4.930   1.00 48.06  ? 18  GLU A OE1 1 
ATOM   80  O  OE2 . GLU A 1 10 ? 12.933  -10.104 6.841   1.00 52.66  ? 18  GLU A OE2 1 
ATOM   81  N  N   . LYS A 1 11 ? 9.088   -9.911  2.691   1.00 12.93  ? 19  LYS A N   1 
ATOM   82  C  CA  . LYS A 1 11 ? 8.513   -10.836 1.706   1.00 13.46  ? 19  LYS A CA  1 
ATOM   83  C  C   . LYS A 1 11 ? 8.499   -12.277 2.222   1.00 14.96  ? 19  LYS A C   1 
ATOM   84  O  O   . LYS A 1 11 ? 9.539   -12.775 2.676   1.00 15.76  ? 19  LYS A O   1 
ATOM   85  C  CB  . LYS A 1 11 ? 9.230   -10.716 0.343   1.00 15.63  ? 19  LYS A CB  1 
ATOM   86  C  CG  . LYS A 1 11 ? 8.417   -11.248 -0.843  1.00 17.81  ? 19  LYS A CG  1 
ATOM   87  C  CD  . LYS A 1 11 ? 9.202   -11.146 -2.154  1.00 20.07  ? 19  LYS A CD  1 
ATOM   88  C  CE  . LYS A 1 11 ? 8.461   -11.761 -3.318  1.00 26.76  ? 19  LYS A CE  1 
ATOM   89  N  NZ  . LYS A 1 11 ? 9.207   -11.594 -4.595  1.00 34.23  ? 19  LYS A NZ  1 
ATOM   90  N  N   . GLY A 1 12 ? 7.327   -12.899 2.193   1.00 13.15  ? 20  GLY A N   1 
ATOM   91  C  CA  . GLY A 1 12 ? 7.155   -14.287 2.602   1.00 14.29  ? 20  GLY A CA  1 
ATOM   92  C  C   . GLY A 1 12 ? 7.120   -15.228 1.411   1.00 17.28  ? 20  GLY A C   1 
ATOM   93  O  O   . GLY A 1 12 ? 7.312   -14.793 0.263   1.00 17.09  ? 20  GLY A O   1 
ATOM   94  N  N   . PRO A 1 13 ? 6.873   -16.543 1.659   1.00 16.32  ? 21  PRO A N   1 
ATOM   95  C  CA  . PRO A 1 13 ? 6.859   -17.534 0.559   1.00 16.90  ? 21  PRO A CA  1 
ATOM   96  C  C   . PRO A 1 13 ? 5.825   -17.303 -0.533  1.00 22.12  ? 21  PRO A C   1 
ATOM   97  O  O   . PRO A 1 13 ? 6.020   -17.751 -1.669  1.00 21.12  ? 21  PRO A O   1 
ATOM   98  C  CB  . PRO A 1 13 ? 6.610   -18.859 1.286   1.00 19.59  ? 21  PRO A CB  1 
ATOM   99  C  CG  . PRO A 1 13 ? 7.078   -18.617 2.680   1.00 22.03  ? 21  PRO A CG  1 
ATOM   100 C  CD  . PRO A 1 13 ? 6.665   -17.202 2.964   1.00 17.59  ? 21  PRO A CD  1 
ATOM   101 N  N   . ASN A 1 14 ? 4.717   -16.645 -0.187  1.00 19.75  ? 22  ASN A N   1 
ATOM   102 C  CA  . ASN A 1 14 ? 3.669   -16.362 -1.155  1.00 19.22  ? 22  ASN A CA  1 
ATOM   103 C  C   . ASN A 1 14 ? 3.523   -14.846 -1.342  1.00 21.44  ? 22  ASN A C   1 
ATOM   104 O  O   . ASN A 1 14 ? 2.407   -14.348 -1.542  1.00 24.14  ? 22  ASN A O   1 
ATOM   105 C  CB  . ASN A 1 14 ? 2.365   -17.044 -0.752  1.00 22.47  ? 22  ASN A CB  1 
ATOM   106 C  CG  . ASN A 1 14 ? 2.480   -18.554 -0.758  1.00 43.61  ? 22  ASN A CG  1 
ATOM   107 O  OD1 . ASN A 1 14 ? 2.508   -19.195 -1.814  1.00 33.98  ? 22  ASN A OD1 1 
ATOM   108 N  ND2 . ASN A 1 14 ? 2.601   -19.151 0.422   1.00 36.27  ? 22  ASN A ND2 1 
ATOM   109 N  N   . GLY A 1 15 ? 4.653   -14.137 -1.308  1.00 14.95  ? 23  GLY A N   1 
ATOM   110 C  CA  . GLY A 1 15 ? 4.635   -12.691 -1.481  1.00 12.93  ? 23  GLY A CA  1 
ATOM   111 C  C   . GLY A 1 15 ? 4.299   -11.935 -0.215  1.00 12.19  ? 23  GLY A C   1 
ATOM   112 O  O   . GLY A 1 15 ? 4.720   -12.322 0.887   1.00 13.85  ? 23  GLY A O   1 
ATOM   113 N  N   . TYR A 1 16 ? 3.523   -10.856 -0.355  1.00 8.70   ? 24  TYR A N   1 
ATOM   114 C  CA  . TYR A 1 16 ? 3.184   -9.974  0.762   1.00 8.43   ? 24  TYR A CA  1 
ATOM   115 C  C   . TYR A 1 16 ? 1.805   -10.168 1.357   1.00 9.04   ? 24  TYR A C   1 
ATOM   116 O  O   . TYR A 1 16 ? 1.603   -9.893  2.546   1.00 10.19  ? 24  TYR A O   1 
ATOM   117 C  CB  . TYR A 1 16 ? 3.392   -8.511  0.341   1.00 8.82   ? 24  TYR A CB  1 
ATOM   118 C  CG  . TYR A 1 16 ? 4.824   -8.203  -0.021  1.00 9.00   ? 24  TYR A CG  1 
ATOM   119 C  CD1 . TYR A 1 16 ? 5.804   -8.105  0.960   1.00 9.58   ? 24  TYR A CD1 1 
ATOM   120 C  CD2 . TYR A 1 16 ? 5.192   -7.938  -1.332  1.00 9.37   ? 24  TYR A CD2 1 
ATOM   121 C  CE1 . TYR A 1 16 ? 7.119   -7.777  0.642   1.00 10.36  ? 24  TYR A CE1 1 
ATOM   122 C  CE2 . TYR A 1 16 ? 6.510   -7.623  -1.664  1.00 10.71  ? 24  TYR A CE2 1 
ATOM   123 C  CZ  . TYR A 1 16 ? 7.470   -7.552  -0.670  1.00 9.43   ? 24  TYR A CZ  1 
ATOM   124 O  OH  . TYR A 1 16 ? 8.768   -7.238  -0.994  1.00 12.20  ? 24  TYR A OH  1 
ATOM   125 N  N   . GLY A 1 17 ? 0.853   -10.611 0.533   1.00 7.79   ? 25  GLY A N   1 
ATOM   126 C  CA  . GLY A 1 17 ? -0.490  -10.876 0.985   1.00 8.28   ? 25  GLY A CA  1 
ATOM   127 C  C   . GLY A 1 17 ? -1.446  -9.690  0.983   1.00 7.23   ? 25  GLY A C   1 
ATOM   128 O  O   . GLY A 1 17 ? -2.235  -9.518  1.906   1.00 7.74   ? 25  GLY A O   1 
ATOM   129 N  N   . PHE A 1 18 ? -1.448  -8.879  -0.101  1.00 5.91   ? 26  PHE A N   1 
ATOM   130 C  CA  . PHE A 1 18 ? -2.413  -7.803  -0.244  1.00 5.37   ? 26  PHE A CA  1 
ATOM   131 C  C   . PHE A 1 18 ? -2.721  -7.590  -1.722  1.00 5.47   ? 26  PHE A C   1 
ATOM   132 O  O   . PHE A 1 18 ? -1.941  -7.995  -2.575  1.00 6.26   ? 26  PHE A O   1 
ATOM   133 C  CB  . PHE A 1 18 ? -1.942  -6.521  0.428   1.00 5.78   ? 26  PHE A CB  1 
ATOM   134 C  CG  . PHE A 1 18 ? -0.773  -5.842  -0.244  1.00 5.34   ? 26  PHE A CG  1 
ATOM   135 C  CD1 . PHE A 1 18 ? 0.541   -6.211  0.051   1.00 6.60   ? 26  PHE A CD1 1 
ATOM   136 C  CD2 . PHE A 1 18 ? -0.980  -4.801  -1.145  1.00 5.21   ? 26  PHE A CD2 1 
ATOM   137 C  CE1 . PHE A 1 18 ? 1.614   -5.562  -0.569  1.00 6.26   ? 26  PHE A CE1 1 
ATOM   138 C  CE2 . PHE A 1 18 ? 0.107   -4.167  -1.764  1.00 6.58   ? 26  PHE A CE2 1 
ATOM   139 C  CZ  . PHE A 1 18 ? 1.389   -4.534  -1.452  1.00 6.49   ? 26  PHE A CZ  1 
ATOM   140 N  N   . HIS A 1 19 ? -3.844  -6.942  -1.966  1.00 4.73   ? 27  HIS A N   1 
ATOM   141 C  CA  . HIS A 1 19 ? -4.181  -6.464  -3.293  1.00 5.23   ? 27  HIS A CA  1 
ATOM   142 C  C   . HIS A 1 19 ? -3.851  -4.977  -3.406  1.00 5.33   ? 27  HIS A C   1 
ATOM   143 O  O   . HIS A 1 19 ? -4.085  -4.189  -2.479  1.00 5.46   ? 27  HIS A O   1 
ATOM   144 C  CB  . HIS A 1 19 ? -5.690  -6.609  -3.548  1.00 5.89   ? 27  HIS A CB  1 
ATOM   145 C  CG  . HIS A 1 19 ? -6.133  -7.938  -4.066  1.00 6.00   ? 27  HIS A CG  1 
ATOM   146 N  ND1 . HIS A 1 19 ? -5.971  -9.104  -3.354  1.00 6.72   ? 27  HIS A ND1 1 
ATOM   147 C  CD2 . HIS A 1 19 ? -6.851  -8.223  -5.173  1.00 7.37   ? 27  HIS A CD2 1 
ATOM   148 C  CE1 . HIS A 1 19 ? -6.549  -10.063 -4.075  1.00 7.72   ? 27  HIS A CE1 1 
ATOM   149 N  NE2 . HIS A 1 19 ? -7.083  -9.573  -5.174  1.00 8.13   ? 27  HIS A NE2 1 
ATOM   150 N  N   . LEU A 1 20 ? -3.344  -4.586  -4.558  1.00 5.21   ? 28  LEU A N   1 
ATOM   151 C  CA  . LEU A 1 20 ? -3.175  -3.189  -4.951  1.00 5.52   ? 28  LEU A CA  1 
ATOM   152 C  C   . LEU A 1 20 ? -4.291  -2.903  -5.940  1.00 6.35   ? 28  LEU A C   1 
ATOM   153 O  O   . LEU A 1 20 ? -4.403  -3.604  -6.969  1.00 6.96   ? 28  LEU A O   1 
ATOM   154 C  CB  . LEU A 1 20 ? -1.832  -2.975  -5.605  1.00 6.96   ? 28  LEU A CB  1 
ATOM   155 C  CG  . LEU A 1 20 ? -1.510  -1.507  -5.839  1.00 9.91   ? 28  LEU A CG  1 
ATOM   156 C  CD1 . LEU A 1 20 ? -1.113  -0.832  -4.526  1.00 10.14  ? 28  LEU A CD1 1 
ATOM   157 C  CD2 . LEU A 1 20 ? -0.386  -1.366  -6.851  1.00 15.74  ? 28  LEU A CD2 1 
ATOM   158 N  N   . HIS A 1 21 ? -5.113  -1.906  -5.657  1.00 6.43   ? 29  HIS A N   1 
ATOM   159 C  CA  . HIS A 1 21 ? -6.296  -1.657  -6.464  1.00 8.79   ? 29  HIS A CA  1 
ATOM   160 C  C   . HIS A 1 21 ? -6.413  -0.186  -6.829  1.00 10.23  ? 29  HIS A C   1 
ATOM   161 O  O   . HIS A 1 21 ? -6.416  0.691   -5.938  1.00 10.75  ? 29  HIS A O   1 
ATOM   162 C  CB  . HIS A 1 21 ? -7.521  -2.108  -5.647  1.00 10.94  ? 29  HIS A CB  1 
ATOM   163 C  CG  . HIS A 1 21 ? -8.832  -2.142  -6.378  1.00 17.62  ? 29  HIS A CG  1 
ATOM   164 N  ND1 . HIS A 1 21 ? -8.986  -2.793  -7.588  1.00 21.15  ? 29  HIS A ND1 1 
ATOM   165 C  CD2 . HIS A 1 21 ? -10.037 -1.673  -5.984  1.00 21.33  ? 29  HIS A CD2 1 
ATOM   166 C  CE1 . HIS A 1 21 ? -10.269 -2.674  -7.905  1.00 20.81  ? 29  HIS A CE1 1 
ATOM   167 N  NE2 . HIS A 1 21 ? -10.938 -2.000  -6.976  1.00 22.10  ? 29  HIS A NE2 1 
ATOM   168 N  N   . GLY A 1 22 ? -6.589  0.075   -8.127  1.00 12.91  ? 30  GLY A N   1 
ATOM   169 C  CA  . GLY A 1 22 ? -6.752  1.411   -8.700  1.00 16.87  ? 30  GLY A CA  1 
ATOM   170 C  C   . GLY A 1 22 ? -8.212  1.775   -8.878  1.00 30.75  ? 30  GLY A C   1 
ATOM   171 O  O   . GLY A 1 22 ? -9.091  0.958   -8.585  1.00 29.72  ? 30  GLY A O   1 
ATOM   172 N  N   . GLU A 1 23 ? -8.485  2.994   -9.392  1.00 35.06  ? 31  GLU A N   1 
ATOM   173 C  CA  . GLU A 1 23 ? -9.850  3.530   -9.537  1.00 37.91  ? 31  GLU A CA  1 
ATOM   174 C  C   . GLU A 1 23 ? -10.531 3.510   -10.925 1.00 47.18  ? 31  GLU A C   1 
ATOM   175 O  O   . GLU A 1 23 ? -11.763 3.409   -10.969 1.00 47.88  ? 31  GLU A O   1 
ATOM   176 C  CB  . GLU A 1 23 ? -9.919  4.941   -8.930  1.00 39.40  ? 31  GLU A CB  1 
ATOM   177 C  CG  . GLU A 1 23 ? -11.202 5.224   -8.164  1.00 48.47  ? 31  GLU A CG  1 
ATOM   178 C  CD  . GLU A 1 23 ? -11.654 6.672   -8.144  1.00 70.63  ? 31  GLU A CD  1 
ATOM   179 O  OE1 . GLU A 1 23 ? -10.787 7.577   -8.143  1.00 68.94  ? 31  GLU A OE1 1 
ATOM   180 O  OE2 . GLU A 1 23 ? -12.883 6.903   -8.105  1.00 64.22  ? 31  GLU A OE2 1 
ATOM   181 N  N   . LYS A 1 24 ? -9.756  3.631   -12.036 1.00 46.30  ? 32  LYS A N   1 
ATOM   182 C  CA  . LYS A 1 24 ? -10.205 3.717   -13.450 1.00 47.83  ? 32  LYS A CA  1 
ATOM   183 C  C   . LYS A 1 24 ? -10.679 5.143   -13.762 1.00 53.51  ? 32  LYS A C   1 
ATOM   184 O  O   . LYS A 1 24 ? -11.823 5.495   -13.460 1.00 53.76  ? 32  LYS A O   1 
ATOM   185 C  CB  . LYS A 1 24 ? -11.312 2.695   -13.834 1.00 51.20  ? 32  LYS A CB  1 
ATOM   186 C  CG  . LYS A 1 24 ? -10.959 1.234   -13.630 1.00 69.06  ? 32  LYS A CG  1 
ATOM   187 C  CD  . LYS A 1 24 ? -12.151 0.306   -13.837 1.00 81.26  ? 32  LYS A CD  1 
ATOM   188 C  CE  . LYS A 1 24 ? -12.800 -0.202  -12.574 1.00 94.26  ? 32  LYS A CE  1 
ATOM   189 N  NZ  . LYS A 1 24 ? -13.436 0.886   -11.781 1.00 104.78 ? 32  LYS A NZ  1 
ATOM   190 N  N   . GLY A 1 25 ? -9.794  5.945   -14.349 1.00 50.97  ? 33  GLY A N   1 
ATOM   191 C  CA  . GLY A 1 25 ? -10.084 7.331   -14.706 1.00 51.82  ? 33  GLY A CA  1 
ATOM   192 C  C   . GLY A 1 25 ? -9.314  8.319   -13.866 1.00 55.75  ? 33  GLY A C   1 
ATOM   193 O  O   . GLY A 1 25 ? -8.461  9.048   -14.378 1.00 56.32  ? 33  GLY A O   1 
ATOM   194 N  N   . LYS A 1 26 ? -9.620  8.344   -12.565 1.00 50.99  ? 34  LYS A N   1 
ATOM   195 C  CA  . LYS A 1 26 ? -8.946  9.213   -11.605 1.00 49.83  ? 34  LYS A CA  1 
ATOM   196 C  C   . LYS A 1 26 ? -7.847  8.401   -10.921 1.00 50.30  ? 34  LYS A C   1 
ATOM   197 O  O   . LYS A 1 26 ? -8.034  7.207   -10.667 1.00 49.80  ? 34  LYS A O   1 
ATOM   198 C  CB  . LYS A 1 26 ? -9.941  9.793   -10.574 1.00 52.76  ? 34  LYS A CB  1 
ATOM   199 C  CG  . LYS A 1 26 ? -11.189 10.474  -11.168 1.00 69.92  ? 34  LYS A CG  1 
ATOM   200 C  CD  . LYS A 1 26 ? -10.909 11.847  -11.792 1.00 81.91  ? 34  LYS A CD  1 
ATOM   201 C  CE  . LYS A 1 26 ? -11.179 11.884  -13.279 1.00 94.70  ? 34  LYS A CE  1 
ATOM   202 N  NZ  . LYS A 1 26 ? -12.632 12.002  -13.580 1.00 105.36 ? 34  LYS A NZ  1 
ATOM   203 N  N   . LEU A 1 27 ? -6.699  9.043   -10.641 1.00 43.33  ? 35  LEU A N   1 
ATOM   204 C  CA  . LEU A 1 27 ? -5.539  8.416   -9.998  1.00 40.10  ? 35  LEU A CA  1 
ATOM   205 C  C   . LEU A 1 27 ? -5.788  7.892   -8.562  1.00 36.17  ? 35  LEU A C   1 
ATOM   206 O  O   . LEU A 1 27 ? -6.885  8.042   -8.026  1.00 36.20  ? 35  LEU A O   1 
ATOM   207 C  CB  . LEU A 1 27 ? -4.240  9.280   -10.114 1.00 40.73  ? 35  LEU A CB  1 
ATOM   208 C  CG  . LEU A 1 27 ? -4.209  10.802  -9.747  1.00 46.28  ? 35  LEU A CG  1 
ATOM   209 C  CD1 . LEU A 1 27 ? -4.868  11.688  -10.806 1.00 50.62  ? 35  LEU A CD1 1 
ATOM   210 C  CD2 . LEU A 1 27 ? -4.678  11.100  -8.323  1.00 45.64  ? 35  LEU A CD2 1 
ATOM   211 N  N   . GLY A 1 28 ? -4.766  7.268   -7.981  1.00 25.98  ? 36  GLY A N   1 
ATOM   212 C  CA  . GLY A 1 28 ? -4.793  6.711   -6.630  1.00 20.49  ? 36  GLY A CA  1 
ATOM   213 C  C   . GLY A 1 28 ? -4.837  5.199   -6.606  1.00 17.05  ? 36  GLY A C   1 
ATOM   214 O  O   . GLY A 1 28 ? -5.739  4.602   -7.226  1.00 16.26  ? 36  GLY A O   1 
ATOM   215 N  N   . GLN A 1 29 ? -3.833  4.580   -5.896  1.00 13.47  ? 37  GLN A N   1 
ATOM   216 C  CA  . GLN A 1 29 ? -3.659  3.140   -5.663  1.00 9.18   ? 37  GLN A CA  1 
ATOM   217 C  C   . GLN A 1 29 ? -3.870  2.876   -4.214  1.00 6.58   ? 37  GLN A C   1 
ATOM   218 O  O   . GLN A 1 29 ? -3.289  3.541   -3.332  1.00 7.60   ? 37  GLN A O   1 
ATOM   219 C  CB  . GLN A 1 29 ? -2.329  2.530   -6.108  1.00 10.49  ? 37  GLN A CB  1 
ATOM   220 C  CG  . GLN A 1 29 ? -2.010  2.710   -7.595  1.00 14.41  ? 37  GLN A CG  1 
ATOM   221 C  CD  . GLN A 1 29 ? -3.019  2.117   -8.539  1.00 11.21  ? 37  GLN A CD  1 
ATOM   222 O  OE1 . GLN A 1 29 ? -3.463  0.984   -8.378  1.00 12.07  ? 37  GLN A OE1 1 
ATOM   223 N  NE2 . GLN A 1 29 ? -3.432  2.896   -9.532  1.00 14.94  ? 37  GLN A NE2 1 
ATOM   224 N  N   . TYR A 1 30 ? -4.743  1.921   -3.972  1.00 6.45   ? 38  TYR A N   1 
ATOM   225 C  CA  . TYR A 1 30 ? -5.211  1.606   -2.634  1.00 6.19   ? 38  TYR A CA  1 
ATOM   226 C  C   . TYR A 1 30 ? -4.919  0.171   -2.259  1.00 6.75   ? 38  TYR A C   1 
ATOM   227 O  O   . TYR A 1 30 ? -4.873  -0.733  -3.117  1.00 7.96   ? 38  TYR A O   1 
ATOM   228 C  CB  . TYR A 1 30 ? -6.721  1.862   -2.534  1.00 7.63   ? 38  TYR A CB  1 
ATOM   229 C  CG  . TYR A 1 30 ? -7.077  3.318   -2.680  1.00 8.93   ? 38  TYR A CG  1 
ATOM   230 C  CD1 . TYR A 1 30 ? -7.226  3.894   -3.935  1.00 10.50  ? 38  TYR A CD1 1 
ATOM   231 C  CD2 . TYR A 1 30 ? -7.211  4.137   -1.564  1.00 9.39   ? 38  TYR A CD2 1 
ATOM   232 C  CE1 . TYR A 1 30 ? -7.493  5.256   -4.080  1.00 10.52  ? 38  TYR A CE1 1 
ATOM   233 C  CE2 . TYR A 1 30 ? -7.483  5.500   -1.697  1.00 10.29  ? 38  TYR A CE2 1 
ATOM   234 C  CZ  . TYR A 1 30 ? -7.627  6.053   -2.959  1.00 10.06  ? 38  TYR A CZ  1 
ATOM   235 O  OH  . TYR A 1 30 ? -7.886  7.406   -3.124  1.00 11.91  ? 38  TYR A OH  1 
ATOM   236 N  N   . ILE A 1 31 ? -4.705  -0.042  -0.987  1.00 5.52   ? 39  ILE A N   1 
ATOM   237 C  CA  . ILE A 1 31 ? -4.524  -1.367  -0.441  1.00 5.17   ? 39  ILE A CA  1 
ATOM   238 C  C   . ILE A 1 31 ? -5.903  -1.967  -0.204  1.00 6.31   ? 39  ILE A C   1 
ATOM   239 O  O   . ILE A 1 31 ? -6.777  -1.322  0.392   1.00 6.93   ? 39  ILE A O   1 
ATOM   240 C  CB  . ILE A 1 31 ? -3.731  -1.315  0.875   1.00 6.69   ? 39  ILE A CB  1 
ATOM   241 C  CG1 . ILE A 1 31 ? -2.397  -0.543  0.726   1.00 6.63   ? 39  ILE A CG1 1 
ATOM   242 C  CG2 . ILE A 1 31 ? -3.511  -2.731  1.447   1.00 7.95   ? 39  ILE A CG2 1 
ATOM   243 C  CD1 . ILE A 1 31 ? -1.434  -1.083  -0.318  1.00 7.92   ? 39  ILE A CD1 1 
ATOM   244 N  N   . ARG A 1 32 ? -6.073  -3.264  -0.564  1.00 5.71   ? 40  ARG A N   1 
ATOM   245 C  CA  . ARG A 1 32 ? -7.291  -3.979  -0.260  1.00 5.61   ? 40  ARG A CA  1 
ATOM   246 C  C   . ARG A 1 32 ? -6.925  -5.383  0.112   1.00 5.88   ? 40  ARG A C   1 
ATOM   247 O  O   . ARG A 1 32 ? -5.844  -5.868  -0.210  1.00 5.72   ? 40  ARG A O   1 
ATOM   248 C  CB  . ARG A 1 32 ? -8.260  -4.013  -1.468  1.00 7.97   ? 40  ARG A CB  1 
ATOM   249 C  CG  . ARG A 1 32 ? -8.740  -2.636  -1.943  1.00 8.57   ? 40  ARG A CG  1 
ATOM   250 C  CD  . ARG A 1 32 ? -9.754  -1.979  -1.025  1.00 10.03  ? 40  ARG A CD  1 
ATOM   251 N  NE  . ARG A 1 32 ? -9.975  -0.604  -1.441  1.00 11.35  ? 40  ARG A NE  1 
ATOM   252 C  CZ  . ARG A 1 32 ? -10.493 0.345   -0.667  1.00 12.29  ? 40  ARG A CZ  1 
ATOM   253 N  NH1 . ARG A 1 32 ? -10.605 1.588   -1.116  1.00 14.54  ? 40  ARG A NH1 1 
ATOM   254 N  NH2 . ARG A 1 32 ? -10.912 0.059   0.554   1.00 11.02  ? 40  ARG A NH2 1 
ATOM   255 N  N   . LEU A 1 33 ? -7.852  -6.073  0.791   1.00 6.31   ? 41  LEU A N   1 
ATOM   256 C  CA  A LEU A 1 33 ? -7.703  -7.508  1.060   0.50 7.50   ? 41  LEU A CA  1 
ATOM   257 C  CA  B LEU A 1 33 ? -7.729  -7.485  1.081   0.50 5.45   ? 41  LEU A CA  1 
ATOM   258 C  C   . LEU A 1 33 ? -6.371  -7.868  1.713   1.00 7.01   ? 41  LEU A C   1 
ATOM   259 O  O   . LEU A 1 33 ? -5.591  -8.689  1.196   1.00 7.15   ? 41  LEU A O   1 
ATOM   260 C  CB  A LEU A 1 33 ? -7.871  -8.320  -0.246  0.50 8.50   ? 41  LEU A CB  1 
ATOM   261 C  CB  B LEU A 1 33 ? -8.039  -8.282  -0.197  0.50 4.77   ? 41  LEU A CB  1 
ATOM   262 C  CG  A LEU A 1 33 ? -9.276  -8.575  -0.743  0.50 12.45  ? 41  LEU A CG  1 
ATOM   263 C  CG  B LEU A 1 33 ? -9.434  -8.070  -0.781  0.50 3.64   ? 41  LEU A CG  1 
ATOM   264 C  CD1 A LEU A 1 33 ? -10.011 -7.316  -1.003  0.50 13.85  ? 41  LEU A CD1 1 
ATOM   265 C  CD1 B LEU A 1 33 ? -9.515  -8.610  -2.185  0.50 3.49   ? 41  LEU A CD1 1 
ATOM   266 C  CD2 A LEU A 1 33 ? -9.250  -9.328  -2.025  0.50 11.35  ? 41  LEU A CD2 1 
ATOM   267 C  CD2 B LEU A 1 33 ? -10.489 -8.744  0.114   0.50 5.70   ? 41  LEU A CD2 1 
ATOM   268 N  N   . VAL A 1 34 ? -6.082  -7.269  2.867   1.00 6.71   ? 42  VAL A N   1 
ATOM   269 C  CA  . VAL A 1 34 ? -4.858  -7.620  3.595   1.00 6.15   ? 42  VAL A CA  1 
ATOM   270 C  C   . VAL A 1 34 ? -5.152  -8.990  4.188   1.00 8.47   ? 42  VAL A C   1 
ATOM   271 O  O   . VAL A 1 34 ? -6.125  -9.156  4.952   1.00 9.97   ? 42  VAL A O   1 
ATOM   272 C  CB  . VAL A 1 34 ? -4.567  -6.586  4.690   1.00 8.09   ? 42  VAL A CB  1 
ATOM   273 C  CG1 . VAL A 1 34 ? -3.368  -7.010  5.527   1.00 9.24   ? 42  VAL A CG1 1 
ATOM   274 C  CG2 . VAL A 1 34 ? -4.331  -5.212  4.080   1.00 8.24   ? 42  VAL A CG2 1 
ATOM   275 N  N   . GLU A 1 35 ? -4.369  -9.971  3.800   1.00 7.36   ? 43  GLU A N   1 
ATOM   276 C  CA  . GLU A 1 35 ? -4.667  -11.344 4.164   1.00 8.97   ? 43  GLU A CA  1 
ATOM   277 C  C   . GLU A 1 35 ? -4.301  -11.661 5.622   1.00 10.61  ? 43  GLU A C   1 
ATOM   278 O  O   . GLU A 1 35 ? -3.261  -11.230 6.114   1.00 10.47  ? 43  GLU A O   1 
ATOM   279 C  CB  . GLU A 1 35 ? -4.001  -12.294 3.171   1.00 10.54  ? 43  GLU A CB  1 
ATOM   280 C  CG  . GLU A 1 35 ? -4.535  -12.153 1.756   1.00 10.50  ? 43  GLU A CG  1 
ATOM   281 C  CD  . GLU A 1 35 ? -3.764  -12.878 0.676   1.00 13.31  ? 43  GLU A CD  1 
ATOM   282 O  OE1 . GLU A 1 35 ? -3.314  -14.014 0.943   1.00 15.17  ? 43  GLU A OE1 1 
ATOM   283 O  OE2 . GLU A 1 35 ? -3.635  -12.333 -0.447  1.00 11.94  ? 43  GLU A OE2 1 
ATOM   284 N  N   . PRO A 1 36 ? -5.161  -12.432 6.350   1.00 11.49  ? 44  PRO A N   1 
ATOM   285 C  CA  . PRO A 1 36 ? -4.864  -12.733 7.761   1.00 12.10  ? 44  PRO A CA  1 
ATOM   286 C  C   . PRO A 1 36 ? -3.547  -13.459 7.881   1.00 11.95  ? 44  PRO A C   1 
ATOM   287 O  O   . PRO A 1 36 ? -3.232  -14.371 7.098   1.00 14.39  ? 44  PRO A O   1 
ATOM   288 C  CB  . PRO A 1 36 ? -6.032  -13.626 8.203   1.00 14.84  ? 44  PRO A CB  1 
ATOM   289 C  CG  . PRO A 1 36 ? -7.113  -13.357 7.247   1.00 19.94  ? 44  PRO A CG  1 
ATOM   290 C  CD  . PRO A 1 36 ? -6.459  -13.001 5.942   1.00 14.18  ? 44  PRO A CD  1 
ATOM   291 N  N   . GLY A 1 37 ? -2.765  -13.016 8.856   1.00 12.80  ? 45  GLY A N   1 
ATOM   292 C  CA  . GLY A 1 37 ? -1.465  -13.599 9.145   1.00 15.09  ? 45  GLY A CA  1 
ATOM   293 C  C   . GLY A 1 37 ? -0.380  -13.329 8.122   1.00 15.24  ? 45  GLY A C   1 
ATOM   294 O  O   . GLY A 1 37 ? 0.698   -13.921 8.179   1.00 15.59  ? 45  GLY A O   1 
ATOM   295 N  N   . SER A 1 38 ? -0.651  -12.434 7.154   1.00 11.71  ? 46  SER A N   1 
ATOM   296 C  CA  . SER A 1 38 ? 0.341   -12.139 6.133   1.00 10.77  ? 46  SER A CA  1 
ATOM   297 C  C   . SER A 1 38 ? 1.443   -11.163 6.565   1.00 10.53  ? 46  SER A C   1 
ATOM   298 O  O   . SER A 1 38 ? 1.238   -10.376 7.502   1.00 10.32  ? 46  SER A O   1 
ATOM   299 C  CB  . SER A 1 38 ? -0.353  -11.532 4.913   1.00 11.58  ? 46  SER A CB  1 
ATOM   300 O  OG  . SER A 1 38 ? -0.908  -10.268 5.245   1.00 9.07   ? 46  SER A OG  1 
ATOM   301 N  N   . PRO A 1 39 ? 2.511   -11.052 5.748   1.00 9.38   ? 47  PRO A N   1 
ATOM   302 C  CA  . PRO A 1 39 ? 3.512   -9.995  5.983   1.00 10.43  ? 47  PRO A CA  1 
ATOM   303 C  C   . PRO A 1 39 ? 2.873   -8.596  5.948   1.00 10.20  ? 47  PRO A C   1 
ATOM   304 O  O   . PRO A 1 39 ? 3.276   -7.715  6.712   1.00 9.72   ? 47  PRO A O   1 
ATOM   305 C  CB  . PRO A 1 39 ? 4.465   -10.177 4.797   1.00 11.95  ? 47  PRO A CB  1 
ATOM   306 C  CG  . PRO A 1 39 ? 4.409   -11.641 4.501   1.00 15.16  ? 47  PRO A CG  1 
ATOM   307 C  CD  . PRO A 1 39 ? 2.952   -11.953 4.650   1.00 12.10  ? 47  PRO A CD  1 
ATOM   308 N  N   . ALA A 1 40 ? 1.876   -8.382  5.050   1.00 8.46   ? 48  ALA A N   1 
ATOM   309 C  CA  . ALA A 1 40 ? 1.179   -7.104  4.982   1.00 8.00   ? 48  ALA A CA  1 
ATOM   310 C  C   . ALA A 1 40 ? 0.470   -6.820  6.292   1.00 8.65   ? 48  ALA A C   1 
ATOM   311 O  O   . ALA A 1 40 ? 0.527   -5.699  6.789   1.00 9.05   ? 48  ALA A O   1 
ATOM   312 C  CB  . ALA A 1 40 ? 0.184   -7.104  3.836   1.00 8.34   ? 48  ALA A CB  1 
ATOM   313 N  N   . GLU A 1 41 ? -0.233  -7.820  6.849   1.00 8.43   ? 49  GLU A N   1 
ATOM   314 C  CA  . GLU A 1 41 ? -0.923  -7.626  8.130   1.00 8.74   ? 49  GLU A CA  1 
ATOM   315 C  C   . GLU A 1 41 ? 0.053   -7.302  9.261   1.00 10.16  ? 49  GLU A C   1 
ATOM   316 O  O   . GLU A 1 41 ? -0.173  -6.359  10.039  1.00 10.66  ? 49  GLU A O   1 
ATOM   317 C  CB  . GLU A 1 41 ? -1.793  -8.836  8.466   1.00 9.85   ? 49  GLU A CB  1 
ATOM   318 C  CG  . GLU A 1 41 ? -2.770  -8.562  9.608   1.00 12.75  ? 49  GLU A CG  1 
ATOM   319 C  CD  . GLU A 1 41 ? -3.705  -9.720  9.904   1.00 16.44  ? 49  GLU A CD  1 
ATOM   320 O  OE1 . GLU A 1 41 ? -3.201  -10.768 10.359  1.00 17.60  ? 49  GLU A OE1 1 
ATOM   321 O  OE2 . GLU A 1 41 ? -4.911  -9.618  9.599   1.00 16.70  ? 49  GLU A OE2 1 
ATOM   322 N  N   . LYS A 1 42 ? 1.138   -8.059  9.323   1.00 10.12  ? 50  LYS A N   1 
ATOM   323 C  CA  . LYS A 1 42 ? 2.162   -7.867  10.365  1.00 10.47  ? 50  LYS A CA  1 
ATOM   324 C  C   . LYS A 1 42 ? 2.874   -6.516  10.285  1.00 10.67  ? 50  LYS A C   1 
ATOM   325 O  O   . LYS A 1 42 ? 3.341   -6.015  11.329  1.00 11.80  ? 50  LYS A O   1 
ATOM   326 C  CB  . LYS A 1 42 ? 3.154   -9.007  10.318  1.00 12.03  ? 50  LYS A CB  1 
ATOM   327 C  CG  . LYS A 1 42 ? 2.533   -10.342 10.679  1.00 15.01  ? 50  LYS A CG  1 
ATOM   328 C  CD  . LYS A 1 42 ? 3.559   -11.432 10.456  1.00 14.20  ? 50  LYS A CD  1 
ATOM   329 C  CE  . LYS A 1 42 ? 3.032   -12.786 10.825  1.00 20.07  ? 50  LYS A CE  1 
ATOM   330 N  NZ  . LYS A 1 42 ? 3.989   -13.860 10.436  1.00 22.04  ? 50  LYS A NZ  1 
ATOM   331 N  N   . ALA A 1 43 ? 2.983   -5.940  9.071   1.00 9.75   ? 51  ALA A N   1 
ATOM   332 C  CA  . ALA A 1 43 ? 3.579   -4.632  8.864   1.00 9.75   ? 51  ALA A CA  1 
ATOM   333 C  C   . ALA A 1 43 ? 2.569   -3.507  9.163   1.00 9.91   ? 51  ALA A C   1 
ATOM   334 O  O   . ALA A 1 43 ? 2.953   -2.342  9.148   1.00 11.22  ? 51  ALA A O   1 
ATOM   335 C  CB  . ALA A 1 43 ? 4.086   -4.517  7.443   1.00 11.59  ? 51  ALA A CB  1 
ATOM   336 N  N   . GLY A 1 44 ? 1.312   -3.847  9.443   1.00 9.37   ? 52  GLY A N   1 
ATOM   337 C  CA  . GLY A 1 44 ? 0.297   -2.864  9.806   1.00 9.18   ? 52  GLY A CA  1 
ATOM   338 C  C   . GLY A 1 44 ? -0.479  -2.232  8.656   1.00 8.84   ? 52  GLY A C   1 
ATOM   339 O  O   . GLY A 1 44 ? -1.162  -1.215  8.858   1.00 9.69   ? 52  GLY A O   1 
ATOM   340 N  N   . LEU A 1 45 ? -0.430  -2.840  7.449   1.00 7.15   ? 53  LEU A N   1 
ATOM   341 C  CA  A LEU A 1 45 ? -1.205  -2.325  6.311   0.50 6.89   ? 53  LEU A CA  1 
ATOM   342 C  CA  B LEU A 1 45 ? -1.164  -2.313  6.314   0.50 7.67   ? 53  LEU A CA  1 
ATOM   343 C  C   . LEU A 1 45 ? -2.666  -2.516  6.563   1.00 7.45   ? 53  LEU A C   1 
ATOM   344 O  O   . LEU A 1 45 ? -3.073  -3.557  7.127   1.00 8.67   ? 53  LEU A O   1 
ATOM   345 C  CB  A LEU A 1 45 ? -0.892  -3.047  5.011   0.50 7.04   ? 53  LEU A CB  1 
ATOM   346 C  CB  B LEU A 1 45 ? -0.692  -3.060  5.071   0.50 8.70   ? 53  LEU A CB  1 
ATOM   347 C  CG  A LEU A 1 45 ? 0.406   -2.706  4.299   0.50 7.27   ? 53  LEU A CG  1 
ATOM   348 C  CG  B LEU A 1 45 ? -0.682  -2.332  3.727   0.50 10.47  ? 53  LEU A CG  1 
ATOM   349 C  CD1 A LEU A 1 45 ? 0.454   -3.406  2.965   0.50 6.84   ? 53  LEU A CD1 1 
ATOM   350 C  CD1 B LEU A 1 45 ? 0.201   -1.066  3.747   0.50 9.65   ? 53  LEU A CD1 1 
ATOM   351 C  CD2 A LEU A 1 45 ? 0.573   -1.172  4.094   0.50 7.14   ? 53  LEU A CD2 1 
ATOM   352 C  CD2 B LEU A 1 45 ? -0.181  -3.271  2.641   0.50 8.35   ? 53  LEU A CD2 1 
ATOM   353 N  N   . LEU A 1 46 ? -3.480  -1.551  6.117   1.00 6.75   ? 54  LEU A N   1 
ATOM   354 C  CA  . LEU A 1 46 ? -4.916  -1.592  6.289   1.00 7.47   ? 54  LEU A CA  1 
ATOM   355 C  C   . LEU A 1 46 ? -5.618  -1.414  4.965   1.00 6.79   ? 54  LEU A C   1 
ATOM   356 O  O   . LEU A 1 46 ? -5.237  -0.577  4.140   1.00 6.93   ? 54  LEU A O   1 
ATOM   357 C  CB  . LEU A 1 46 ? -5.379  -0.464  7.210   1.00 8.98   ? 54  LEU A CB  1 
ATOM   358 C  CG  . LEU A 1 46 ? -4.870  -0.466  8.649   1.00 13.64  ? 54  LEU A CG  1 
ATOM   359 C  CD1 . LEU A 1 46 ? -5.335  0.788   9.383   1.00 14.21  ? 54  LEU A CD1 1 
ATOM   360 C  CD2 . LEU A 1 46 ? -5.277  -1.721  9.395   1.00 19.36  ? 54  LEU A CD2 1 
ATOM   361 N  N   . ALA A 1 47 ? -6.748  -2.140  4.804   1.00 7.12   ? 55  ALA A N   1 
ATOM   362 C  CA  . ALA A 1 47 ? -7.584  -1.942  3.619   1.00 6.46   ? 55  ALA A CA  1 
ATOM   363 C  C   . ALA A 1 47 ? -8.015  -0.475  3.594   1.00 7.18   ? 55  ALA A C   1 
ATOM   364 O  O   . ALA A 1 47 ? -8.391  0.097   4.632   1.00 8.45   ? 55  ALA A O   1 
ATOM   365 C  CB  . ALA A 1 47 ? -8.810  -2.833  3.686   1.00 8.39   ? 55  ALA A CB  1 
ATOM   366 N  N   . GLY A 1 48 ? -8.002  0.120   2.421   1.00 5.88   ? 56  GLY A N   1 
ATOM   367 C  CA  . GLY A 1 48 ? -8.352  1.516   2.255   1.00 6.31   ? 56  GLY A CA  1 
ATOM   368 C  C   . GLY A 1 48 ? -7.163  2.453   2.358   1.00 6.24   ? 56  GLY A C   1 
ATOM   369 O  O   . GLY A 1 48 ? -7.280  3.626   2.019   1.00 6.56   ? 56  GLY A O   1 
ATOM   370 N  N   . ASP A 1 49 ? -5.980  1.958   2.787   1.00 5.59   ? 57  ASP A N   1 
ATOM   371 C  CA  . ASP A 1 49 ? -4.771  2.771   2.781   1.00 5.02   ? 57  ASP A CA  1 
ATOM   372 C  C   . ASP A 1 49 ? -4.482  3.211   1.350   1.00 5.50   ? 57  ASP A C   1 
ATOM   373 O  O   . ASP A 1 49 ? -4.624  2.425   0.388   1.00 6.06   ? 57  ASP A O   1 
ATOM   374 C  CB  . ASP A 1 49 ? -3.568  1.956   3.250   1.00 5.18   ? 57  ASP A CB  1 
ATOM   375 C  CG  . ASP A 1 49 ? -3.423  1.919   4.744   1.00 5.54   ? 57  ASP A CG  1 
ATOM   376 O  OD1 . ASP A 1 49 ? -4.124  2.734   5.420   1.00 6.94   ? 57  ASP A OD1 1 
ATOM   377 O  OD2 . ASP A 1 49 ? -2.629  1.090   5.242   1.00 6.27   ? 57  ASP A OD2 1 
ATOM   378 N  N   . ARG A 1 50 ? -4.113  4.472   1.198   1.00 5.23   ? 58  ARG A N   1 
ATOM   379 C  CA  . ARG A 1 50 ? -3.704  5.060   -0.091  1.00 5.65   ? 58  ARG A CA  1 
ATOM   380 C  C   . ARG A 1 50 ? -2.175  5.021   -0.110  1.00 5.34   ? 58  ARG A C   1 
ATOM   381 O  O   . ARG A 1 50 ? -1.526  5.497   0.823   1.00 5.56   ? 58  ARG A O   1 
ATOM   382 C  CB  . ARG A 1 50 ? -4.230  6.484   -0.224  1.00 6.68   ? 58  ARG A CB  1 
ATOM   383 C  CG  . ARG A 1 50 ? -3.954  7.084   -1.615  1.00 9.36   ? 58  ARG A CG  1 
ATOM   384 C  CD  . ARG A 1 50 ? -4.641  8.424   -1.850  1.00 10.01  ? 58  ARG A CD  1 
ATOM   385 N  NE  . ARG A 1 50 ? -4.365  9.411   -0.820  1.00 13.30  ? 58  ARG A NE  1 
ATOM   386 C  CZ  . ARG A 1 50 ? -3.298  10.199  -0.822  1.00 16.73  ? 58  ARG A CZ  1 
ATOM   387 N  NH1 . ARG A 1 50 ? -2.391  10.097  -1.784  1.00 16.88  ? 58  ARG A NH1 1 
ATOM   388 N  NH2 . ARG A 1 50 ? -3.108  11.067  0.159   1.00 19.01  ? 58  ARG A NH2 1 
ATOM   389 N  N   . LEU A 1 51 ? -1.604  4.460   -1.179  1.00 5.33   ? 59  LEU A N   1 
ATOM   390 C  CA  . LEU A 1 51 ? -0.160  4.290   -1.268  1.00 5.65   ? 59  LEU A CA  1 
ATOM   391 C  C   . LEU A 1 51 ? 0.508   5.531   -1.826  1.00 6.81   ? 59  LEU A C   1 
ATOM   392 O  O   . LEU A 1 51 ? 0.294   5.870   -3.001  1.00 9.31   ? 59  LEU A O   1 
ATOM   393 C  CB  . LEU A 1 51 ? 0.147   3.038   -2.123  1.00 6.29   ? 59  LEU A CB  1 
ATOM   394 C  CG  . LEU A 1 51 ? 1.623   2.627   -2.228  1.00 6.40   ? 59  LEU A CG  1 
ATOM   395 C  CD1 . LEU A 1 51 ? 2.244   2.360   -0.870  1.00 7.15   ? 59  LEU A CD1 1 
ATOM   396 C  CD2 . LEU A 1 51 ? 1.752   1.402   -3.080  1.00 7.88   ? 59  LEU A CD2 1 
ATOM   397 N  N   . VAL A 1 52 ? 1.397   6.146   -1.031  1.00 6.25   ? 60  VAL A N   1 
ATOM   398 C  CA  . VAL A 1 52 ? 2.108   7.383   -1.362  1.00 6.65   ? 60  VAL A CA  1 
ATOM   399 C  C   . VAL A 1 52 ? 3.537   7.146   -1.847  1.00 6.31   ? 60  VAL A C   1 
ATOM   400 O  O   . VAL A 1 52 ? 3.976   7.830   -2.782  1.00 7.14   ? 60  VAL A O   1 
ATOM   401 C  CB  . VAL A 1 52 ? 2.078   8.374   -0.154  1.00 9.69   ? 60  VAL A CB  1 
ATOM   402 C  CG1 . VAL A 1 52 ? 2.828   9.669   -0.473  1.00 9.42   ? 60  VAL A CG1 1 
ATOM   403 C  CG2 . VAL A 1 52 ? 0.654   8.654   0.344   1.00 11.39  ? 60  VAL A CG2 1 
ATOM   404 N  N   . GLU A 1 53 ? 4.260   6.269   -1.215  1.00 5.63   ? 61  GLU A N   1 
ATOM   405 C  CA  . GLU A 1 53 ? 5.646   5.967   -1.601  1.00 5.93   ? 61  GLU A CA  1 
ATOM   406 C  C   . GLU A 1 53 ? 5.935   4.495   -1.536  1.00 5.73   ? 61  GLU A C   1 
ATOM   407 O  O   . GLU A 1 53 ? 5.342   3.780   -0.702  1.00 6.31   ? 61  GLU A O   1 
ATOM   408 C  CB  . GLU A 1 53 ? 6.686   6.638   -0.681  1.00 6.73   ? 61  GLU A CB  1 
ATOM   409 C  CG  . GLU A 1 53 ? 6.677   8.143   -0.704  1.00 7.68   ? 61  GLU A CG  1 
ATOM   410 C  CD  . GLU A 1 53 ? 7.665   8.798   0.242   1.00 9.10   ? 61  GLU A CD  1 
ATOM   411 O  OE1 . GLU A 1 53 ? 8.333   8.085   1.020   1.00 9.51   ? 61  GLU A OE1 1 
ATOM   412 O  OE2 . GLU A 1 53 ? 7.692   10.054  0.249   1.00 11.59  ? 61  GLU A OE2 1 
ATOM   413 N  N   . VAL A 1 54 ? 6.837   4.023   -2.403  1.00 6.13   ? 62  VAL A N   1 
ATOM   414 C  CA  . VAL A 1 54 ? 7.380   2.668   -2.378  1.00 6.66   ? 62  VAL A CA  1 
ATOM   415 C  C   . VAL A 1 54 ? 8.889   2.848   -2.284  1.00 7.55   ? 62  VAL A C   1 
ATOM   416 O  O   . VAL A 1 54 ? 9.484   3.500   -3.162  1.00 8.99   ? 62  VAL A O   1 
ATOM   417 C  CB  . VAL A 1 54 ? 7.010   1.843   -3.640  1.00 8.55   ? 62  VAL A CB  1 
ATOM   418 C  CG1 . VAL A 1 54 ? 7.690   0.476   -3.657  1.00 8.98   ? 62  VAL A CG1 1 
ATOM   419 C  CG2 . VAL A 1 54 ? 5.495   1.703   -3.776  1.00 7.88   ? 62  VAL A CG2 1 
ATOM   420 N  N   . ASN A 1 55 ? 9.498   2.315   -1.235  1.00 8.43   ? 63  ASN A N   1 
ATOM   421 C  CA  . ASN A 1 55 ? 10.935  2.451   -1.017  1.00 10.30  ? 63  ASN A CA  1 
ATOM   422 C  C   . ASN A 1 55 ? 11.445  3.889   -1.186  1.00 11.96  ? 63  ASN A C   1 
ATOM   423 O  O   . ASN A 1 55 ? 12.484  4.125   -1.838  1.00 12.10  ? 63  ASN A O   1 
ATOM   424 C  CB  . ASN A 1 55 ? 11.739  1.455   -1.851  1.00 12.16  ? 63  ASN A CB  1 
ATOM   425 C  CG  . ASN A 1 55 ? 11.811  0.066   -1.274  1.00 15.04  ? 63  ASN A CG  1 
ATOM   426 O  OD1 . ASN A 1 55 ? 11.215  -0.261  -0.244  1.00 15.82  ? 63  ASN A OD1 1 
ATOM   427 N  ND2 . ASN A 1 55 ? 12.573  -0.805  -1.925  1.00 19.99  ? 63  ASN A ND2 1 
ATOM   428 N  N   . GLY A 1 56 ? 10.680  4.841   -0.650  1.00 11.02  ? 64  GLY A N   1 
ATOM   429 C  CA  . GLY A 1 56 ? 11.021  6.259   -0.654  1.00 12.40  ? 64  GLY A CA  1 
ATOM   430 C  C   . GLY A 1 56 ? 10.821  7.005   -1.941  1.00 14.50  ? 64  GLY A C   1 
ATOM   431 O  O   . GLY A 1 56 ? 11.237  8.166   -2.021  1.00 17.97  ? 64  GLY A O   1 
ATOM   432 N  N   . GLU A 1 57 ? 10.172  6.388   -2.940  1.00 11.39  ? 65  GLU A N   1 
ATOM   433 C  CA  . GLU A 1 57 ? 9.873   7.031   -4.210  1.00 11.74  ? 65  GLU A CA  1 
ATOM   434 C  C   . GLU A 1 57 ? 8.393   7.334   -4.166  1.00 11.00  ? 65  GLU A C   1 
ATOM   435 O  O   . GLU A 1 57 ? 7.600   6.413   -3.957  1.00 9.31   ? 65  GLU A O   1 
ATOM   436 C  CB  . GLU A 1 57 ? 10.176  6.073   -5.405  1.00 13.51  ? 65  GLU A CB  1 
ATOM   437 C  CG  . GLU A 1 57 ? 9.561   6.470   -6.758  1.00 18.31  ? 65  GLU A CG  1 
ATOM   438 C  CD  . GLU A 1 57 ? 9.591   5.488   -7.925  1.00 20.63  ? 65  GLU A CD  1 
ATOM   439 O  OE1 . GLU A 1 57 ? 9.907   4.300   -7.706  1.00 17.11  ? 65  GLU A OE1 1 
ATOM   440 O  OE2 . GLU A 1 57 ? 9.301   5.907   -9.070  1.00 25.08  ? 65  GLU A OE2 1 
ATOM   441 N  N   . ASN A 1 58 ? 8.003   8.590   -4.381  1.00 10.81  ? 66  ASN A N   1 
ATOM   442 C  CA  . ASN A 1 58 ? 6.602   8.956   -4.449  1.00 9.39   ? 66  ASN A CA  1 
ATOM   443 C  C   . ASN A 1 58 ? 6.014   8.304   -5.686  1.00 9.98   ? 66  ASN A C   1 
ATOM   444 O  O   . ASN A 1 58 ? 6.602   8.397   -6.787  1.00 13.00  ? 66  ASN A O   1 
ATOM   445 C  CB  . ASN A 1 58 ? 6.427   10.480  -4.471  1.00 12.28  ? 66  ASN A CB  1 
ATOM   446 C  CG  . ASN A 1 58 ? 4.975   10.896  -4.543  1.00 13.25  ? 66  ASN A CG  1 
ATOM   447 O  OD1 . ASN A 1 58 ? 4.301   10.714  -5.557  1.00 13.20  ? 66  ASN A OD1 1 
ATOM   448 N  ND2 . ASN A 1 58 ? 4.461   11.453  -3.464  1.00 13.61  ? 66  ASN A ND2 1 
ATOM   449 N  N   . VAL A 1 59 ? 4.879   7.613   -5.503  1.00 8.44   ? 67  VAL A N   1 
ATOM   450 C  CA  . VAL A 1 59 ? 4.182   6.886   -6.558  1.00 9.15   ? 67  VAL A CA  1 
ATOM   451 C  C   . VAL A 1 59 ? 2.791   7.406   -6.788  1.00 11.57  ? 67  VAL A C   1 
ATOM   452 O  O   . VAL A 1 59 ? 2.008   6.745   -7.464  1.00 13.97  ? 67  VAL A O   1 
ATOM   453 C  CB  . VAL A 1 59 ? 4.180   5.349   -6.293  1.00 10.48  ? 67  VAL A CB  1 
ATOM   454 C  CG1 . VAL A 1 59 ? 5.572   4.769   -6.437  1.00 11.56  ? 67  VAL A CG1 1 
ATOM   455 C  CG2 . VAL A 1 59 ? 3.580   5.002   -4.924  1.00 10.22  ? 67  VAL A CG2 1 
ATOM   456 N  N   . GLU A 1 60 ? 2.460   8.571   -6.231  1.00 10.39  ? 68  GLU A N   1 
ATOM   457 C  CA  . GLU A 1 60 ? 1.135   9.126   -6.405  1.00 11.28  ? 68  GLU A CA  1 
ATOM   458 C  C   . GLU A 1 60 ? 0.835   9.446   -7.876  1.00 17.05  ? 68  GLU A C   1 
ATOM   459 O  O   . GLU A 1 60 ? -0.335  9.413   -8.242  1.00 17.99  ? 68  GLU A O   1 
ATOM   460 C  CB  . GLU A 1 60 ? 0.936   10.371  -5.548  1.00 11.58  ? 68  GLU A CB  1 
ATOM   461 C  CG  . GLU A 1 60 ? 1.057   10.125  -4.049  1.00 10.90  ? 68  GLU A CG  1 
ATOM   462 C  CD  . GLU A 1 60 ? 0.950   11.409  -3.256  1.00 14.77  ? 68  GLU A CD  1 
ATOM   463 O  OE1 . GLU A 1 60 ? 1.819   12.288  -3.430  1.00 16.66  ? 68  GLU A OE1 1 
ATOM   464 O  OE2 . GLU A 1 60 ? -0.061  11.586  -2.545  1.00 16.25  ? 68  GLU A OE2 1 
ATOM   465 N  N   . LYS A 1 61 ? 1.878   9.732   -8.698  1.00 14.22  ? 69  LYS A N   1 
ATOM   466 C  CA  . LYS A 1 61 ? 1.760   10.080  -10.126 1.00 15.37  ? 69  LYS A CA  1 
ATOM   467 C  C   . LYS A 1 61 ? 2.305   9.007   -11.051 1.00 16.24  ? 69  LYS A C   1 
ATOM   468 O  O   . LYS A 1 61 ? 2.871   9.299   -12.127 1.00 17.72  ? 69  LYS A O   1 
ATOM   469 C  CB  . LYS A 1 61 ? 2.337   11.481  -10.424 1.00 19.31  ? 69  LYS A CB  1 
ATOM   470 C  CG  . LYS A 1 61 ? 1.637   12.622  -9.670  1.00 25.41  ? 69  LYS A CG  1 
ATOM   471 C  CD  . LYS A 1 61 ? 0.201   12.907  -10.124 1.00 35.28  ? 69  LYS A CD  1 
ATOM   472 C  CE  . LYS A 1 61 ? -0.489  13.925  -9.247  1.00 46.67  ? 69  LYS A CE  1 
ATOM   473 N  NZ  . LYS A 1 61 ? 0.070   15.293  -9.423  1.00 56.98  ? 69  LYS A NZ  1 
ATOM   474 N  N   . GLU A 1 62 ? 2.119   7.745   -10.634 1.00 13.98  ? 70  GLU A N   1 
ATOM   475 C  CA  A GLU A 1 62 ? 2.579   6.590   -11.408 0.50 13.28  ? 70  GLU A CA  1 
ATOM   476 C  CA  B GLU A 1 62 ? 2.534   6.602   -11.429 0.50 13.78  ? 70  GLU A CA  1 
ATOM   477 C  C   . GLU A 1 62 ? 1.362   5.725   -11.758 1.00 14.87  ? 70  GLU A C   1 
ATOM   478 O  O   . GLU A 1 62 ? 0.334   5.799   -11.077 1.00 15.36  ? 70  GLU A O   1 
ATOM   479 C  CB  A GLU A 1 62 ? 3.679   5.778   -10.661 0.50 13.76  ? 70  GLU A CB  1 
ATOM   480 C  CB  B GLU A 1 62 ? 3.633   5.828   -10.725 0.50 14.66  ? 70  GLU A CB  1 
ATOM   481 C  CG  A GLU A 1 62 ? 4.995   6.522   -10.391 0.50 15.87  ? 70  GLU A CG  1 
ATOM   482 C  CG  B GLU A 1 62 ? 4.964   6.512   -10.935 0.50 22.25  ? 70  GLU A CG  1 
ATOM   483 C  CD  A GLU A 1 62 ? 6.156   6.438   -11.378 0.50 23.09  ? 70  GLU A CD  1 
ATOM   484 C  CD  B GLU A 1 62 ? 6.080   5.984   -10.072 0.50 19.62  ? 70  GLU A CD  1 
ATOM   485 O  OE1 A GLU A 1 62 ? 6.192   5.497   -12.205 0.50 20.88  ? 70  GLU A OE1 1 
ATOM   486 O  OE1 B GLU A 1 62 ? 6.960   6.790   -9.701  0.50 19.74  ? 70  GLU A OE1 1 
ATOM   487 O  OE2 A GLU A 1 62 ? 7.068   7.293   -11.282 0.50 18.33  ? 70  GLU A OE2 1 
ATOM   488 O  OE2 B GLU A 1 62 ? 6.104   4.761   -9.810  0.50 17.75  ? 70  GLU A OE2 1 
ATOM   489 N  N   . THR A 1 63 ? 1.463   4.953   -12.848 1.00 12.01  ? 71  THR A N   1 
ATOM   490 C  CA  . THR A 1 63 ? 0.353   4.089   -13.230 1.00 11.09  ? 71  THR A CA  1 
ATOM   491 C  C   . THR A 1 63 ? 0.296   2.865   -12.304 1.00 12.78  ? 71  THR A C   1 
ATOM   492 O  O   . THR A 1 63 ? 1.298   2.522   -11.667 1.00 10.25  ? 71  THR A O   1 
ATOM   493 C  CB  . THR A 1 63 ? 0.502   3.598   -14.678 1.00 12.02  ? 71  THR A CB  1 
ATOM   494 O  OG1 . THR A 1 63 ? 1.639   2.747   -14.736 1.00 13.20  ? 71  THR A OG1 1 
ATOM   495 C  CG2 . THR A 1 63 ? 0.599   4.739   -15.702 1.00 12.74  ? 71  THR A CG2 1 
ATOM   496 N  N   . HIS A 1 64 ? -0.831  2.148   -12.340 1.00 10.38  ? 72  HIS A N   1 
ATOM   497 C  CA  . HIS A 1 64 ? -0.960  0.907   -11.579 1.00 9.05   ? 72  HIS A CA  1 
ATOM   498 C  C   . HIS A 1 64 ? 0.190   -0.038  -11.906 1.00 9.48   ? 72  HIS A C   1 
ATOM   499 O  O   . HIS A 1 64 ? 0.822   -0.609  -11.021 1.00 8.55   ? 72  HIS A O   1 
ATOM   500 C  CB  . HIS A 1 64 ? -2.312  0.252   -11.934 1.00 8.93   ? 72  HIS A CB  1 
ATOM   501 C  CG  . HIS A 1 64 ? -2.560  -1.046  -11.219 1.00 8.79   ? 72  HIS A CG  1 
ATOM   502 N  ND1 . HIS A 1 64 ? -3.083  -1.078  -9.928  1.00 8.62   ? 72  HIS A ND1 1 
ATOM   503 C  CD2 . HIS A 1 64 ? -2.315  -2.318  -11.609 1.00 9.12   ? 72  HIS A CD2 1 
ATOM   504 C  CE1 . HIS A 1 64 ? -3.192  -2.353  -9.607  1.00 8.75   ? 72  HIS A CE1 1 
ATOM   505 N  NE2 . HIS A 1 64 ? -2.701  -3.135  -10.558 1.00 8.64   ? 72  HIS A NE2 1 
ATOM   506 N  N   . GLN A 1 65 ? 0.477   -0.209  -13.210 1.00 9.96   ? 73  GLN A N   1 
ATOM   507 C  CA  . GLN A 1 65 ? 1.514   -1.118  -13.675 1.00 10.61  ? 73  GLN A CA  1 
ATOM   508 C  C   . GLN A 1 65 ? 2.892   -0.696  -13.136 1.00 10.78  ? 73  GLN A C   1 
ATOM   509 O  O   . GLN A 1 65 ? 3.665   -1.535  -12.717 1.00 10.45  ? 73  GLN A O   1 
ATOM   510 C  CB  . GLN A 1 65 ? 1.471   -1.111  -15.219 1.00 13.22  ? 73  GLN A CB  1 
ATOM   511 C  CG  . GLN A 1 65 ? 0.156   -1.650  -15.843 1.00 23.35  ? 73  GLN A CG  1 
ATOM   512 C  CD  . GLN A 1 65 ? -1.162  -0.907  -15.550 1.00 25.85  ? 73  GLN A CD  1 
ATOM   513 O  OE1 . GLN A 1 65 ? -1.264  0.356   -15.541 1.00 16.37  ? 73  GLN A OE1 1 
ATOM   514 N  NE2 . GLN A 1 65 ? -2.207  -1.702  -15.306 1.00 16.93  ? 73  GLN A NE2 1 
ATOM   515 N  N   . GLN A 1 66 ? 3.188   0.605   -13.153 1.00 9.62   ? 74  GLN A N   1 
ATOM   516 C  CA  . GLN A 1 66 ? 4.464   1.093   -12.632 1.00 9.94   ? 74  GLN A CA  1 
ATOM   517 C  C   . GLN A 1 66 ? 4.605   0.839   -11.127 1.00 9.34   ? 74  GLN A C   1 
ATOM   518 O  O   . GLN A 1 66 ? 5.659   0.440   -10.672 1.00 9.55   ? 74  GLN A O   1 
ATOM   519 C  CB  . GLN A 1 66 ? 4.620   2.578   -12.940 1.00 11.74  ? 74  GLN A CB  1 
ATOM   520 C  CG  . GLN A 1 66 ? 4.877   2.836   -14.428 1.00 14.35  ? 74  GLN A CG  1 
ATOM   521 C  CD  . GLN A 1 66 ? 4.803   4.285   -14.854 1.00 21.36  ? 74  GLN A CD  1 
ATOM   522 O  OE1 . GLN A 1 66 ? 4.120   5.129   -14.259 1.00 17.29  ? 74  GLN A OE1 1 
ATOM   523 N  NE2 . GLN A 1 66 ? 5.426   4.575   -15.987 1.00 29.48  ? 74  GLN A NE2 1 
ATOM   524 N  N   . VAL A 1 67 ? 3.518   1.053   -10.382 1.00 8.30   ? 75  VAL A N   1 
ATOM   525 C  CA  . VAL A 1 67 ? 3.545   0.830   -8.932  1.00 7.80   ? 75  VAL A CA  1 
ATOM   526 C  C   . VAL A 1 67 ? 3.783   -0.652  -8.645  1.00 7.67   ? 75  VAL A C   1 
ATOM   527 O  O   . VAL A 1 67 ? 4.581   -0.995  -7.770  1.00 7.68   ? 75  VAL A O   1 
ATOM   528 C  CB  . VAL A 1 67 ? 2.295   1.405   -8.226  1.00 8.36   ? 75  VAL A CB  1 
ATOM   529 C  CG1 . VAL A 1 67 ? 2.361   1.175   -6.725  1.00 8.66   ? 75  VAL A CG1 1 
ATOM   530 C  CG2 . VAL A 1 67 ? 2.169   2.908   -8.498  1.00 9.30   ? 75  VAL A CG2 1 
ATOM   531 N  N   . VAL A 1 68 ? 3.064   -1.552  -9.359  1.00 7.54   ? 76  VAL A N   1 
ATOM   532 C  CA  . VAL A 1 68 ? 3.303   -2.989  -9.204  1.00 7.66   ? 76  VAL A CA  1 
ATOM   533 C  C   . VAL A 1 68 ? 4.778   -3.297  -9.482  1.00 9.70   ? 76  VAL A C   1 
ATOM   534 O  O   . VAL A 1 68 ? 5.390   -4.041  -8.728  1.00 8.88   ? 76  VAL A O   1 
ATOM   535 C  CB  . VAL A 1 68 ? 2.365   -3.763  -10.163 1.00 9.23   ? 76  VAL A CB  1 
ATOM   536 C  CG1 . VAL A 1 68 ? 2.778   -5.223  -10.272 1.00 10.04  ? 76  VAL A CG1 1 
ATOM   537 C  CG2 . VAL A 1 68 ? 0.916   -3.662  -9.705  1.00 8.97   ? 76  VAL A CG2 1 
ATOM   538 N  N   . SER A 1 69 ? 5.338   -2.736  -10.569 1.00 9.32   ? 77  SER A N   1 
ATOM   539 C  CA  A SER A 1 69 ? 6.747   -2.967  -10.917 0.50 9.84   ? 77  SER A CA  1 
ATOM   540 C  CA  B SER A 1 69 ? 6.738   -2.984  -10.904 0.50 10.00  ? 77  SER A CA  1 
ATOM   541 C  C   . SER A 1 69 ? 7.669   -2.535  -9.773  1.00 11.43  ? 77  SER A C   1 
ATOM   542 O  O   . SER A 1 69 ? 8.625   -3.248  -9.454  1.00 12.26  ? 77  SER A O   1 
ATOM   543 C  CB  A SER A 1 69 ? 7.124   -2.222  -12.199 0.50 11.42  ? 77  SER A CB  1 
ATOM   544 C  CB  B SER A 1 69 ? 7.100   -2.296  -12.214 0.50 12.27  ? 77  SER A CB  1 
ATOM   545 O  OG  A SER A 1 69 ? 8.474   -2.453  -12.581 0.50 13.01  ? 77  SER A OG  1 
ATOM   546 O  OG  B SER A 1 69 ? 6.358   -2.863  -13.281 0.50 16.54  ? 77  SER A OG  1 
ATOM   547 N  N   . ARG A 1 70 ? 7.388   -1.365  -9.150  1.00 10.31  ? 78  ARG A N   1 
ATOM   548 C  CA  . ARG A 1 70 ? 8.212   -0.866  -8.053  1.00 10.23  ? 78  ARG A CA  1 
ATOM   549 C  C   . ARG A 1 70 ? 8.165   -1.800  -6.866  1.00 10.35  ? 78  ARG A C   1 
ATOM   550 O  O   . ARG A 1 70 ? 9.195   -2.049  -6.227  1.00 12.07  ? 78  ARG A O   1 
ATOM   551 C  CB  . ARG A 1 70 ? 7.768   0.526   -7.578  1.00 10.04  ? 78  ARG A CB  1 
ATOM   552 C  CG  . ARG A 1 70 ? 7.903   1.652   -8.580  1.00 13.46  ? 78  ARG A CG  1 
ATOM   553 C  CD  . ARG A 1 70 ? 9.307   1.777   -9.174  1.00 15.54  ? 78  ARG A CD  1 
ATOM   554 N  NE  . ARG A 1 70 ? 9.381   2.904   -10.098 1.00 16.27  ? 78  ARG A NE  1 
ATOM   555 C  CZ  . ARG A 1 70 ? 8.994   2.870   -11.375 1.00 36.20  ? 78  ARG A CZ  1 
ATOM   556 N  NH1 . ARG A 1 70 ? 8.537   1.744   -11.910 1.00 24.55  ? 78  ARG A NH1 1 
ATOM   557 N  NH2 . ARG A 1 70 ? 9.064   3.961   -12.125 1.00 32.17  ? 78  ARG A NH2 1 
ATOM   558 N  N   . ILE A 1 71 ? 6.980   -2.354  -6.563  1.00 8.98   ? 79  ILE A N   1 
ATOM   559 C  CA  . ILE A 1 71 ? 6.868   -3.268  -5.428  1.00 9.37   ? 79  ILE A CA  1 
ATOM   560 C  C   . ILE A 1 71 ? 7.565   -4.601  -5.727  1.00 12.44  ? 79  ILE A C   1 
ATOM   561 O  O   . ILE A 1 71 ? 8.273   -5.115  -4.861  1.00 13.90  ? 79  ILE A O   1 
ATOM   562 C  CB  . ILE A 1 71 ? 5.388   -3.469  -5.034  1.00 8.94   ? 79  ILE A CB  1 
ATOM   563 C  CG1 . ILE A 1 71 ? 4.767   -2.117  -4.552  1.00 8.55   ? 79  ILE A CG1 1 
ATOM   564 C  CG2 . ILE A 1 71 ? 5.258   -4.598  -3.988  1.00 9.19   ? 79  ILE A CG2 1 
ATOM   565 C  CD1 . ILE A 1 71 ? 3.296   -2.134  -4.431  1.00 10.03  ? 79  ILE A CD1 1 
ATOM   566 N  N   . ARG A 1 72 ? 7.403   -5.112  -6.939  1.00 10.38  ? 80  ARG A N   1 
ATOM   567 C  CA  . ARG A 1 72 ? 8.012   -6.380  -7.346  1.00 12.57  ? 80  ARG A CA  1 
ATOM   568 C  C   . ARG A 1 72 ? 9.527   -6.268  -7.497  1.00 15.19  ? 80  ARG A C   1 
ATOM   569 O  O   . ARG A 1 72 ? 10.210  -7.278  -7.353  1.00 15.84  ? 80  ARG A O   1 
ATOM   570 C  CB  . ARG A 1 72 ? 7.378   -6.867  -8.646  1.00 13.79  ? 80  ARG A CB  1 
ATOM   571 C  CG  . ARG A 1 72 ? 5.959   -7.395  -8.495  1.00 15.73  ? 80  ARG A CG  1 
ATOM   572 C  CD  . ARG A 1 72 ? 5.464   -8.085  -9.755  1.00 18.06  ? 80  ARG A CD  1 
ATOM   573 N  NE  . ARG A 1 72 ? 4.146   -8.682  -9.538  1.00 21.77  ? 80  ARG A NE  1 
ATOM   574 C  CZ  . ARG A 1 72 ? 3.215   -8.804  -10.477 1.00 24.18  ? 80  ARG A CZ  1 
ATOM   575 N  NH1 . ARG A 1 72 ? 3.436   -8.351  -11.702 1.00 20.59  ? 80  ARG A NH1 1 
ATOM   576 N  NH2 . ARG A 1 72 ? 2.047   -9.358  -10.191 1.00 22.85  ? 80  ARG A NH2 1 
ATOM   577 N  N   . ALA A 1 73 ? 10.046  -5.054  -7.774  1.00 13.77  ? 81  ALA A N   1 
ATOM   578 C  CA  . ALA A 1 73 ? 11.470  -4.781  -8.001  1.00 15.43  ? 81  ALA A CA  1 
ATOM   579 C  C   . ALA A 1 73 ? 12.288  -5.097  -6.776  1.00 16.13  ? 81  ALA A C   1 
ATOM   580 O  O   . ALA A 1 73 ? 13.420  -5.584  -6.899  1.00 17.18  ? 81  ALA A O   1 
ATOM   581 C  CB  . ALA A 1 73 ? 11.664  -3.326  -8.393  1.00 16.76  ? 81  ALA A CB  1 
ATOM   582 N  N   . ALA A 1 74 ? 11.724  -4.827  -5.589  1.00 17.21  ? 82  ALA A N   1 
ATOM   583 C  CA  . ALA A 1 74 ? 12.372  -5.064  -4.310  1.00 18.01  ? 82  ALA A CA  1 
ATOM   584 C  C   . ALA A 1 74 ? 12.650  -6.565  -4.121  1.00 21.94  ? 82  ALA A C   1 
ATOM   585 O  O   . ALA A 1 74 ? 11.770  -7.390  -4.346  1.00 19.91  ? 82  ALA A O   1 
ATOM   586 C  CB  . ALA A 1 74 ? 11.490  -4.539  -3.198  1.00 18.87  ? 82  ALA A CB  1 
ATOM   587 N  N   . LEU A 1 75 ? 13.902  -6.925  -3.787  1.00 21.88  ? 83  LEU A N   1 
ATOM   588 C  CA  . LEU A 1 75 ? 14.260  -8.339  -3.654  1.00 20.67  ? 83  LEU A CA  1 
ATOM   589 C  C   . LEU A 1 75 ? 13.534  -9.120  -2.541  1.00 23.74  ? 83  LEU A C   1 
ATOM   590 O  O   . LEU A 1 75 ? 12.936  -10.155 -2.847  1.00 21.88  ? 83  LEU A O   1 
ATOM   591 C  CB  . LEU A 1 75 ? 15.794  -8.571  -3.663  1.00 21.93  ? 83  LEU A CB  1 
ATOM   592 C  CG  . LEU A 1 75 ? 16.301  -10.039 -3.643  1.00 26.38  ? 83  LEU A CG  1 
ATOM   593 C  CD1 . LEU A 1 75 ? 15.625  -10.902 -4.695  1.00 28.16  ? 83  LEU A CD1 1 
ATOM   594 C  CD2 . LEU A 1 75 ? 17.768  -10.105 -3.908  1.00 27.53  ? 83  LEU A CD2 1 
ATOM   595 N  N   . ASN A 1 76 ? 13.576  -8.656  -1.270  1.00 20.92  ? 84  ASN A N   1 
ATOM   596 C  CA  . ASN A 1 76 ? 12.913  -9.404  -0.192  1.00 20.67  ? 84  ASN A CA  1 
ATOM   597 C  C   . ASN A 1 76 ? 12.206  -8.590  0.888   1.00 20.67  ? 84  ASN A C   1 
ATOM   598 O  O   . ASN A 1 76 ? 11.791  -9.138  1.912   1.00 20.01  ? 84  ASN A O   1 
ATOM   599 C  CB  . ASN A 1 76 ? 13.834  -10.478 0.406   1.00 25.82  ? 84  ASN A CB  1 
ATOM   600 C  CG  . ASN A 1 76 ? 13.416  -11.889 0.035   1.00 61.91  ? 84  ASN A CG  1 
ATOM   601 O  OD1 . ASN A 1 76 ? 12.843  -12.631 0.845   1.00 59.28  ? 84  ASN A OD1 1 
ATOM   602 N  ND2 . ASN A 1 76 ? 13.670  -12.287 -1.206  1.00 53.23  ? 84  ASN A ND2 1 
ATOM   603 N  N   . ALA A 1 77 ? 12.031  -7.296  0.646   1.00 17.78  ? 85  ALA A N   1 
ATOM   604 C  CA  . ALA A 1 77 ? 11.365  -6.396  1.582   1.00 17.38  ? 85  ALA A CA  1 
ATOM   605 C  C   . ALA A 1 77 ? 10.919  -5.164  0.863   1.00 19.95  ? 85  ALA A C   1 
ATOM   606 O  O   . ALA A 1 77 ? 11.547  -4.775  -0.110  1.00 20.66  ? 85  ALA A O   1 
ATOM   607 C  CB  . ALA A 1 77 ? 12.319  -6.004  2.713   1.00 19.16  ? 85  ALA A CB  1 
ATOM   608 N  N   . VAL A 1 78 ? 9.860   -4.517  1.346   1.00 14.51  ? 86  VAL A N   1 
ATOM   609 C  CA  . VAL A 1 78 ? 9.398   -3.281  0.737   1.00 13.14  ? 86  VAL A CA  1 
ATOM   610 C  C   . VAL A 1 78 ? 8.887   -2.344  1.796   1.00 12.33  ? 86  VAL A C   1 
ATOM   611 O  O   . VAL A 1 78 ? 8.238   -2.774  2.743   1.00 12.15  ? 86  VAL A O   1 
ATOM   612 C  CB  . VAL A 1 78 ? 8.388   -3.540  -0.415  1.00 15.00  ? 86  VAL A CB  1 
ATOM   613 C  CG1 . VAL A 1 78 ? 7.062   -4.090  0.102   1.00 13.23  ? 86  VAL A CG1 1 
ATOM   614 C  CG2 . VAL A 1 78 ? 8.157   -2.292  -1.261  1.00 13.91  ? 86  VAL A CG2 1 
ATOM   615 N  N   . ARG A 1 79 ? 9.241   -1.079  1.662   1.00 11.52  ? 87  ARG A N   1 
ATOM   616 C  CA  . ARG A 1 79 ? 8.782   -0.008  2.528   1.00 10.38  ? 87  ARG A CA  1 
ATOM   617 C  C   . ARG A 1 79 ? 7.616   0.676   1.788   1.00 10.29  ? 87  ARG A C   1 
ATOM   618 O  O   . ARG A 1 79 ? 7.768   1.089   0.628   1.00 10.66  ? 87  ARG A O   1 
ATOM   619 C  CB  . ARG A 1 79 ? 9.959   0.942   2.709   1.00 13.40  ? 87  ARG A CB  1 
ATOM   620 C  CG  . ARG A 1 79 ? 9.755   2.131   3.592   1.00 26.78  ? 87  ARG A CG  1 
ATOM   621 C  CD  . ARG A 1 79 ? 11.055  2.912   3.700   1.00 30.43  ? 87  ARG A CD  1 
ATOM   622 N  NE  . ARG A 1 79 ? 11.772  2.594   4.933   1.00 27.02  ? 87  ARG A NE  1 
ATOM   623 C  CZ  . ARG A 1 79 ? 12.285  3.502   5.762   1.00 32.80  ? 87  ARG A CZ  1 
ATOM   624 N  NH1 . ARG A 1 79 ? 12.162  4.802   5.497   1.00 17.92  ? 87  ARG A NH1 1 
ATOM   625 N  NH2 . ARG A 1 79 ? 12.891  3.121   6.879   1.00 22.34  ? 87  ARG A NH2 1 
ATOM   626 N  N   . LEU A 1 80 ? 6.459   0.793   2.445   1.00 8.12   ? 88  LEU A N   1 
ATOM   627 C  CA  . LEU A 1 80 ? 5.277   1.423   1.857   1.00 7.34   ? 88  LEU A CA  1 
ATOM   628 C  C   . LEU A 1 80 ? 4.820   2.566   2.749   1.00 8.21   ? 88  LEU A C   1 
ATOM   629 O  O   . LEU A 1 80 ? 4.563   2.308   3.950   1.00 10.65  ? 88  LEU A O   1 
ATOM   630 C  CB  . LEU A 1 80 ? 4.132   0.399   1.744   1.00 8.00   ? 88  LEU A CB  1 
ATOM   631 C  CG  . LEU A 1 80 ? 4.416   -0.850  0.905   1.00 9.32   ? 88  LEU A CG  1 
ATOM   632 C  CD1 . LEU A 1 80 ? 3.228   -1.811  0.937   1.00 9.95   ? 88  LEU A CD1 1 
ATOM   633 C  CD2 . LEU A 1 80 ? 4.808   -0.500  -0.544  1.00 9.83   ? 88  LEU A CD2 1 
ATOM   634 N  N   . LEU A 1 81 ? 4.789   3.787   2.235   1.00 5.80   ? 89  LEU A N   1 
ATOM   635 C  CA  . LEU A 1 81 ? 4.281   4.948   2.977   1.00 5.91   ? 89  LEU A CA  1 
ATOM   636 C  C   . LEU A 1 81 ? 2.819   5.099   2.560   1.00 5.28   ? 89  LEU A C   1 
ATOM   637 O  O   . LEU A 1 81 ? 2.544   5.232   1.363   1.00 5.81   ? 89  LEU A O   1 
ATOM   638 C  CB  . LEU A 1 81 ? 5.069   6.202   2.620   1.00 6.59   ? 89  LEU A CB  1 
ATOM   639 C  CG  . LEU A 1 81 ? 4.726   7.410   3.491   1.00 7.32   ? 89  LEU A CG  1 
ATOM   640 C  CD1 . LEU A 1 81 ? 5.203   7.283   4.888   1.00 10.13  ? 89  LEU A CD1 1 
ATOM   641 C  CD2 . LEU A 1 81 ? 5.304   8.669   2.910   1.00 8.34   ? 89  LEU A CD2 1 
ATOM   642 N  N   . VAL A 1 82 ? 1.896   5.058   3.532   1.00 5.09   ? 90  VAL A N   1 
ATOM   643 C  CA  . VAL A 1 82 ? 0.474   5.074   3.274   1.00 5.02   ? 90  VAL A CA  1 
ATOM   644 C  C   . VAL A 1 82 ? -0.217  6.208   3.996   1.00 5.59   ? 90  VAL A C   1 
ATOM   645 O  O   . VAL A 1 82 ? 0.272   6.693   5.041   1.00 7.34   ? 90  VAL A O   1 
ATOM   646 C  CB  . VAL A 1 82 ? -0.186  3.716   3.646   1.00 6.77   ? 90  VAL A CB  1 
ATOM   647 C  CG1 . VAL A 1 82 ? 0.379   2.577   2.789   1.00 7.30   ? 90  VAL A CG1 1 
ATOM   648 C  CG2 . VAL A 1 82 ? -0.063  3.405   5.151   1.00 7.84   ? 90  VAL A CG2 1 
ATOM   649 N  N   . VAL A 1 83 ? -1.381  6.582   3.515   1.00 5.87   ? 91  VAL A N   1 
ATOM   650 C  CA  . VAL A 1 83 ? -2.298  7.468   4.213   1.00 6.24   ? 91  VAL A CA  1 
ATOM   651 C  C   . VAL A 1 83 ? -3.500  6.623   4.576   1.00 6.27   ? 91  VAL A C   1 
ATOM   652 O  O   . VAL A 1 83 ? -4.150  6.029   3.703   1.00 5.93   ? 91  VAL A O   1 
ATOM   653 C  CB  . VAL A 1 83 ? -2.699  8.711   3.395   1.00 8.55   ? 91  VAL A CB  1 
ATOM   654 C  CG1 . VAL A 1 83 ? -3.824  9.496   4.090   1.00 9.73   ? 91  VAL A CG1 1 
ATOM   655 C  CG2 . VAL A 1 83 ? -1.488  9.608   3.184   1.00 10.11  ? 91  VAL A CG2 1 
ATOM   656 N  N   . ASP A 1 84 ? -3.774  6.514   5.885   1.00 5.44   ? 92  ASP A N   1 
ATOM   657 C  CA  . ASP A 1 84 ? -4.880  5.686   6.354   1.00 6.40   ? 92  ASP A CA  1 
ATOM   658 C  C   . ASP A 1 84 ? -6.230  6.366   6.094   1.00 7.11   ? 92  ASP A C   1 
ATOM   659 O  O   . ASP A 1 84 ? -6.335  7.584   6.087   1.00 7.82   ? 92  ASP A O   1 
ATOM   660 C  CB  . ASP A 1 84 ? -4.688  5.429   7.855   1.00 7.99   ? 92  ASP A CB  1 
ATOM   661 C  CG  . ASP A 1 84 ? -3.425  4.644   8.177   1.00 8.30   ? 92  ASP A CG  1 
ATOM   662 O  OD1 . ASP A 1 84 ? -3.282  3.500   7.673   1.00 8.00   ? 92  ASP A OD1 1 
ATOM   663 O  OD2 . ASP A 1 84 ? -2.598  5.152   8.971   1.00 9.83   ? 92  ASP A OD2 1 
ATOM   664 N  N   . PRO A 1 85 ? -7.270  5.540   5.867   1.00 7.00   ? 93  PRO A N   1 
ATOM   665 C  CA  . PRO A 1 85 ? -8.597  6.091   5.607   1.00 8.12   ? 93  PRO A CA  1 
ATOM   666 C  C   . PRO A 1 85 ? -9.214  6.700   6.856   1.00 8.19   ? 93  PRO A C   1 
ATOM   667 O  O   . PRO A 1 85 ? -8.878  6.374   7.981   1.00 8.22   ? 93  PRO A O   1 
ATOM   668 C  CB  . PRO A 1 85 ? -9.391  4.878   5.128   1.00 10.00  ? 93  PRO A CB  1 
ATOM   669 C  CG  . PRO A 1 85 ? -8.747  3.729   5.791   1.00 11.19  ? 93  PRO A CG  1 
ATOM   670 C  CD  . PRO A 1 85 ? -7.268  4.062   5.830   1.00 8.71   ? 93  PRO A CD  1 
ATOM   671 N  N   . GLU A 1 86 ? -10.158 7.601   6.631   1.00 10.00  ? 94  GLU A N   1 
ATOM   672 C  CA  . GLU A 1 86 ? -10.899 8.215   7.739   1.00 10.50  ? 94  GLU A CA  1 
ATOM   673 C  C   . GLU A 1 86 ? -11.729 7.168   8.491   1.00 9.96   ? 94  GLU A C   1 
ATOM   674 O  O   . GLU A 1 86 ? -12.233 6.211   7.884   1.00 10.68  ? 94  GLU A O   1 
ATOM   675 C  CB  . GLU A 1 86 ? -11.854 9.303   7.228   1.00 13.48  ? 94  GLU A CB  1 
ATOM   676 C  CG  . GLU A 1 86 ? -11.162 10.544  6.679   1.00 22.88  ? 94  GLU A CG  1 
ATOM   677 C  CD  . GLU A 1 86 ? -10.156 11.257  7.564   1.00 51.20  ? 94  GLU A CD  1 
ATOM   678 O  OE1 . GLU A 1 86 ? -9.076  11.616  7.045   1.00 48.78  ? 94  GLU A OE1 1 
ATOM   679 O  OE2 . GLU A 1 86 ? -10.448 11.474  8.763   1.00 48.26  ? 94  GLU A OE2 1 
ATOM   680 N  N   . THR A 1 87 ? -11.827 7.339   9.794   1.00 8.86   ? 95  THR A N   1 
ATOM   681 C  CA  . THR A 1 87 ? -12.604 6.439   10.641  1.00 9.26   ? 95  THR A CA  1 
ATOM   682 C  C   . THR A 1 87 ? -13.725 7.169   11.384  1.00 9.02   ? 95  THR A C   1 
ATOM   683 O  O   . THR A 1 87 ? -14.552 6.491   12.004  1.00 11.73  ? 95  THR A O   1 
ATOM   684 C  CB  . THR A 1 87 ? -11.707 5.673   11.625  1.00 12.85  ? 95  THR A CB  1 
ATOM   685 O  OG1 . THR A 1 87 ? -11.029 6.600   12.472  1.00 15.40  ? 95  THR A OG1 1 
ATOM   686 C  CG2 . THR A 1 87 ? -10.706 4.761   10.942  1.00 16.01  ? 95  THR A CG2 1 
ATOM   687 N  N   . SER A 1 88 ? -13.793 8.497   11.319  1.00 7.50   ? 96  SER A N   1 
ATOM   688 C  CA  A SER A 1 88 ? -14.821 9.257   12.031  0.50 7.82   ? 96  SER A CA  1 
ATOM   689 C  CA  B SER A 1 88 ? -14.790 9.297   12.040  0.50 7.88   ? 96  SER A CA  1 
ATOM   690 C  C   . SER A 1 88 ? -15.481 10.224  11.085  1.00 8.60   ? 96  SER A C   1 
ATOM   691 O  O   . SER A 1 88 ? -14.771 11.004  10.402  1.00 9.74   ? 96  SER A O   1 
ATOM   692 C  CB  A SER A 1 88 ? -14.206 10.040  13.193  0.50 10.91  ? 96  SER A CB  1 
ATOM   693 C  CB  B SER A 1 88 ? -14.097 10.166  13.095  0.50 11.12  ? 96  SER A CB  1 
ATOM   694 O  OG  A SER A 1 88 ? -15.155 10.905  13.801  0.50 8.33   ? 96  SER A OG  1 
ATOM   695 O  OG  B SER A 1 88 ? -13.577 9.383   14.153  0.50 18.17  ? 96  SER A OG  1 
ATOM   696 N  N   . THR A 1 89 ? -16.836 10.209  11.060  1.00 7.34   ? 97  THR A N   1 
ATOM   697 C  CA  . THR A 1 89 ? -17.578 11.166  10.279  1.00 6.15   ? 97  THR A CA  1 
ATOM   698 C  C   . THR A 1 89 ? -18.763 11.606  11.089  1.00 6.79   ? 97  THR A C   1 
ATOM   699 O  O   . THR A 1 89 ? -19.397 10.773  11.767  1.00 7.93   ? 97  THR A O   1 
ATOM   700 C  CB  . THR A 1 89 ? -18.058 10.553  8.952   1.00 7.96   ? 97  THR A CB  1 
ATOM   701 O  OG1 . THR A 1 89 ? -16.927 9.982   8.255   1.00 9.04   ? 97  THR A OG1 1 
ATOM   702 C  CG2 . THR A 1 89 ? -18.754 11.580  8.073   1.00 9.92   ? 97  THR A CG2 1 
ATOM   703 N  N   . THR A 1 90 ? -19.108 12.885  11.012  1.00 7.94   ? 98  THR A N   1 
ATOM   704 C  CA  . THR A 1 90 ? -20.294 13.417  11.683  1.00 9.68   ? 98  THR A CA  1 
ATOM   705 C  C   . THR A 1 90 ? -21.413 13.510  10.691  1.00 12.03  ? 98  THR A C   1 
ATOM   706 O  O   . THR A 1 90 ? -21.244 14.114  9.598   1.00 13.14  ? 98  THR A O   1 
ATOM   707 C  CB  . THR A 1 90 ? -20.014 14.770  12.305  1.00 11.97  ? 98  THR A CB  1 
ATOM   708 O  OG1 . THR A 1 90 ? -18.961 14.626  13.248  1.00 11.73  ? 98  THR A OG1 1 
ATOM   709 C  CG2 . THR A 1 90 ? -21.258 15.373  13.003  1.00 14.61  ? 98  THR A CG2 1 
ATOM   710 N  N   . LEU A 1 91 ? -22.577 12.977  11.047  1.00 10.83  ? 99  LEU A N   1 
ATOM   711 C  CA  . LEU A 1 91 ? -23.753 12.960  10.209  1.00 12.38  ? 99  LEU A CA  1 
ATOM   712 C  C   . LEU A 1 91 ? -24.924 13.727  10.808  1.00 12.90  ? 99  LEU A C   1 
ATOM   713 O  O   . LEU A 1 91 ? -25.888 13.953  10.042  1.00 14.71  ? 99  LEU A O   1 
ATOM   714 C  CB  . LEU A 1 91 ? -24.127 11.512  9.874   1.00 13.26  ? 99  LEU A CB  1 
ATOM   715 C  CG  . LEU A 1 91 ? -23.040 10.802  9.056   1.00 18.14  ? 99  LEU A CG  1 
ATOM   716 C  CD1 . LEU A 1 91 ? -23.153 9.329   9.139   1.00 18.53  ? 99  LEU A CD1 1 
ATOM   717 C  CD2 . LEU A 1 91 ? -23.069 11.216  7.618   1.00 21.14  ? 99  LEU A CD2 1 
ATOM   718 O  OXT . LEU A 1 91 ? -24.884 14.036  12.012  1.00 12.51  ? 99  LEU A OXT 1 
HETATM 719 C  C   . ACY B 2 .  ? 11.021  -17.043 0.001   1.00 24.61  ? 101 ACY A C   1 
HETATM 720 O  O   . ACY B 2 .  ? 11.863  -16.731 -0.866  1.00 23.29  ? 101 ACY A O   1 
HETATM 721 O  OXT . ACY B 2 .  ? 10.399  -16.085 0.730   1.00 28.13  ? 101 ACY A OXT 1 
HETATM 722 C  CH3 . ACY B 2 .  ? 10.612  -18.402 0.415   1.00 23.63  ? 101 ACY A CH3 1 
HETATM 723 CL CL  . CL  C 3 .  ? -6.762  6.381   2.615   1.00 16.97  ? 102 CL  A CL  1 
HETATM 724 O  O   . HOH D 4 .  ? -5.875  -8.143  7.759   1.00 27.42  ? 201 HOH A O   1 
HETATM 725 O  O   . HOH D 4 .  ? -10.050 -7.116  8.601   1.00 33.43  ? 202 HOH A O   1 
HETATM 726 O  O   . HOH D 4 .  ? -10.054 -4.089  7.356   1.00 31.86  ? 203 HOH A O   1 
HETATM 727 O  O   . HOH D 4 .  ? 0.543   -14.462 12.977  1.00 22.24  ? 204 HOH A O   1 
HETATM 728 O  O   . HOH D 4 .  ? 1.482   -4.992  -13.955 1.00 31.52  ? 205 HOH A O   1 
HETATM 729 O  O   . HOH D 4 .  ? 14.905  -5.962  -0.915  1.00 27.23  ? 206 HOH A O   1 
HETATM 730 O  O   . HOH D 4 .  ? 13.082  -0.870  1.608   1.00 41.51  ? 207 HOH A O   1 
HETATM 731 O  O   . HOH D 4 .  ? 8.497   9.993   -7.917  1.00 34.74  ? 208 HOH A O   1 
HETATM 732 O  O   . HOH D 4 .  ? 11.261  9.784   0.164   1.00 10.12  ? 209 HOH A O   1 
HETATM 733 O  O   . HOH D 4 .  ? -4.939  -10.026 -1.089  1.00 8.11   ? 210 HOH A O   1 
HETATM 734 O  O   . HOH D 4 .  ? -2.097  7.853   7.765   1.00 12.06  ? 211 HOH A O   1 
HETATM 735 O  O   . HOH D 4 .  ? -18.740 16.996  14.602  1.00 11.83  ? 212 HOH A O   1 
HETATM 736 O  O   . HOH D 4 .  ? -10.501 -4.940  1.179   1.00 10.58  ? 213 HOH A O   1 
HETATM 737 O  O   . HOH D 4 .  ? 5.423   6.110   10.301  1.00 11.26  ? 214 HOH A O   1 
HETATM 738 O  O   . HOH D 4 .  ? -17.492 14.733  9.523   1.00 10.46  ? 215 HOH A O   1 
HETATM 739 O  O   . HOH D 4 .  ? -1.763  6.394   -4.949  1.00 14.32  ? 216 HOH A O   1 
HETATM 740 O  O   . HOH D 4 .  ? 6.073   -8.027  7.088   1.00 13.88  ? 217 HOH A O   1 
HETATM 741 O  O   . HOH D 4 .  ? 10.047  10.674  -4.307  1.00 16.38  ? 218 HOH A O   1 
HETATM 742 O  O   . HOH D 4 .  ? 10.566  2.630   -5.706  1.00 14.60  ? 219 HOH A O   1 
HETATM 743 O  O   . HOH D 4 .  ? 3.948   8.429   10.685  1.00 10.10  ? 220 HOH A O   1 
HETATM 744 O  O   . HOH D 4 .  ? 6.083   12.823  11.735  1.00 11.54  ? 221 HOH A O   1 
HETATM 745 O  O   . HOH D 4 .  ? 9.110   -7.470  -3.663  1.00 14.81  ? 222 HOH A O   1 
HETATM 746 O  O   . HOH D 4 .  ? -8.100  -6.272  4.744   1.00 9.67   ? 223 HOH A O   1 
HETATM 747 O  O   . HOH D 4 .  ? -9.747  0.373   -4.036  1.00 16.74  ? 224 HOH A O   1 
HETATM 748 O  O   . HOH D 4 .  ? -9.842  4.608   1.206   1.00 13.90  ? 225 HOH A O   1 
HETATM 749 O  O   . HOH D 4 .  ? 5.721   10.090  12.003  1.00 11.78  ? 226 HOH A O   1 
HETATM 750 O  O   . HOH D 4 .  ? -0.519  8.549   10.832  1.00 17.14  ? 227 HOH A O   1 
HETATM 751 O  O   . HOH D 4 .  ? -7.616  4.249   9.237   1.00 13.82  ? 228 HOH A O   1 
HETATM 752 O  O   . HOH D 4 .  ? 6.037   11.782  -1.082  1.00 17.12  ? 229 HOH A O   1 
HETATM 753 O  O   . HOH D 4 .  ? -11.926 3.329   8.031   1.00 13.51  ? 230 HOH A O   1 
HETATM 754 O  O   . HOH D 4 .  ? 6.205   -5.644  11.548  1.00 14.92  ? 231 HOH A O   1 
HETATM 755 O  O   . HOH D 4 .  ? -11.781 -2.571  1.628   1.00 12.66  ? 232 HOH A O   1 
HETATM 756 O  O   . HOH D 4 .  ? -9.490  -0.135  7.128   1.00 17.29  ? 233 HOH A O   1 
HETATM 757 O  O   . HOH D 4 .  ? -2.379  8.945   -4.472  1.00 19.81  ? 234 HOH A O   1 
HETATM 758 O  O   . HOH D 4 .  ? 2.943   7.754   -14.958 1.00 17.99  ? 235 HOH A O   1 
HETATM 759 O  O   . HOH D 4 .  ? -2.612  -4.689  9.700   1.00 16.84  ? 236 HOH A O   1 
HETATM 760 O  O   . HOH D 4 .  ? -7.451  -4.301  6.558   1.00 10.13  ? 237 HOH A O   1 
HETATM 761 O  O   . HOH D 4 .  ? -7.571  9.803   4.862   1.00 20.44  ? 238 HOH A O   1 
HETATM 762 O  O   . HOH D 4 .  ? -0.710  5.891   -7.417  1.00 18.72  ? 239 HOH A O   1 
HETATM 763 O  O   . HOH D 4 .  ? 5.677   -1.965  9.609   1.00 16.69  ? 240 HOH A O   1 
HETATM 764 O  O   . HOH D 4 .  ? 3.949   -14.966 2.120   1.00 24.70  ? 241 HOH A O   1 
HETATM 765 O  O   . HOH D 4 .  ? 4.645   10.264  -8.316  1.00 16.28  ? 242 HOH A O   1 
HETATM 766 O  O   . HOH D 4 .  ? -9.556  2.108   8.864   1.00 17.00  ? 243 HOH A O   1 
HETATM 767 O  O   . HOH D 4 .  ? -2.351  -1.038  11.354  1.00 22.02  ? 244 HOH A O   1 
HETATM 768 O  O   . HOH D 4 .  ? -11.808 2.712   1.852   1.00 16.60  ? 245 HOH A O   1 
HETATM 769 O  O   . HOH D 4 .  ? 13.465  4.376   1.611   1.00 20.85  ? 246 HOH A O   1 
HETATM 770 O  O   . HOH D 4 .  ? 13.715  -3.218  -0.656  1.00 27.87  ? 247 HOH A O   1 
HETATM 771 O  O   . HOH D 4 .  ? 0.458   4.454   -5.556  1.00 15.48  ? 248 HOH A O   1 
HETATM 772 O  O   . HOH D 4 .  ? 8.231   4.059   0.809   1.00 14.59  ? 249 HOH A O   1 
HETATM 773 O  O   . HOH D 4 .  ? -8.381  -9.938  3.370   1.00 13.25  ? 250 HOH A O   1 
HETATM 774 O  O   . HOH D 4 .  ? 2.519   13.740  -5.948  1.00 29.19  ? 251 HOH A O   1 
HETATM 775 O  O   . HOH D 4 .  ? 7.697   -12.571 5.855   1.00 28.77  ? 252 HOH A O   1 
HETATM 776 O  O   . HOH D 4 .  ? -2.780  7.186   10.719  1.00 18.08  ? 253 HOH A O   1 
HETATM 777 O  O   . HOH D 4 .  ? 12.543  -8.408  -8.706  1.00 20.81  ? 254 HOH A O   1 
HETATM 778 O  O   . HOH D 4 .  ? 0.295   7.889   -14.098 1.00 24.17  ? 255 HOH A O   1 
HETATM 779 O  O   . HOH D 4 .  ? 2.159   2.066   -17.282 1.00 20.90  ? 256 HOH A O   1 
HETATM 780 O  O   . HOH D 4 .  ? 8.599   6.151   2.582   1.00 15.74  ? 257 HOH A O   1 
HETATM 781 O  O   . HOH D 4 .  ? 3.345   -13.800 7.695   1.00 25.24  ? 258 HOH A O   1 
HETATM 782 O  O   . HOH D 4 .  ? -10.190 8.720   3.899   1.00 24.94  ? 259 HOH A O   1 
HETATM 783 O  O   . HOH D 4 .  ? -24.266 16.461  13.380  1.00 29.04  ? 260 HOH A O   1 
HETATM 784 O  O   . HOH D 4 .  ? -5.471  -5.241  8.059   1.00 19.61  ? 261 HOH A O   1 
HETATM 785 O  O   . HOH D 4 .  ? -12.839 -2.706  4.258   1.00 20.99  ? 262 HOH A O   1 
HETATM 786 O  O   . HOH D 4 .  ? 7.175   -6.327  8.967   1.00 19.20  ? 263 HOH A O   1 
HETATM 787 O  O   . HOH D 4 .  ? 7.290   -9.006  -4.987  1.00 21.80  ? 264 HOH A O   1 
HETATM 788 O  O   . HOH D 4 .  ? 1.788   7.880   12.325  1.00 18.10  ? 265 HOH A O   1 
HETATM 789 O  O   . HOH D 4 .  ? -13.625 2.451   9.759   1.00 28.73  ? 266 HOH A O   1 
HETATM 790 O  O   . HOH D 4 .  ? 14.677  5.829   -0.483  1.00 19.56  ? 267 HOH A O   1 
HETATM 791 O  O   . HOH D 4 .  ? -12.056 -5.245  -1.071  1.00 15.84  ? 268 HOH A O   1 
HETATM 792 O  O   . HOH D 4 .  ? -0.214  -10.474 -11.412 1.00 24.57  ? 269 HOH A O   1 
HETATM 793 O  O   . HOH D 4 .  ? -10.595 7.124   1.588   1.00 31.99  ? 270 HOH A O   1 
HETATM 794 O  O   . HOH D 4 .  ? -4.788  -15.672 2.551   1.00 25.23  ? 271 HOH A O   1 
HETATM 795 O  O   . HOH D 4 .  ? -8.442  -12.193 1.830   1.00 19.15  ? 272 HOH A O   1 
HETATM 796 O  O   . HOH D 4 .  ? 6.198   -1.099  12.252  1.00 18.46  ? 273 HOH A O   1 
HETATM 797 O  O   . HOH D 4 .  ? -10.867 9.415   13.561  1.00 24.52  ? 274 HOH A O   1 
HETATM 798 O  O   . HOH D 4 .  ? 4.761   14.242  13.696  1.00 19.27  ? 275 HOH A O   1 
HETATM 799 O  O   . HOH D 4 .  ? -8.714  8.518   -0.849  1.00 21.92  ? 276 HOH A O   1 
HETATM 800 O  O   . HOH D 4 .  ? -6.738  8.685   0.940   1.00 17.62  ? 277 HOH A O   1 
HETATM 801 O  O   . HOH D 4 .  ? 1.901   7.562   -17.565 1.00 22.16  ? 278 HOH A O   1 
HETATM 802 O  O   . HOH D 4 .  ? -8.292  -8.248  6.875   1.00 20.48  ? 279 HOH A O   1 
HETATM 803 O  O   . HOH D 4 .  ? -13.248 1.761   6.048   1.00 20.52  ? 280 HOH A O   1 
HETATM 804 O  O   . HOH D 4 .  ? 4.433   13.011  -7.827  1.00 20.06  ? 281 HOH A O   1 
HETATM 805 O  O   . HOH D 4 .  ? 14.281  9.211   -7.599  1.00 29.12  ? 282 HOH A O   1 
HETATM 806 O  O   . HOH D 4 .  ? -2.212  5.474   -9.900  1.00 26.97  ? 283 HOH A O   1 
HETATM 807 O  O   . HOH D 4 .  ? -0.783  -10.873 11.433  1.00 30.84  ? 284 HOH A O   1 
HETATM 808 O  O   . HOH D 4 .  ? 6.521   11.962  2.258   1.00 24.34  ? 285 HOH A O   1 
HETATM 809 O  O   . HOH D 4 .  ? 12.682  9.731   -3.708  1.00 24.02  ? 286 HOH A O   1 
HETATM 810 O  O   . HOH D 4 .  ? -1.299  13.252  3.895   1.00 23.40  ? 287 HOH A O   1 
HETATM 811 O  O   . HOH D 4 .  ? -0.686  12.536  -0.077  1.00 24.76  ? 288 HOH A O   1 
HETATM 812 O  O   . HOH D 4 .  ? -10.490 -5.439  -3.796  1.00 33.42  ? 289 HOH A O   1 
HETATM 813 O  O   . HOH D 4 .  ? -0.472  -5.479  12.788  1.00 28.55  ? 290 HOH A O   1 
HETATM 814 O  O   . HOH D 4 .  ? 3.890   -4.136  -13.799 1.00 21.03  ? 291 HOH A O   1 
HETATM 815 O  O   . HOH D 4 .  ? -7.555  -14.752 3.001   1.00 23.72  ? 292 HOH A O   1 
HETATM 816 O  O   . HOH D 4 .  ? 6.819   9.674   -9.935  1.00 22.34  ? 293 HOH A O   1 
HETATM 817 O  O   . HOH D 4 .  ? -11.616 0.144   4.890   1.00 26.79  ? 294 HOH A O   1 
HETATM 818 O  O   . HOH D 4 .  ? 0.616   15.101  4.625   1.00 29.18  ? 295 HOH A O   1 
HETATM 819 O  O   . HOH D 4 .  ? 8.925   -9.817  -7.347  1.00 35.06  ? 296 HOH A O   1 
HETATM 820 O  O   . HOH D 4 .  ? -15.020 11.418  7.163   1.00 21.31  ? 297 HOH A O   1 
HETATM 821 O  O   . HOH D 4 .  ? 4.351   0.348   10.884  1.00 38.28  ? 298 HOH A O   1 
HETATM 822 O  O   . HOH D 4 .  ? -0.065  -8.840  12.990  1.00 25.51  ? 299 HOH A O   1 
HETATM 823 O  O   . HOH D 4 .  ? 4.649   10.488  14.583  1.00 24.74  ? 300 HOH A O   1 
HETATM 824 O  O   . HOH D 4 .  ? 1.176   -6.545  14.724  1.00 21.17  ? 301 HOH A O   1 
HETATM 825 O  O   . HOH D 4 .  ? -0.599  -17.519 0.789   1.00 48.45  ? 302 HOH A O   1 
HETATM 826 O  O   . HOH D 4 .  ? 10.915  -3.912  5.217   1.00 31.51  ? 303 HOH A O   1 
HETATM 827 O  O   . HOH D 4 .  ? -11.108 4.643   -3.686  1.00 28.10  ? 304 HOH A O   1 
HETATM 828 O  O   . HOH D 4 .  ? -13.435 2.588   -4.018  1.00 36.78  ? 305 HOH A O   1 
HETATM 829 O  O   . HOH D 4 .  ? -7.277  10.967  2.453   1.00 29.11  ? 306 HOH A O   1 
HETATM 830 O  O   . HOH D 4 .  ? 8.419   0.324   12.777  1.00 28.22  ? 307 HOH A O   1 
HETATM 831 O  O   . HOH D 4 .  ? -4.469  -15.748 5.263   1.00 34.60  ? 308 HOH A O   1 
HETATM 832 O  O   . HOH D 4 .  ? 6.003   -0.784  -15.164 1.00 33.41  ? 309 HOH A O   1 
HETATM 833 O  O   . HOH D 4 .  ? -14.649 9.039   5.158   1.00 30.80  ? 310 HOH A O   1 
HETATM 834 O  O   . HOH D 4 .  ? 15.104  4.086   4.066   1.00 31.98  ? 311 HOH A O   1 
HETATM 835 O  O   . HOH D 4 .  ? 1.056   12.049  2.336   1.00 26.03  ? 312 HOH A O   1 
HETATM 836 O  O   . HOH D 4 .  ? -4.460  -12.536 11.991  1.00 30.55  ? 313 HOH A O   1 
HETATM 837 O  O   . HOH D 4 .  ? 1.318   -7.953  -13.562 1.00 33.94  ? 314 HOH A O   1 
HETATM 838 O  O   . HOH D 4 .  ? 10.091  -4.344  9.643   1.00 36.25  ? 315 HOH A O   1 
HETATM 839 O  O   . HOH D 4 .  ? 4.160   -10.444 -7.360  1.00 32.12  ? 316 HOH A O   1 
HETATM 840 O  O   . HOH D 4 .  ? -25.749 14.534  7.422   1.00 29.59  ? 317 HOH A O   1 
HETATM 841 O  O   . HOH D 4 .  ? 10.308  -0.302  14.576  1.00 38.10  ? 318 HOH A O   1 
HETATM 842 O  O   . HOH D 4 .  ? 1.001   -13.851 2.323   1.00 25.86  ? 319 HOH A O   1 
HETATM 843 O  O   . HOH D 4 .  ? 11.100  8.948   -7.859  1.00 23.08  ? 320 HOH A O   1 
HETATM 844 O  O   . HOH D 4 .  ? -26.041 18.177  14.660  1.00 38.17  ? 321 HOH A O   1 
HETATM 845 O  O   . HOH D 4 .  ? -12.342 10.489  3.478   1.00 33.19  ? 322 HOH A O   1 
HETATM 846 O  O   . HOH D 4 .  ? -11.274 0.023   -9.785  1.00 54.32  ? 323 HOH A O   1 
HETATM 847 O  O   . HOH D 4 .  ? -9.892  14.568  -10.061 1.00 57.75  ? 324 HOH A O   1 
HETATM 848 O  O   . HOH D 4 .  ? -5.025  7.488   12.197  1.00 31.93  ? 325 HOH A O   1 
HETATM 849 O  O   . HOH D 4 .  ? 6.042   -11.971 -8.525  1.00 34.96  ? 326 HOH A O   1 
HETATM 850 O  O   . HOH D 4 .  ? 2.203   9.246   14.666  1.00 30.67  ? 327 HOH A O   1 
HETATM 851 O  O   . HOH D 4 .  ? -11.183 9.915   10.880  1.00 14.48  ? 328 HOH A O   1 
HETATM 852 O  O   . HOH D 4 .  ? 13.685  1.754   1.034   1.00 27.27  ? 329 HOH A O   1 
# 
loop_
_atom_site_anisotrop.id 
_atom_site_anisotrop.type_symbol 
_atom_site_anisotrop.pdbx_label_atom_id 
_atom_site_anisotrop.pdbx_label_alt_id 
_atom_site_anisotrop.pdbx_label_comp_id 
_atom_site_anisotrop.pdbx_label_asym_id 
_atom_site_anisotrop.pdbx_label_seq_id 
_atom_site_anisotrop.pdbx_PDB_ins_code 
_atom_site_anisotrop.U[1][1] 
_atom_site_anisotrop.U[2][2] 
_atom_site_anisotrop.U[3][3] 
_atom_site_anisotrop.U[1][2] 
_atom_site_anisotrop.U[1][3] 
_atom_site_anisotrop.U[2][3] 
_atom_site_anisotrop.pdbx_auth_seq_id 
_atom_site_anisotrop.pdbx_auth_comp_id 
_atom_site_anisotrop.pdbx_auth_asym_id 
_atom_site_anisotrop.pdbx_auth_atom_id 
1   N N   . GLY A 1  ? 0.3339 0.2764 0.3263 -0.0187 0.0383  -0.0186 9  GLY A N   
2   C CA  . GLY A 1  ? 0.3142 0.2672 0.3076 -0.0165 0.0315  -0.0154 9  GLY A CA  
3   C C   . GLY A 1  ? 0.3304 0.2967 0.3278 -0.0199 0.0282  -0.0191 9  GLY A C   
4   O O   . GLY A 1  ? 0.3371 0.3058 0.3361 -0.0247 0.0303  -0.0245 9  GLY A O   
5   N N   . MET A 2  ? 0.2568 0.2311 0.2549 -0.0174 0.0228  -0.0164 10 MET A N   
6   C CA  . MET A 2  ? 0.2210 0.2051 0.2199 -0.0199 0.0194  -0.0187 10 MET A CA  
7   C C   . MET A 2  ? 0.2091 0.1974 0.2081 -0.0232 0.0180  -0.0209 10 MET A C   
8   O O   . MET A 2  ? 0.2026 0.1896 0.2014 -0.0227 0.0173  -0.0186 10 MET A O   
9   C CB  . MET A 2  ? 0.2452 0.2348 0.2441 -0.0170 0.0150  -0.0151 10 MET A CB  
10  C CG  . MET A 2  ? 0.2860 0.2821 0.2832 -0.0192 0.0130  -0.0171 10 MET A CG  
11  S SD  . MET A 2  ? 0.3186 0.3190 0.3144 -0.0174 0.0087  -0.0131 10 MET A SD  
12  C CE  . MET A 2  ? 0.2745 0.2748 0.2749 -0.0151 0.0113  -0.0128 10 MET A CE  
13  N N   . LEU A 3  ? 0.1642 0.1579 0.1638 -0.0265 0.0171  -0.0259 11 LEU A N   
14  C CA  . LEU A 3  ? 0.1447 0.1448 0.1464 -0.0291 0.0147  -0.0293 11 LEU A CA  
15  C C   . LEU A 3  ? 0.1325 0.1364 0.1337 -0.0264 0.0099  -0.0252 11 LEU A C   
16  O O   . LEU A 3  ? 0.1344 0.1408 0.1323 -0.0241 0.0061  -0.0225 11 LEU A O   
17  C CB  . LEU A 3  ? 0.1578 0.1643 0.1582 -0.0311 0.0120  -0.0344 11 LEU A CB  
18  C CG  . LEU A 3  ? 0.2098 0.2251 0.2137 -0.0330 0.0083  -0.0396 11 LEU A CG  
19  C CD1 . LEU A 3  ? 0.2460 0.2610 0.2569 -0.0376 0.0135  -0.0452 11 LEU A CD1 
20  C CD2 . LEU A 3  ? 0.2208 0.2414 0.2202 -0.0335 0.0039  -0.0433 11 LEU A CD2 
21  N N   . PRO A 4  ? 0.1255 0.1296 0.1297 -0.0270 0.0108  -0.0252 12 PRO A N   
22  C CA  . PRO A 4  ? 0.1154 0.1234 0.1193 -0.0246 0.0065  -0.0223 12 PRO A CA  
23  C C   . PRO A 4  ? 0.0984 0.1149 0.1032 -0.0241 0.0009  -0.0253 12 PRO A C   
24  O O   . PRO A 4  ? 0.1122 0.1335 0.1194 -0.0265 0.0005  -0.0309 12 PRO A O   
25  C CB  . PRO A 4  ? 0.1593 0.1646 0.1659 -0.0262 0.0103  -0.0229 12 PRO A CB  
26  C CG  . PRO A 4  ? 0.2216 0.2239 0.2308 -0.0302 0.0159  -0.0276 12 PRO A CG  
27  C CD  . PRO A 4  ? 0.1609 0.1609 0.1681 -0.0306 0.0167  -0.0284 12 PRO A CD  
28  N N   . ARG A 5  ? 0.0952 0.1135 0.0977 -0.0211 -0.0035 -0.0221 13 ARG A N   
29  C CA  . ARG A 5  ? 0.0986 0.1220 0.0991 -0.0191 -0.0094 -0.0233 13 ARG A CA  
30  C C   . ARG A 5  ? 0.0947 0.1218 0.0988 -0.0167 -0.0124 -0.0232 13 ARG A C   
31  O O   . ARG A 5  ? 0.0891 0.1124 0.0927 -0.0159 -0.0108 -0.0195 13 ARG A O   
32  C CB  . ARG A 5  ? 0.1370 0.1560 0.1292 -0.0175 -0.0109 -0.0188 13 ARG A CB  
33  C CG  . ARG A 5  ? 0.1433 0.1636 0.1290 -0.0152 -0.0166 -0.0189 13 ARG A CG  
34  C CD  . ARG A 5  ? 0.1303 0.1444 0.1064 -0.0153 -0.0159 -0.0154 13 ARG A CD  
35  N NE  . ARG A 5  ? 0.1187 0.1284 0.0943 -0.0148 -0.0141 -0.0106 13 ARG A NE  
36  C CZ  . ARG A 5  ? 0.1423 0.1490 0.1139 -0.0126 -0.0168 -0.0074 13 ARG A CZ  
37  N NH1 . ARG A 5  ? 0.1979 0.2044 0.1643 -0.0099 -0.0217 -0.0078 13 ARG A NH1 
38  N NH2 . ARG A 5  ? 0.1518 0.1556 0.1242 -0.0129 -0.0148 -0.0043 13 ARG A NH2 
39  N N   . LEU A 6  ? 0.0923 0.1273 0.1005 -0.0155 -0.0167 -0.0279 14 LEU A N   
40  C CA  A LEU A 6  ? 0.0969 0.1366 0.1102 -0.0127 -0.0197 -0.0290 14 LEU A CA  
41  C CA  B LEU A 6  ? 0.0958 0.1352 0.1088 -0.0127 -0.0196 -0.0290 14 LEU A CA  
42  C C   . LEU A 6  ? 0.1162 0.1526 0.1217 -0.0077 -0.0255 -0.0248 14 LEU A C   
43  O O   . LEU A 6  ? 0.1382 0.1740 0.1369 -0.0056 -0.0301 -0.0246 14 LEU A O   
44  C CB  A LEU A 6  ? 0.1029 0.1541 0.1265 -0.0132 -0.0219 -0.0374 14 LEU A CB  
45  C CB  B LEU A 6  ? 0.1018 0.1526 0.1251 -0.0132 -0.0218 -0.0372 14 LEU A CB  
46  C CG  A LEU A 6  ? 0.1621 0.2168 0.1957 -0.0187 -0.0148 -0.0429 14 LEU A CG  
47  C CG  B LEU A 6  ? 0.1631 0.2205 0.1953 -0.0108 -0.0232 -0.0401 14 LEU A CG  
48  C CD1 A LEU A 6  ? 0.1763 0.2438 0.2205 -0.0202 -0.0172 -0.0523 14 LEU A CD1 
49  C CD1 B LEU A 6  ? 0.1771 0.2306 0.2127 -0.0144 -0.0153 -0.0391 14 LEU A CD1 
50  C CD2 A LEU A 6  ? 0.2034 0.2572 0.2416 -0.0189 -0.0109 -0.0421 14 LEU A CD2 
51  C CD2 B LEU A 6  ? 0.1434 0.2144 0.1868 -0.0105 -0.0268 -0.0491 14 LEU A CD2 
52  N N   . CYS A 7  ? 0.1140 0.1471 0.1195 -0.0057 -0.0252 -0.0216 15 CYS A N   
53  C CA  . CYS A 7  ? 0.1143 0.1427 0.1131 -0.0011 -0.0298 -0.0178 15 CYS A CA  
54  C C   . CYS A 7  ? 0.1286 0.1620 0.1350 0.0022  -0.0319 -0.0208 15 CYS A C   
55  O O   . CYS A 7  ? 0.1409 0.1760 0.1539 0.0001  -0.0275 -0.0222 15 CYS A O   
56  C CB  . CYS A 7  ? 0.1140 0.1330 0.1058 -0.0024 -0.0267 -0.0119 15 CYS A CB  
57  S SG  . CYS A 7  ? 0.1485 0.1627 0.1331 -0.0059 -0.0238 -0.0092 15 CYS A SG  
58  N N   . CYS A 8  ? 0.1220 0.1577 0.1273 0.0077  -0.0386 -0.0222 16 CYS A N   
59  C CA  . CYS A 8  ? 0.1280 0.1704 0.1427 0.0119  -0.0412 -0.0262 16 CYS A CA  
60  C C   . CYS A 8  ? 0.1475 0.1802 0.1539 0.0172  -0.0445 -0.0213 16 CYS A C   
61  O O   . CYS A 8  ? 0.1708 0.1976 0.1670 0.0215  -0.0499 -0.0186 16 CYS A O   
62  C CB  . CYS A 8  ? 0.1524 0.2071 0.1754 0.0149  -0.0470 -0.0333 16 CYS A CB  
63  S SG  . CYS A 8  ? 0.2125 0.2772 0.2447 0.0075  -0.0425 -0.0398 16 CYS A SG  
64  N N   . LEU A 9  ? 0.1174 0.1466 0.1261 0.0163  -0.0403 -0.0200 17 LEU A N   
65  C CA  . LEU A 9  ? 0.1298 0.1481 0.1305 0.0199  -0.0417 -0.0156 17 LEU A CA  
66  C C   . LEU A 9  ? 0.1610 0.1833 0.1694 0.0264  -0.0452 -0.0194 17 LEU A C   
67  O O   . LEU A 9  ? 0.1774 0.2099 0.1987 0.0255  -0.0429 -0.0252 17 LEU A O   
68  C CB  . LEU A 9  ? 0.1210 0.1328 0.1191 0.0150  -0.0353 -0.0125 17 LEU A CB  
69  C CG  . LEU A 9  ? 0.1256 0.1316 0.1157 0.0099  -0.0323 -0.0081 17 LEU A CG  
70  C CD1 . LEU A 9  ? 0.1240 0.1374 0.1192 0.0057  -0.0296 -0.0104 17 LEU A CD1 
71  C CD2 . LEU A 9  ? 0.1398 0.1399 0.1274 0.0069  -0.0283 -0.0057 17 LEU A CD2 
72  N N   . GLU A 10 ? 0.1574 0.1702 0.1569 0.0328  -0.0502 -0.0162 18 GLU A N   
73  C CA  . GLU A 10 ? 0.1640 0.1781 0.1696 0.0402  -0.0537 -0.0191 18 GLU A CA  
74  C C   . GLU A 10 ? 0.1914 0.1925 0.1905 0.0394  -0.0495 -0.0153 18 GLU A C   
75  O O   . GLU A 10 ? 0.1972 0.1842 0.1823 0.0385  -0.0491 -0.0093 18 GLU A O   
76  C CB  . GLU A 10 ? 0.2003 0.2113 0.1993 0.0493  -0.0631 -0.0183 18 GLU A CB  
77  C CG  . GLU A 10 ? 0.4016 0.4302 0.4141 0.0531  -0.0688 -0.0259 18 GLU A CG  
78  C CD  . GLU A 10 ? 0.7035 0.7410 0.7303 0.0608  -0.0724 -0.0322 18 GLU A CD  
79  O OE1 . GLU A 10 ? 0.5794 0.6260 0.6207 0.0571  -0.0663 -0.0374 18 GLU A OE1 
80  O OE2 . GLU A 10 ? 0.6478 0.6824 0.6705 0.0709  -0.0812 -0.0319 18 GLU A OE2 
81  N N   . LYS A 11 ? 0.1586 0.1644 0.1681 0.0389  -0.0457 -0.0194 19 LYS A N   
82  C CA  . LYS A 11 ? 0.1705 0.1657 0.1753 0.0374  -0.0413 -0.0173 19 LYS A CA  
83  C C   . LYS A 11 ? 0.1973 0.1785 0.1927 0.0445  -0.0453 -0.0140 19 LYS A C   
84  O O   . LYS A 11 ? 0.2051 0.1887 0.2049 0.0531  -0.0510 -0.0165 19 LYS A O   
85  C CB  . LYS A 11 ? 0.1911 0.1945 0.2083 0.0358  -0.0363 -0.0233 19 LYS A CB  
86  C CG  . LYS A 11 ? 0.2236 0.2179 0.2352 0.0312  -0.0304 -0.0216 19 LYS A CG  
87  C CD  . LYS A 11 ? 0.2464 0.2480 0.2683 0.0299  -0.0252 -0.0278 19 LYS A CD  
88  C CE  . LYS A 11 ? 0.3365 0.3288 0.3514 0.0259  -0.0202 -0.0267 19 LYS A CE  
89  N NZ  . LYS A 11 ? 0.4265 0.4247 0.4492 0.0241  -0.0143 -0.0328 19 LYS A NZ  
90  N N   . GLY A 12 ? 0.1835 0.1500 0.1660 0.0410  -0.0425 -0.0086 20 GLY A N   
91  C CA  . GLY A 12 ? 0.2076 0.1568 0.1786 0.0461  -0.0444 -0.0049 20 GLY A CA  
92  C C   . GLY A 12 ? 0.2468 0.1897 0.2200 0.0456  -0.0400 -0.0069 20 GLY A C   
93  O O   . GLY A 12 ? 0.2379 0.1904 0.2211 0.0417  -0.0359 -0.0113 20 GLY A O   
94  N N   . PRO A 13 ? 0.2443 0.1692 0.2067 0.0494  -0.0403 -0.0037 21 PRO A N   
95  C CA  . PRO A 13 ? 0.2538 0.1709 0.2173 0.0490  -0.0359 -0.0060 21 PRO A CA  
96  C C   . PRO A 13 ? 0.3194 0.2376 0.2833 0.0387  -0.0291 -0.0071 21 PRO A C   
97  O O   . PRO A 13 ? 0.3052 0.2234 0.2738 0.0376  -0.0255 -0.0111 21 PRO A O   
98  C CB  . PRO A 13 ? 0.3003 0.1951 0.2491 0.0540  -0.0372 -0.0013 21 PRO A CB  
99  C CG  . PRO A 13 ? 0.3333 0.2273 0.2762 0.0611  -0.0445 0.0021  21 PRO A CG  
100 C CD  . PRO A 13 ? 0.2708 0.1798 0.2178 0.0543  -0.0443 0.0021  21 PRO A CD  
101 N N   . ASN A 14 ? 0.2912 0.2099 0.2495 0.0315  -0.0275 -0.0038 22 ASN A N   
102 C CA  . ASN A 14 ? 0.2834 0.2045 0.2421 0.0225  -0.0224 -0.0049 22 ASN A CA  
103 C C   . ASN A 14 ? 0.3040 0.2410 0.2695 0.0184  -0.0224 -0.0058 22 ASN A C   
104 O O   . ASN A 14 ? 0.3383 0.2770 0.3016 0.0117  -0.0202 -0.0046 22 ASN A O   
105 C CB  . ASN A 14 ? 0.3330 0.2401 0.2804 0.0173  -0.0197 -0.0014 22 ASN A CB  
106 C CG  . ASN A 14 ? 0.6092 0.4984 0.5493 0.0203  -0.0181 -0.0011 22 ASN A CG  
107 O OD1 . ASN A 14 ? 0.4874 0.3738 0.4299 0.0189  -0.0152 -0.0048 22 ASN A OD1 
108 N ND2 . ASN A 14 ? 0.5242 0.3998 0.4540 0.0250  -0.0202 0.0034  22 ASN A ND2 
109 N N   . GLY A 15 ? 0.2151 0.1635 0.1896 0.0224  -0.0247 -0.0084 23 GLY A N   
110 C CA  . GLY A 15 ? 0.1830 0.1447 0.1635 0.0187  -0.0240 -0.0094 23 GLY A CA  
111 C C   . GLY A 15 ? 0.1740 0.1379 0.1515 0.0183  -0.0269 -0.0060 23 GLY A C   
112 O O   . GLY A 15 ? 0.1975 0.1572 0.1713 0.0235  -0.0310 -0.0043 23 GLY A O   
113 N N   . TYR A 16 ? 0.1277 0.0971 0.1056 0.0127  -0.0248 -0.0051 24 TYR A N   
114 C CA  . TYR A 16 ? 0.1239 0.0965 0.0998 0.0116  -0.0267 -0.0027 24 TYR A CA  
115 C C   . TYR A 16 ? 0.1373 0.1020 0.1043 0.0077  -0.0254 0.0012  24 TYR A C   
116 O O   . TYR A 16 ? 0.1540 0.1169 0.1162 0.0082  -0.0270 0.0035  24 TYR A O   
117 C CB  . TYR A 16 ? 0.1227 0.1066 0.1059 0.0087  -0.0249 -0.0050 24 TYR A CB  
118 C CG  . TYR A 16 ? 0.1188 0.1114 0.1116 0.0118  -0.0254 -0.0097 24 TYR A CG  
119 C CD1 . TYR A 16 ? 0.1232 0.1209 0.1200 0.0164  -0.0296 -0.0116 24 TYR A CD1 
120 C CD2 . TYR A 16 ? 0.1205 0.1170 0.1184 0.0097  -0.0212 -0.0129 24 TYR A CD2 
121 C CE1 . TYR A 16 ? 0.1257 0.1337 0.1341 0.0187  -0.0297 -0.0172 24 TYR A CE1 
122 C CE2 . TYR A 16 ? 0.1314 0.1362 0.1392 0.0114  -0.0202 -0.0181 24 TYR A CE2 
123 C CZ  . TYR A 16 ? 0.1108 0.1224 0.1252 0.0159  -0.0245 -0.0206 24 TYR A CZ  
124 O OH  . TYR A 16 ? 0.1382 0.1604 0.1650 0.0173  -0.0231 -0.0271 24 TYR A OH  
125 N N   . GLY A 17 ? 0.1233 0.0842 0.0887 0.0035  -0.0222 0.0012  25 GLY A N   
126 C CA  . GLY A 17 ? 0.1335 0.0883 0.0929 -0.0011 -0.0202 0.0035  25 GLY A CA  
127 C C   . GLY A 17 ? 0.1165 0.0793 0.0791 -0.0055 -0.0189 0.0036  25 GLY A C   
128 O O   . GLY A 17 ? 0.1247 0.0855 0.0838 -0.0079 -0.0178 0.0054  25 GLY A O   
129 N N   . PHE A 18 ? 0.0949 0.0660 0.0635 -0.0067 -0.0185 0.0017  26 PHE A N   
130 C CA  . PHE A 18 ? 0.0851 0.0624 0.0564 -0.0098 -0.0176 0.0017  26 PHE A CA  
131 C C   . PHE A 18 ? 0.0843 0.0653 0.0579 -0.0110 -0.0172 -0.0002 26 PHE A C   
132 O O   . PHE A 18 ? 0.0950 0.0747 0.0684 -0.0096 -0.0172 -0.0017 26 PHE A O   
133 C CB  . PHE A 18 ? 0.0875 0.0707 0.0614 -0.0084 -0.0183 0.0023  26 PHE A CB  
134 C CG  . PHE A 18 ? 0.0790 0.0669 0.0570 -0.0062 -0.0185 0.0006  26 PHE A CG  
135 C CD1 . PHE A 18 ? 0.0944 0.0825 0.0739 -0.0029 -0.0198 -0.0008 26 PHE A CD1 
136 C CD2 . PHE A 18 ? 0.0753 0.0672 0.0555 -0.0076 -0.0170 0.0000  26 PHE A CD2 
137 C CE1 . PHE A 18 ? 0.0864 0.0801 0.0714 -0.0019 -0.0189 -0.0035 26 PHE A CE1 
138 C CE2 . PHE A 18 ? 0.0909 0.0856 0.0737 -0.0067 -0.0157 -0.0019 26 PHE A CE2 
139 C CZ  . PHE A 18 ? 0.0881 0.0844 0.0742 -0.0043 -0.0161 -0.0040 26 PHE A CZ  
140 N N   . HIS A 19 ? 0.0730 0.0581 0.0487 -0.0132 -0.0168 0.0000  27 HIS A N   
141 C CA  . HIS A 19 ? 0.0782 0.0669 0.0538 -0.0136 -0.0181 -0.0016 27 HIS A CA  
142 C C   . HIS A 19 ? 0.0778 0.0703 0.0545 -0.0118 -0.0180 -0.0004 27 HIS A C   
143 O O   . HIS A 19 ? 0.0778 0.0727 0.0569 -0.0117 -0.0177 0.0008  27 HIS A O   
144 C CB  . HIS A 19 ? 0.0847 0.0767 0.0624 -0.0164 -0.0191 -0.0031 27 HIS A CB  
145 C CG  . HIS A 19 ? 0.0877 0.0763 0.0640 -0.0190 -0.0190 -0.0057 27 HIS A CG  
146 N ND1 . HIS A 19 ? 0.0998 0.0814 0.0743 -0.0207 -0.0168 -0.0056 27 HIS A ND1 
147 C CD2 . HIS A 19 ? 0.1039 0.0955 0.0804 -0.0206 -0.0207 -0.0086 27 HIS A CD2 
148 C CE1 . HIS A 19 ? 0.1131 0.0930 0.0873 -0.0237 -0.0166 -0.0088 27 HIS A CE1 
149 N NE2 . HIS A 19 ? 0.1156 0.1022 0.0913 -0.0238 -0.0192 -0.0110 27 HIS A NE2 
150 N N   . LEU A 20 ? 0.0773 0.0693 0.0513 -0.0108 -0.0177 -0.0010 28 LEU A N   
151 C CA  . LEU A 20 ? 0.0814 0.0744 0.0541 -0.0097 -0.0168 0.0002  28 LEU A CA  
152 C C   . LEU A 20 ? 0.0929 0.0863 0.0621 -0.0092 -0.0193 0.0003  28 LEU A C   
153 O O   . LEU A 20 ? 0.1025 0.0944 0.0674 -0.0097 -0.0204 -0.0012 28 LEU A O   
154 C CB  . LEU A 20 ? 0.1013 0.0915 0.0716 -0.0093 -0.0139 -0.0007 28 LEU A CB  
155 C CG  . LEU A 20 ? 0.1397 0.1289 0.1081 -0.0089 -0.0115 0.0005  28 LEU A CG  
156 C CD1 . LEU A 20 ? 0.1395 0.1316 0.1139 -0.0091 -0.0105 0.0006  28 LEU A CD1 
157 C CD2 . LEU A 20 ? 0.2160 0.2015 0.1804 -0.0096 -0.0075 -0.0010 28 LEU A CD2 
158 N N   . HIS A 21 ? 0.0924 0.0884 0.0633 -0.0080 -0.0206 0.0016  29 HIS A N   
159 C CA  . HIS A 21 ? 0.1222 0.1204 0.0913 -0.0064 -0.0244 0.0014  29 HIS A CA  
160 C C   . HIS A 21 ? 0.1428 0.1381 0.1077 -0.0030 -0.0247 0.0038  29 HIS A C   
161 O O   . HIS A 21 ? 0.1480 0.1437 0.1168 -0.0024 -0.0228 0.0050  29 HIS A O   
162 C CB  . HIS A 21 ? 0.1444 0.1494 0.1218 -0.0078 -0.0263 -0.0005 29 HIS A CB  
163 C CG  . HIS A 21 ? 0.2266 0.2371 0.2059 -0.0066 -0.0310 -0.0027 29 HIS A CG  
164 N ND1 . HIS A 21 ? 0.2731 0.2833 0.2472 -0.0067 -0.0340 -0.0046 29 HIS A ND1 
165 C CD2 . HIS A 21 ? 0.2687 0.2864 0.2555 -0.0053 -0.0333 -0.0041 29 HIS A CD2 
166 C CE1 . HIS A 21 ? 0.2649 0.2825 0.2436 -0.0053 -0.0388 -0.0072 29 HIS A CE1 
167 N NE2 . HIS A 21 ? 0.2765 0.2994 0.2637 -0.0042 -0.0385 -0.0071 29 HIS A NE2 
168 N N   . GLY A 22 ? 0.1811 0.1724 0.1369 -0.0007 -0.0270 0.0045  30 GLY A N   
169 C CA  . GLY A 22 ? 0.2359 0.2211 0.1840 0.0033  -0.0275 0.0073  30 GLY A CA  
170 C C   . GLY A 22 ? 0.4090 0.3996 0.3598 0.0075  -0.0338 0.0070  30 GLY A C   
171 O O   . GLY A 22 ? 0.3899 0.3900 0.3494 0.0064  -0.0372 0.0038  30 GLY A O   
172 N N   . GLU A 23 ? 0.4684 0.4525 0.4114 0.0126  -0.0354 0.0101  31 GLU A N   
173 C CA  . GLU A 23 ? 0.5016 0.4908 0.4478 0.0184  -0.0421 0.0097  31 GLU A CA  
174 C C   . GLU A 23 ? 0.6231 0.6107 0.5588 0.0235  -0.0496 0.0098  31 GLU A C   
175 O O   . GLU A 23 ? 0.6260 0.6239 0.5695 0.0272  -0.0565 0.0068  31 GLU A O   
176 C CB  . GLU A 23 ? 0.5221 0.5060 0.4692 0.0221  -0.0397 0.0126  31 GLU A CB  
177 C CG  . GLU A 23 ? 0.6286 0.6234 0.5897 0.0253  -0.0435 0.0101  31 GLU A CG  
178 C CD  . GLU A 23 ? 0.9123 0.9006 0.8707 0.0323  -0.0446 0.0129  31 GLU A CD  
179 O OE1 . GLU A 23 ? 0.8984 0.8735 0.8474 0.0323  -0.0392 0.0167  31 GLU A OE1 
180 O OE2 . GLU A 23 ? 0.8254 0.8224 0.7922 0.0377  -0.0506 0.0106  31 GLU A OE2 
181 N N   . LYS A 24 ? 0.6220 0.5972 0.5400 0.0240  -0.0482 0.0126  32 LYS A N   
182 C CA  . LYS A 24 ? 0.6483 0.6181 0.5507 0.0291  -0.0548 0.0134  32 LYS A CA  
183 C C   . LYS A 24 ? 0.7267 0.6870 0.6195 0.0375  -0.0581 0.0180  32 LYS A C   
184 O O   . LYS A 24 ? 0.7238 0.6928 0.6261 0.0431  -0.0647 0.0166  32 LYS A O   
185 C CB  . LYS A 24 ? 0.6839 0.6679 0.5936 0.0298  -0.0635 0.0078  32 LYS A CB  
186 C CG  . LYS A 24 ? 0.9050 0.8963 0.8225 0.0219  -0.0607 0.0033  32 LYS A CG  
187 C CD  . LYS A 24 ? 1.0513 1.0574 0.9789 0.0216  -0.0683 -0.0032 32 LYS A CD  
188 C CE  . LYS A 24 ? 1.2043 1.2240 1.1533 0.0178  -0.0670 -0.0073 32 LYS A CE  
189 N NZ  . LYS A 24 ? 1.3332 1.3567 1.2912 0.0225  -0.0680 -0.0058 32 LYS A NZ  
190 N N   . GLY A 25 ? 0.7067 0.6487 0.5812 0.0382  -0.0526 0.0231  33 GLY A N   
191 C CA  . GLY A 25 ? 0.7265 0.6543 0.5879 0.0460  -0.0541 0.0285  33 GLY A CA  
192 C C   . GLY A 25 ? 0.7790 0.6971 0.6422 0.0435  -0.0446 0.0314  33 GLY A C   
193 O O   . GLY A 25 ? 0.7979 0.6977 0.6443 0.0427  -0.0379 0.0356  33 GLY A O   
194 N N   . LYS A 26 ? 0.7077 0.6381 0.5915 0.0418  -0.0435 0.0286  34 LYS A N   
195 C CA  . LYS A 26 ? 0.6934 0.6177 0.5820 0.0389  -0.0349 0.0300  34 LYS A CA  
196 C C   . LYS A 26 ? 0.6942 0.6249 0.5920 0.0292  -0.0276 0.0269  34 LYS A C   
197 O O   . LYS A 26 ? 0.6797 0.6243 0.5880 0.0260  -0.0305 0.0231  34 LYS A O   
198 C CB  . LYS A 26 ? 0.7226 0.6555 0.6266 0.0433  -0.0380 0.0286  34 LYS A CB  
199 C CG  . LYS A 26 ? 0.9424 0.8729 0.8415 0.0543  -0.0470 0.0305  34 LYS A CG  
200 C CD  . LYS A 26 ? 1.1087 1.0159 0.9878 0.0602  -0.0445 0.0368  34 LYS A CD  
201 C CE  . LYS A 26 ? 1.2815 1.1775 1.1390 0.0669  -0.0512 0.0405  34 LYS A CE  
202 N NZ  . LYS A 26 ? 1.4122 1.3170 1.2739 0.0780  -0.0638 0.0394  34 LYS A NZ  
203 N N   . LEU A 27 ? 0.6107 0.5312 0.5046 0.0247  -0.0185 0.0282  35 LEU A N   
204 C CA  . LEU A 27 ? 0.5650 0.4912 0.4676 0.0165  -0.0118 0.0249  35 LEU A CA  
205 C C   . LEU A 27 ? 0.5033 0.4453 0.4256 0.0139  -0.0130 0.0211  35 LEU A C   
206 O O   . LEU A 27 ? 0.4988 0.4478 0.4291 0.0177  -0.0178 0.0206  35 LEU A O   
207 C CB  . LEU A 27 ? 0.5803 0.4926 0.4747 0.0120  -0.0016 0.0260  35 LEU A CB  
208 C CG  . LEU A 27 ? 0.6561 0.5558 0.5464 0.0136  0.0032  0.0285  35 LEU A CG  
209 C CD1 . LEU A 27 ? 0.7232 0.6056 0.5945 0.0208  0.0010  0.0340  35 LEU A CD1 
210 C CD2 . LEU A 27 ? 0.6390 0.5489 0.5460 0.0139  0.0021  0.0261  35 LEU A CD2 
211 N N   . GLY A 28 ? 0.3701 0.3175 0.2994 0.0077  -0.0084 0.0183  36 GLY A N   
212 C CA  . GLY A 28 ? 0.2915 0.2512 0.2359 0.0049  -0.0089 0.0150  36 GLY A CA  
213 C C   . GLY A 28 ? 0.2428 0.2123 0.1926 0.0028  -0.0121 0.0127  36 GLY A C   
214 O O   . GLY A 28 ? 0.2323 0.2049 0.1805 0.0053  -0.0175 0.0127  36 GLY A O   
215 N N   . GLN A 29 ? 0.1939 0.1677 0.1500 -0.0015 -0.0090 0.0103  37 GLN A N   
216 C CA  . GLN A 29 ? 0.1356 0.1166 0.0968 -0.0036 -0.0110 0.0080  37 GLN A CA  
217 C C   . GLN A 29 ? 0.0971 0.0852 0.0679 -0.0048 -0.0116 0.0066  37 GLN A C   
218 O O   . GLN A 29 ? 0.1089 0.0970 0.0830 -0.0060 -0.0086 0.0059  37 GLN A O   
219 C CB  . GLN A 29 ? 0.1532 0.1326 0.1127 -0.0063 -0.0076 0.0063  37 GLN A CB  
220 C CG  . GLN A 29 ? 0.2094 0.1806 0.1576 -0.0059 -0.0055 0.0072  37 GLN A CG  
221 C CD  . GLN A 29 ? 0.1711 0.1419 0.1129 -0.0036 -0.0107 0.0081  37 GLN A CD  
222 O OE1 . GLN A 29 ? 0.1783 0.1553 0.1248 -0.0041 -0.0142 0.0063  37 GLN A OE1 
223 N NE2 . GLN A 29 ? 0.2250 0.1877 0.1550 -0.0009 -0.0114 0.0107  37 GLN A NE2 
224 N N   . TYR A 30 ? 0.0926 0.0858 0.0668 -0.0048 -0.0151 0.0059  38 TYR A N   
225 C CA  . TYR A 30 ? 0.0852 0.0837 0.0664 -0.0060 -0.0154 0.0049  38 TYR A CA  
226 C C   . TYR A 30 ? 0.0913 0.0915 0.0738 -0.0082 -0.0160 0.0037  38 TYR A C   
227 O O   . TYR A 30 ? 0.1079 0.1069 0.0877 -0.0084 -0.0174 0.0031  38 TYR A O   
228 C CB  . TYR A 30 ? 0.1008 0.1032 0.0858 -0.0044 -0.0179 0.0047  38 TYR A CB  
229 C CG  . TYR A 30 ? 0.1184 0.1183 0.1025 -0.0012 -0.0175 0.0060  38 TYR A CG  
230 C CD1 . TYR A 30 ? 0.1422 0.1371 0.1195 0.0022  -0.0193 0.0078  38 TYR A CD1 
231 C CD2 . TYR A 30 ? 0.1225 0.1232 0.1110 -0.0014 -0.0150 0.0055  38 TYR A CD2 
232 C CE1 . TYR A 30 ? 0.1451 0.1347 0.1198 0.0059  -0.0186 0.0095  38 TYR A CE1 
233 C CE2 . TYR A 30 ? 0.1357 0.1322 0.1230 0.0018  -0.0140 0.0066  38 TYR A CE2 
234 C CZ  . TYR A 30 ? 0.1371 0.1276 0.1176 0.0056  -0.0158 0.0089  38 TYR A CZ  
235 O OH  . TYR A 30 ? 0.1638 0.1475 0.1412 0.0095  -0.0148 0.0105  38 TYR A OH  
236 N N   . ILE A 31 ? 0.0744 0.0758 0.0596 -0.0095 -0.0150 0.0033  39 ILE A N   
237 C CA  . ILE A 31 ? 0.0703 0.0711 0.0549 -0.0109 -0.0157 0.0028  39 ILE A CA  
238 C C   . ILE A 31 ? 0.0835 0.0861 0.0701 -0.0126 -0.0161 0.0022  39 ILE A C   
239 O O   . ILE A 31 ? 0.0893 0.0948 0.0792 -0.0130 -0.0153 0.0019  39 ILE A O   
240 C CB  . ILE A 31 ? 0.0898 0.0900 0.0743 -0.0110 -0.0147 0.0027  39 ILE A CB  
241 C CG1 . ILE A 31 ? 0.0885 0.0893 0.0739 -0.0100 -0.0139 0.0018  39 ILE A CG1 
242 C CG2 . ILE A 31 ? 0.1080 0.1047 0.0894 -0.0114 -0.0157 0.0030  39 ILE A CG2 
243 C CD1 . ILE A 31 ? 0.1054 0.1053 0.0903 -0.0092 -0.0139 0.0008  39 ILE A CD1 
244 N N   . ARG A 32 ? 0.0770 0.0776 0.0622 -0.0140 -0.0168 0.0015  40 ARG A N   
245 C CA  . ARG A 32 ? 0.0745 0.0764 0.0621 -0.0170 -0.0161 0.0000  40 ARG A CA  
246 C C   . ARG A 32 ? 0.0816 0.0769 0.0648 -0.0188 -0.0150 0.0001  40 ARG A C   
247 O O   . ARG A 32 ? 0.0823 0.0733 0.0618 -0.0170 -0.0158 0.0009  40 ARG A O   
248 C CB  . ARG A 32 ? 0.1017 0.1085 0.0926 -0.0171 -0.0184 -0.0022 40 ARG A CB  
249 C CG  . ARG A 32 ? 0.1066 0.1186 0.1005 -0.0140 -0.0205 -0.0020 40 ARG A CG  
250 C CD  . ARG A 32 ? 0.1209 0.1382 0.1216 -0.0144 -0.0192 -0.0032 40 ARG A CD  
251 N NE  . ARG A 32 ? 0.1364 0.1561 0.1386 -0.0102 -0.0210 -0.0023 40 ARG A NE  
252 C CZ  . ARG A 32 ? 0.1458 0.1683 0.1528 -0.0091 -0.0195 -0.0026 40 ARG A CZ  
253 N NH1 . ARG A 32 ? 0.1744 0.1967 0.1813 -0.0046 -0.0211 -0.0015 40 ARG A NH1 
254 N NH2 . ARG A 32 ? 0.1277 0.1521 0.1386 -0.0124 -0.0160 -0.0041 40 ARG A NH2 
255 N N   . LEU A 33 ? 0.0875 0.0811 0.0712 -0.0226 -0.0125 -0.0009 41 LEU A N   
256 C CA  A LEU A 33 ? 0.1075 0.0920 0.0856 -0.0248 -0.0107 -0.0007 41 LEU A CA  
257 C CA  B LEU A 33 ? 0.0813 0.0661 0.0596 -0.0249 -0.0107 -0.0008 41 LEU A CA  
258 C C   . LEU A 33 ? 0.1064 0.0829 0.0771 -0.0215 -0.0113 0.0022  41 LEU A C   
259 O O   . LEU A 33 ? 0.1109 0.0821 0.0785 -0.0197 -0.0124 0.0024  41 LEU A O   
260 C CB  A LEU A 33 ? 0.1196 0.1043 0.0992 -0.0259 -0.0120 -0.0032 41 LEU A CB  
261 C CB  B LEU A 33 ? 0.0720 0.0582 0.0509 -0.0229 -0.0093 -0.0007 41 LEU A CB  
262 C CG  A LEU A 33 ? 0.1655 0.1561 0.1514 -0.0302 -0.0114 -0.0073 41 LEU A CG  
263 C CG  B LEU A 33 ? 0.0518 0.0482 0.0383 -0.0119 -0.0020 0.0018  41 LEU A CG  
264 C CD1 A LEU A 33 ? 0.1770 0.1789 0.1704 -0.0287 -0.0136 -0.0086 41 LEU A CD1 
265 C CD1 B LEU A 33 ? 0.0484 0.0460 0.0382 -0.0092 -0.0016 0.0014  41 LEU A CD1 
266 C CD2 A LEU A 33 ? 0.1518 0.1420 0.1374 -0.0308 -0.0132 -0.0101 41 LEU A CD2 
267 C CD2 B LEU A 33 ? 0.0782 0.0714 0.0670 -0.0329 -0.0064 -0.0084 41 LEU A CD2 
268 N N   . VAL A 34 ? 0.1038 0.0795 0.0718 -0.0204 -0.0108 0.0041  42 VAL A N   
269 C CA  . VAL A 34 ? 0.1012 0.0703 0.0620 -0.0167 -0.0126 0.0064  42 VAL A CA  
270 C C   . VAL A 34 ? 0.1378 0.0943 0.0898 -0.0185 -0.0102 0.0078  42 VAL A C   
271 O O   . VAL A 34 ? 0.1592 0.1120 0.1078 -0.0227 -0.0062 0.0080  42 VAL A O   
272 C CB  . VAL A 34 ? 0.1253 0.0973 0.0848 -0.0155 -0.0131 0.0072  42 VAL A CB  
273 C CG1 . VAL A 34 ? 0.1445 0.1103 0.0963 -0.0113 -0.0159 0.0089  42 VAL A CG1 
274 C CG2 . VAL A 34 ? 0.1211 0.1033 0.0888 -0.0143 -0.0142 0.0057  42 VAL A CG2 
275 N N   . GLU A 35 ? 0.1273 0.0768 0.0755 -0.0157 -0.0118 0.0084  43 GLU A N   
276 C CA  . GLU A 35 ? 0.1555 0.0907 0.0946 -0.0173 -0.0090 0.0097  43 GLU A CA  
277 C C   . GLU A 35 ? 0.1844 0.1081 0.1106 -0.0151 -0.0090 0.0135  43 GLU A C   
278 O O   . GLU A 35 ? 0.1826 0.1083 0.1068 -0.0094 -0.0135 0.0147  43 GLU A O   
279 C CB  . GLU A 35 ? 0.1766 0.1075 0.1163 -0.0148 -0.0104 0.0087  43 GLU A CB  
280 C CG  . GLU A 35 ? 0.1700 0.1098 0.1192 -0.0180 -0.0099 0.0049  43 GLU A CG  
281 C CD  . GLU A 35 ? 0.2061 0.1433 0.1563 -0.0152 -0.0113 0.0031  43 GLU A CD  
282 O OE1 . GLU A 35 ? 0.2362 0.1607 0.1795 -0.0132 -0.0106 0.0042  43 GLU A OE1 
283 O OE2 . GLU A 35 ? 0.1834 0.1300 0.1402 -0.0152 -0.0127 0.0006  43 GLU A OE2 
284 N N   . PRO A 36 ? 0.2028 0.1141 0.1195 -0.0196 -0.0038 0.0149  44 PRO A N   
285 C CA  . PRO A 36 ? 0.2204 0.1182 0.1211 -0.0173 -0.0035 0.0190  44 PRO A CA  
286 C C   . PRO A 36 ? 0.2244 0.1127 0.1171 -0.0090 -0.0090 0.0217  44 PRO A C   
287 O O   . PRO A 36 ? 0.2567 0.1395 0.1506 -0.0073 -0.0093 0.0212  44 PRO A O   
288 C CB  . PRO A 36 ? 0.2628 0.1465 0.1546 -0.0246 0.0046  0.0196  44 PRO A CB  
289 C CG  . PRO A 36 ? 0.3182 0.2143 0.2250 -0.0314 0.0082  0.0147  44 PRO A CG  
290 C CD  . PRO A 36 ? 0.2370 0.1458 0.1563 -0.0274 0.0024  0.0124  44 PRO A CD  
291 N N   . GLY A 37 ? 0.2377 0.1254 0.1233 -0.0036 -0.0137 0.0239  45 GLY A N   
292 C CA  . GLY A 37 ? 0.2715 0.1521 0.1499 0.0057  -0.0204 0.0260  45 GLY A CA  
293 C C   . GLY A 37 ? 0.2637 0.1581 0.1572 0.0110  -0.0258 0.0225  45 GLY A C   
294 O O   . GLY A 37 ? 0.2706 0.1605 0.1613 0.0191  -0.0311 0.0231  45 GLY A O   
295 N N   . SER A 38 ? 0.2084 0.1190 0.1175 0.0068  -0.0243 0.0187  46 SER A N   
296 C CA  . SER A 38 ? 0.1880 0.1108 0.1105 0.0107  -0.0279 0.0152  46 SER A CA  
297 C C   . SER A 38 ? 0.1790 0.1138 0.1072 0.0156  -0.0335 0.0132  46 SER A C   
298 O O   . SER A 38 ? 0.1767 0.1143 0.1011 0.0143  -0.0341 0.0139  46 SER A O   
299 C CB  . SER A 38 ? 0.1907 0.1242 0.1250 0.0047  -0.0240 0.0122  46 SER A CB  
300 O OG  . SER A 38 ? 0.1545 0.0974 0.0926 0.0009  -0.0228 0.0116  46 SER A OG  
301 N N   . PRO A 39 ? 0.1575 0.1018 0.0971 0.0196  -0.0362 0.0096  47 PRO A N   
302 C CA  . PRO A 39 ? 0.1630 0.1216 0.1116 0.0223  -0.0402 0.0060  47 PRO A CA  
303 C C   . PRO A 39 ? 0.1553 0.1233 0.1090 0.0158  -0.0369 0.0050  47 PRO A C   
304 O O   . PRO A 39 ? 0.1465 0.1214 0.1015 0.0165  -0.0394 0.0034  47 PRO A O   
305 C CB  . PRO A 39 ? 0.1756 0.1417 0.1366 0.0250  -0.0406 0.0017  47 PRO A CB  
306 C CG  . PRO A 39 ? 0.2228 0.1758 0.1775 0.0282  -0.0403 0.0037  47 PRO A CG  
307 C CD  . PRO A 39 ? 0.1911 0.1330 0.1355 0.0219  -0.0356 0.0078  47 PRO A CD  
308 N N   . ALA A 40 ? 0.1320 0.1006 0.0888 0.0100  -0.0317 0.0053  48 ALA A N   
309 C CA  . ALA A 40 ? 0.1224 0.0983 0.0833 0.0049  -0.0288 0.0046  48 ALA A CA  
310 C C   . ALA A 40 ? 0.1349 0.1065 0.0872 0.0031  -0.0283 0.0069  48 ALA A C   
311 O O   . ALA A 40 ? 0.1368 0.1151 0.0918 0.0019  -0.0284 0.0055  48 ALA A O   
312 C CB  . ALA A 40 ? 0.1256 0.1016 0.0897 0.0004  -0.0245 0.0047  48 ALA A CB  
313 N N   . GLU A 41 ? 0.1399 0.0993 0.0813 0.0023  -0.0269 0.0102  49 GLU A N   
314 C CA  . GLU A 41 ? 0.1491 0.1027 0.0804 0.0001  -0.0254 0.0122  49 GLU A CA  
315 C C   . GLU A 41 ? 0.1687 0.1231 0.0942 0.0048  -0.0306 0.0120  49 GLU A C   
316 O O   . GLU A 41 ? 0.1744 0.1326 0.0982 0.0028  -0.0299 0.0111  49 GLU A O   
317 C CB  . GLU A 41 ? 0.1719 0.1107 0.0916 -0.0022 -0.0217 0.0155  49 GLU A CB  
318 C CG  . GLU A 41 ? 0.2135 0.1469 0.1240 -0.0067 -0.0175 0.0169  49 GLU A CG  
319 C CD  . GLU A 41 ? 0.2691 0.1870 0.1685 -0.0106 -0.0120 0.0195  49 GLU A CD  
320 O OE1 . GLU A 41 ? 0.2929 0.1966 0.1792 -0.0068 -0.0137 0.0226  49 GLU A OE1 
321 O OE2 . GLU A 41 ? 0.2698 0.1903 0.1745 -0.0172 -0.0060 0.0179  49 GLU A OE2 
322 N N   . LYS A 42 ? 0.1702 0.1215 0.0930 0.0114  -0.0360 0.0122  50 LYS A N   
323 C CA  . LYS A 42 ? 0.1757 0.1286 0.0934 0.0172  -0.0427 0.0114  50 LYS A CA  
324 C C   . LYS A 42 ? 0.1685 0.1382 0.0991 0.0168  -0.0448 0.0060  50 LYS A C   
325 O O   . LYS A 42 ? 0.1833 0.1559 0.1093 0.0188  -0.0489 0.0045  50 LYS A O   
326 C CB  . LYS A 42 ? 0.1987 0.1457 0.1128 0.0253  -0.0485 0.0121  50 LYS A CB  
327 C CG  . LYS A 42 ? 0.2487 0.1755 0.1461 0.0262  -0.0465 0.0177  50 LYS A CG  
328 C CD  . LYS A 42 ? 0.2409 0.1618 0.1370 0.0351  -0.0522 0.0181  50 LYS A CD  
329 C CE  . LYS A 42 ? 0.3289 0.2270 0.2068 0.0365  -0.0501 0.0238  50 LYS A CE  
330 N NZ  . LYS A 42 ? 0.3557 0.2477 0.2340 0.0455  -0.0550 0.0239  50 LYS A NZ  
331 N N   . ALA A 43 ? 0.1484 0.1283 0.0940 0.0140  -0.0419 0.0030  51 ALA A N   
332 C CA  . ALA A 43 ? 0.1397 0.1334 0.0974 0.0123  -0.0419 -0.0019 51 ALA A CA  
333 C C   . ALA A 43 ? 0.1415 0.1364 0.0986 0.0062  -0.0369 -0.0017 51 ALA A C   
334 O O   . ALA A 43 ? 0.1525 0.1564 0.1174 0.0042  -0.0362 -0.0056 51 ALA A O   
335 C CB  . ALA A 43 ? 0.1561 0.1570 0.1272 0.0117  -0.0397 -0.0047 51 ALA A CB  
336 N N   . GLY A 44 ? 0.1407 0.1265 0.0890 0.0031  -0.0332 0.0023  52 GLY A N   
337 C CA  . GLY A 44 ? 0.1379 0.1248 0.0859 -0.0020 -0.0285 0.0021  52 GLY A CA  
338 C C   . GLY A 44 ? 0.1290 0.1202 0.0867 -0.0057 -0.0236 0.0017  52 GLY A C   
339 O O   . GLY A 44 ? 0.1381 0.1319 0.0982 -0.0088 -0.0203 0.0007  52 GLY A O   
340 N N   . LEU A 45 ? 0.1061 0.0970 0.0685 -0.0050 -0.0234 0.0024  53 LEU A N   
341 C CA  A LEU A 45 ? 0.0995 0.0935 0.0689 -0.0078 -0.0198 0.0023  53 LEU A CA  
342 C CA  B LEU A 45 ? 0.1094 0.1034 0.0788 -0.0077 -0.0199 0.0023  53 LEU A CA  
343 C C   . LEU A 45 ? 0.1089 0.0991 0.0751 -0.0110 -0.0165 0.0040  53 LEU A C   
344 O O   . LEU A 45 ? 0.1293 0.1122 0.0879 -0.0116 -0.0161 0.0059  53 LEU A O   
345 C CB  A LEU A 45 ? 0.1004 0.0939 0.0730 -0.0067 -0.0203 0.0024  53 LEU A CB  
346 C CB  B LEU A 45 ? 0.1213 0.1152 0.0941 -0.0062 -0.0208 0.0022  53 LEU A CB  
347 C CG  A LEU A 45 ? 0.0994 0.0986 0.0786 -0.0046 -0.0216 -0.0002 53 LEU A CG  
348 C CG  B LEU A 45 ? 0.1399 0.1384 0.1197 -0.0073 -0.0188 0.0010  53 LEU A CG  
349 C CD1 A LEU A 45 ? 0.0936 0.0913 0.0748 -0.0042 -0.0208 -0.0002 53 LEU A CD1 
350 C CD1 B LEU A 45 ? 0.1257 0.1299 0.1108 -0.0073 -0.0181 -0.0018 53 LEU A CD1 
351 C CD2 A LEU A 45 ? 0.0938 0.0987 0.0786 -0.0065 -0.0192 -0.0024 53 LEU A CD2 
352 C CD2 B LEU A 45 ? 0.1131 0.1100 0.0939 -0.0057 -0.0195 0.0006  53 LEU A CD2 
353 N N   . LEU A 46 ? 0.0966 0.0912 0.0687 -0.0130 -0.0139 0.0032  54 LEU A N   
354 C CA  . LEU A 46 ? 0.1057 0.0998 0.0785 -0.0159 -0.0106 0.0034  54 LEU A CA  
355 C C   . LEU A 46 ? 0.0934 0.0914 0.0733 -0.0161 -0.0105 0.0029  54 LEU A C   
356 O O   . LEU A 46 ? 0.0928 0.0940 0.0765 -0.0144 -0.0113 0.0025  54 LEU A O   
357 C CB  . LEU A 46 ? 0.1239 0.1202 0.0973 -0.0173 -0.0081 0.0020  54 LEU A CB  
358 C CG  . LEU A 46 ? 0.1868 0.1796 0.1519 -0.0175 -0.0082 0.0019  54 LEU A CG  
359 C CD1 . LEU A 46 ? 0.1924 0.1879 0.1594 -0.0190 -0.0052 -0.0004 54 LEU A CD1 
360 C CD2 . LEU A 46 ? 0.2655 0.2498 0.2204 -0.0189 -0.0070 0.0039  54 LEU A CD2 
361 N N   . ALA A 47 ? 0.0974 0.0948 0.0782 -0.0185 -0.0088 0.0026  55 ALA A N   
362 C CA  . ALA A 47 ? 0.0850 0.0877 0.0727 -0.0184 -0.0096 0.0014  55 ALA A CA  
363 C C   . ALA A 47 ? 0.0906 0.0984 0.0838 -0.0168 -0.0091 0.0005  55 ALA A C   
364 O O   . ALA A 47 ? 0.1063 0.1148 0.1002 -0.0179 -0.0064 -0.0004 55 ALA A O   
365 C CB  . ALA A 47 ? 0.1084 0.1118 0.0985 -0.0220 -0.0076 -0.0003 55 ALA A CB  
366 N N   . GLY A 48 ? 0.0725 0.0826 0.0684 -0.0142 -0.0113 0.0007  56 GLY A N   
367 C CA  . GLY A 48 ? 0.0759 0.0884 0.0755 -0.0117 -0.0110 0.0004  56 GLY A CA  
368 C C   . GLY A 48 ? 0.0775 0.0861 0.0737 -0.0105 -0.0102 0.0014  56 GLY A C   
369 O O   . GLY A 48 ? 0.0812 0.0891 0.0788 -0.0082 -0.0096 0.0016  56 GLY A O   
370 N N   . ASP A 49 ? 0.0713 0.0775 0.0635 -0.0116 -0.0101 0.0018  57 ASP A N   
371 C CA  . ASP A 49 ? 0.0652 0.0695 0.0562 -0.0111 -0.0092 0.0015  57 ASP A CA  
372 C C   . ASP A 49 ? 0.0722 0.0743 0.0623 -0.0095 -0.0094 0.0024  57 ASP A C   
373 O O   . ASP A 49 ? 0.0799 0.0817 0.0685 -0.0089 -0.0113 0.0032  57 ASP A O   
374 C CB  . ASP A 49 ? 0.0680 0.0720 0.0566 -0.0118 -0.0104 0.0009  57 ASP A CB  
375 C CG  . ASP A 49 ? 0.0732 0.0775 0.0598 -0.0129 -0.0102 -0.0001 57 ASP A CG  
376 O OD1 . ASP A 49 ? 0.0904 0.0953 0.0779 -0.0138 -0.0080 -0.0009 57 ASP A OD1 
377 O OD2 . ASP A 49 ? 0.0837 0.0873 0.0671 -0.0124 -0.0123 -0.0003 57 ASP A OD2 
378 N N   . ARG A 50 ? 0.0698 0.0691 0.0596 -0.0090 -0.0070 0.0022  58 ARG A N   
379 C CA  . ARG A 50 ? 0.0782 0.0723 0.0643 -0.0078 -0.0058 0.0034  58 ARG A CA  
380 C C   . ARG A 50 ? 0.0743 0.0681 0.0604 -0.0102 -0.0035 0.0015  58 ARG A C   
381 O O   . ARG A 50 ? 0.0756 0.0711 0.0647 -0.0120 -0.0017 -0.0010 58 ARG A O   
382 C CB  . ARG A 50 ? 0.0931 0.0823 0.0782 -0.0060 -0.0036 0.0043  58 ARG A CB  
383 C CG  . ARG A 50 ? 0.1322 0.1131 0.1101 -0.0044 -0.0022 0.0065  58 ARG A CG  
384 C CD  . ARG A 50 ? 0.1440 0.1175 0.1187 -0.0011 -0.0010 0.0083  58 ARG A CD  
385 N NE  . ARG A 50 ? 0.1852 0.1570 0.1633 -0.0028 0.0031  0.0064  58 ARG A NE  
386 C CZ  . ARG A 50 ? 0.2315 0.1969 0.2072 -0.0059 0.0085  0.0051  58 ARG A CZ  
387 N NH1 . ARG A 50 ? 0.2369 0.1972 0.2071 -0.0077 0.0109  0.0057  58 ARG A NH1 
388 N NH2 . ARG A 50 ? 0.2595 0.2240 0.2389 -0.0078 0.0119  0.0025  58 ARG A NH2 
389 N N   . LEU A 51 ? 0.0758 0.0677 0.0590 -0.0102 -0.0034 0.0018  59 LEU A N   
390 C CA  . LEU A 51 ? 0.0786 0.0721 0.0640 -0.0123 -0.0010 -0.0010 59 LEU A CA  
391 C C   . LEU A 51 ? 0.0959 0.0837 0.0792 -0.0142 0.0045  -0.0020 59 LEU A C   
392 O O   . LEU A 51 ? 0.1326 0.1127 0.1085 -0.0135 0.0066  0.0003  59 LEU A O   
393 C CB  . LEU A 51 ? 0.0871 0.0811 0.0708 -0.0116 -0.0026 -0.0011 59 LEU A CB  
394 C CG  . LEU A 51 ? 0.0859 0.0833 0.0738 -0.0130 -0.0007 -0.0048 59 LEU A CG  
395 C CD1 . LEU A 51 ? 0.0907 0.0951 0.0857 -0.0129 -0.0029 -0.0075 59 LEU A CD1 
396 C CD2 . LEU A 51 ? 0.1055 0.1024 0.0915 -0.0120 -0.0020 -0.0047 59 LEU A CD2 
397 N N   . VAL A 52 ? 0.0860 0.0767 0.0748 -0.0169 0.0074  -0.0057 60 VAL A N   
398 C CA  . VAL A 52 ? 0.0931 0.0782 0.0813 -0.0201 0.0139  -0.0078 60 VAL A CA  
399 C C   . VAL A 52 ? 0.0863 0.0745 0.0787 -0.0234 0.0178  -0.0123 60 VAL A C   
400 O O   . VAL A 52 ? 0.1011 0.0814 0.0890 -0.0260 0.0243  -0.0126 60 VAL A O   
401 C CB  . VAL A 52 ? 0.1299 0.1162 0.1222 -0.0217 0.0153  -0.0102 60 VAL A CB  
402 C CG1 . VAL A 52 ? 0.1289 0.1083 0.1207 -0.0259 0.0230  -0.0130 60 VAL A CG1 
403 C CG2 . VAL A 52 ? 0.1532 0.1370 0.1425 -0.0185 0.0124  -0.0066 60 VAL A CG2 
404 N N   . GLU A 53 ? 0.0715 0.0703 0.0721 -0.0231 0.0145  -0.0160 61 GLU A N   
405 C CA  . GLU A 53 ? 0.0710 0.0756 0.0788 -0.0256 0.0176  -0.0215 61 GLU A CA  
406 C C   . GLU A 53 ? 0.0648 0.0766 0.0765 -0.0223 0.0122  -0.0222 61 GLU A C   
407 O O   . GLU A 53 ? 0.0713 0.0862 0.0826 -0.0188 0.0056  -0.0200 61 GLU A O   
408 C CB  . GLU A 53 ? 0.0749 0.0877 0.0934 -0.0291 0.0196  -0.0286 61 GLU A CB  
409 C CG  . GLU A 53 ? 0.0901 0.0953 0.1064 -0.0336 0.0266  -0.0296 61 GLU A CG  
410 C CD  . GLU A 53 ? 0.1014 0.1155 0.1289 -0.0377 0.0284  -0.0377 61 GLU A CD  
411 O OE1 . GLU A 53 ? 0.0988 0.1264 0.1360 -0.0362 0.0227  -0.0423 61 GLU A OE1 
412 O OE2 . GLU A 53 ? 0.1358 0.1428 0.1617 -0.0422 0.0349  -0.0391 61 GLU A OE2 
413 N N   . VAL A 54 ? 0.0680 0.0819 0.0830 -0.0232 0.0155  -0.0255 62 VAL A N   
414 C CA  . VAL A 54 ? 0.0704 0.0916 0.0911 -0.0199 0.0112  -0.0275 62 VAL A CA  
415 C C   . VAL A 54 ? 0.0739 0.1053 0.1078 -0.0222 0.0146  -0.0360 62 VAL A C   
416 O O   . VAL A 54 ? 0.0925 0.1214 0.1275 -0.0268 0.0228  -0.0390 62 VAL A O   
417 C CB  . VAL A 54 ? 0.0990 0.1136 0.1122 -0.0187 0.0124  -0.0245 62 VAL A CB  
418 C CG1 . VAL A 54 ? 0.1002 0.1212 0.1200 -0.0153 0.0091  -0.0276 62 VAL A CG1 
419 C CG2 . VAL A 54 ? 0.0970 0.1034 0.0988 -0.0168 0.0088  -0.0174 62 VAL A CG2 
420 N N   . ASN A 55 ? 0.0781 0.1204 0.1217 -0.0190 0.0085  -0.0399 63 ASN A N   
421 C CA  . ASN A 55 ? 0.0923 0.1476 0.1514 -0.0203 0.0100  -0.0491 63 ASN A CA  
422 C C   . ASN A 55 ? 0.1117 0.1674 0.1752 -0.0277 0.0185  -0.0541 63 ASN A C   
423 O O   . ASN A 55 ? 0.1087 0.1697 0.1815 -0.0317 0.0254  -0.0609 63 ASN A O   
424 C CB  . ASN A 55 ? 0.1122 0.1718 0.1779 -0.0182 0.0114  -0.0529 63 ASN A CB  
425 C CG  . ASN A 55 ? 0.1465 0.2106 0.2143 -0.0105 0.0022  -0.0520 63 ASN A CG  
426 O OD1 . ASN A 55 ? 0.1586 0.2213 0.2213 -0.0065 -0.0054 -0.0480 63 ASN A OD1 
427 N ND2 . ASN A 55 ? 0.2053 0.2737 0.2804 -0.0080 0.0032  -0.0561 63 ASN A ND2 
428 N N   . GLY A 56 ? 0.1043 0.1535 0.1608 -0.0299 0.0188  -0.0505 64 GLY A N   
429 C CA  . GLY A 56 ? 0.1218 0.1689 0.1807 -0.0368 0.0266  -0.0546 64 GLY A CA  
430 C C   . GLY A 56 ? 0.1561 0.1892 0.2057 -0.0417 0.0371  -0.0519 64 GLY A C   
431 O O   . GLY A 56 ? 0.2004 0.2302 0.2519 -0.0481 0.0451  -0.0557 64 GLY A O   
432 N N   . GLU A 57 ? 0.1236 0.1473 0.1619 -0.0390 0.0373  -0.0454 65 GLU A N   
433 C CA  . GLU A 57 ? 0.1375 0.1457 0.1631 -0.0425 0.0461  -0.0417 65 GLU A CA  
434 C C   . GLU A 57 ? 0.1368 0.1331 0.1479 -0.0390 0.0420  -0.0326 65 GLU A C   
435 O O   . GLU A 57 ? 0.1157 0.1140 0.1240 -0.0336 0.0340  -0.0282 65 GLU A O   
436 C CB  . GLU A 57 ? 0.1614 0.1681 0.1837 -0.0415 0.0483  -0.0416 65 GLU A CB  
437 C CG  . GLU A 57 ? 0.2346 0.2231 0.2382 -0.0430 0.0545  -0.0355 65 GLU A CG  
438 C CD  . GLU A 57 ? 0.2673 0.2525 0.2641 -0.0414 0.0556  -0.0343 65 GLU A CD  
439 O OE1 . GLU A 57 ? 0.2158 0.2122 0.2219 -0.0380 0.0502  -0.0370 65 GLU A OE1 
440 O OE2 . GLU A 57 ? 0.3338 0.3043 0.3148 -0.0434 0.0616  -0.0306 65 GLU A OE2 
441 N N   . ASN A 58 ? 0.1415 0.1253 0.1438 -0.0419 0.0477  -0.0301 66 ASN A N   
442 C CA  . ASN A 58 ? 0.1317 0.1042 0.1212 -0.0379 0.0443  -0.0220 66 ASN A CA  
443 C C   . ASN A 58 ? 0.1459 0.1103 0.1229 -0.0347 0.0431  -0.0166 66 ASN A C   
444 O O   . ASN A 58 ? 0.1887 0.1457 0.1594 -0.0378 0.0503  -0.0174 66 ASN A O   
445 C CB  . ASN A 58 ? 0.1749 0.1341 0.1576 -0.0412 0.0512  -0.0210 66 ASN A CB  
446 C CG  . ASN A 58 ? 0.1947 0.1431 0.1656 -0.0359 0.0472  -0.0132 66 ASN A CG  
447 O OD1 . ASN A 58 ? 0.2017 0.1402 0.1598 -0.0325 0.0462  -0.0075 66 ASN A OD1 
448 N ND2 . ASN A 58 ? 0.1971 0.1477 0.1722 -0.0348 0.0445  -0.0133 66 ASN A ND2 
449 N N   . VAL A 59 ? 0.1271 0.0930 0.1006 -0.0291 0.0345  -0.0116 67 VAL A N   
450 C CA  . VAL A 59 ? 0.1414 0.1020 0.1043 -0.0257 0.0316  -0.0071 67 VAL A CA  
451 C C   . VAL A 59 ? 0.1788 0.1301 0.1307 -0.0215 0.0279  -0.0007 67 VAL A C   
452 O O   . VAL A 59 ? 0.2121 0.1617 0.1571 -0.0180 0.0232  0.0026  67 VAL A O   
453 C CB  . VAL A 59 ? 0.1519 0.1240 0.1221 -0.0231 0.0249  -0.0085 67 VAL A CB  
454 C CG1 . VAL A 59 ? 0.1602 0.1397 0.1395 -0.0260 0.0288  -0.0147 67 VAL A CG1 
455 C CG2 . VAL A 59 ? 0.1431 0.1239 0.1213 -0.0205 0.0178  -0.0080 67 VAL A CG2 
456 N N   . GLU A 60 ? 0.1658 0.1118 0.1170 -0.0216 0.0296  0.0005  68 GLU A N   
457 C CA  . GLU A 60 ? 0.1827 0.1207 0.1251 -0.0166 0.0259  0.0059  68 GLU A CA  
458 C C   . GLU A 60 ? 0.2666 0.1897 0.1916 -0.0146 0.0278  0.0104  68 GLU A C   
459 O O   . GLU A 60 ? 0.2818 0.2018 0.1999 -0.0089 0.0217  0.0146  68 GLU A O   
460 C CB  . GLU A 60 ? 0.1870 0.1209 0.1320 -0.0171 0.0285  0.0058  68 GLU A CB  
461 C CG  . GLU A 60 ? 0.1690 0.1166 0.1286 -0.0184 0.0257  0.0016  68 GLU A CG  
462 C CD  . GLU A 60 ? 0.2190 0.1615 0.1805 -0.0197 0.0294  0.0006  68 GLU A CD  
463 O OE1 . GLU A 60 ? 0.2461 0.1811 0.2058 -0.0243 0.0372  -0.0019 68 GLU A OE1 
464 O OE2 . GLU A 60 ? 0.2363 0.1811 0.2000 -0.0161 0.0252  0.0021  68 GLU A OE2 
465 N N   . LYS A 61 ? 0.2361 0.1503 0.1537 -0.0191 0.0362  0.0090  69 LYS A N   
466 C CA  . LYS A 61 ? 0.2631 0.1603 0.1608 -0.0180 0.0396  0.0133  69 LYS A CA  
467 C C   . LYS A 61 ? 0.2744 0.1742 0.1683 -0.0198 0.0406  0.0114  69 LYS A C   
468 O O   . LYS A 61 ? 0.3022 0.1889 0.1820 -0.0227 0.0480  0.0120  69 LYS A O   
469 C CB  . LYS A 61 ? 0.3223 0.2017 0.2097 -0.0218 0.0502  0.0141  69 LYS A CB  
470 C CG  . LYS A 61 ? 0.4014 0.2747 0.2894 -0.0187 0.0492  0.0166  69 LYS A CG  
471 C CD  . LYS A 61 ? 0.5335 0.3980 0.4090 -0.0096 0.0412  0.0235  69 LYS A CD  
472 C CE  . LYS A 61 ? 0.6774 0.5387 0.5571 -0.0063 0.0399  0.0249  69 LYS A CE  
473 N NZ  . LYS A 61 ? 0.8183 0.6594 0.6874 -0.0095 0.0505  0.0259  69 LYS A NZ  
474 N N   . GLU A 62 ? 0.2366 0.1521 0.1423 -0.0184 0.0336  0.0091  70 GLU A N   
475 C CA  A GLU A 62 ? 0.2270 0.1463 0.1312 -0.0197 0.0338  0.0067  70 GLU A CA  
476 C CA  B GLU A 62 ? 0.2336 0.1526 0.1373 -0.0195 0.0336  0.0069  70 GLU A CA  
477 C C   . GLU A 62 ? 0.2475 0.1701 0.1473 -0.0143 0.0239  0.0097  70 GLU A C   
478 O O   . GLU A 62 ? 0.2504 0.1781 0.1551 -0.0104 0.0168  0.0117  70 GLU A O   
479 C CB  A GLU A 62 ? 0.2220 0.1562 0.1446 -0.0234 0.0358  0.0000  70 GLU A CB  
480 C CB  B GLU A 62 ? 0.2340 0.1673 0.1555 -0.0233 0.0358  0.0004  70 GLU A CB  
481 C CG  A GLU A 62 ? 0.2464 0.1804 0.1760 -0.0295 0.0456  -0.0048 70 GLU A CG  
482 C CG  B GLU A 62 ? 0.3311 0.2601 0.2540 -0.0296 0.0470  -0.0039 70 GLU A CG  
483 C CD  A GLU A 62 ? 0.3407 0.2701 0.2664 -0.0348 0.0555  -0.0090 70 GLU A CD  
484 C CD  B GLU A 62 ? 0.2858 0.2307 0.2289 -0.0327 0.0485  -0.0112 70 GLU A CD  
485 O OE1 A GLU A 62 ? 0.3145 0.2439 0.2351 -0.0339 0.0547  -0.0094 70 GLU A OE1 
486 O OE1 B GLU A 62 ? 0.2849 0.2304 0.2348 -0.0375 0.0557  -0.0153 70 GLU A OE1 
487 O OE2 A GLU A 62 ? 0.2802 0.2067 0.2093 -0.0403 0.0648  -0.0127 70 GLU A OE2 
488 O OE2 B GLU A 62 ? 0.2557 0.2115 0.2072 -0.0302 0.0427  -0.0131 70 GLU A OE2 
489 N N   . THR A 63 ? 0.2154 0.1350 0.1058 -0.0144 0.0239  0.0091  71 THR A N   
490 C CA  . THR A 63 ? 0.2037 0.1271 0.0905 -0.0101 0.0147  0.0106  71 THR A CA  
491 C C   . THR A 63 ? 0.2140 0.1532 0.1185 -0.0105 0.0100  0.0069  71 THR A C   
492 O O   . THR A 63 ? 0.1759 0.1217 0.0921 -0.0136 0.0140  0.0032  71 THR A O   
493 C CB  . THR A 63 ? 0.2238 0.1388 0.0943 -0.0106 0.0163  0.0104  71 THR A CB  
494 O OG1 . THR A 63 ? 0.2343 0.1547 0.1124 -0.0151 0.0220  0.0051  71 THR A OG1 
495 C CG2 . THR A 63 ? 0.2464 0.1426 0.0951 -0.0103 0.0216  0.0145  71 THR A CG2 
496 N N   . HIS A 64 ? 0.1817 0.1261 0.0867 -0.0073 0.0019  0.0076  72 HIS A N   
497 C CA  . HIS A 64 ? 0.1564 0.1125 0.0750 -0.0080 -0.0019 0.0046  72 HIS A CA  
498 C C   . HIS A 64 ? 0.1605 0.1180 0.0816 -0.0109 0.0027  0.0005  72 HIS A C   
499 O O   . HIS A 64 ? 0.1422 0.1070 0.0759 -0.0121 0.0035  -0.0021 72 HIS A O   
500 C CB  . HIS A 64 ? 0.1546 0.1141 0.0706 -0.0053 -0.0099 0.0050  72 HIS A CB  
501 C CG  . HIS A 64 ? 0.1458 0.1146 0.0736 -0.0065 -0.0129 0.0021  72 HIS A CG  
502 N ND1 . HIS A 64 ? 0.1374 0.1134 0.0768 -0.0062 -0.0153 0.0024  72 HIS A ND1 
503 C CD2 . HIS A 64 ? 0.1492 0.1196 0.0777 -0.0082 -0.0130 -0.0011 72 HIS A CD2 
504 C CE1 . HIS A 64 ? 0.1355 0.1160 0.0808 -0.0077 -0.0169 -0.0001 72 HIS A CE1 
505 N NE2 . HIS A 64 ? 0.1371 0.1143 0.0768 -0.0088 -0.0155 -0.0024 72 HIS A NE2 
506 N N   . GLN A 65 ? 0.1733 0.1233 0.0817 -0.0118 0.0056  -0.0001 73 GLN A N   
507 C CA  . GLN A 65 ? 0.1807 0.1313 0.0909 -0.0145 0.0104  -0.0046 73 GLN A CA  
508 C C   . GLN A 65 ? 0.1787 0.1319 0.0987 -0.0172 0.0179  -0.0075 73 GLN A C   
509 O O   . GLN A 65 ? 0.1684 0.1287 0.0999 -0.0179 0.0191  -0.0116 73 GLN A O   
510 C CB  . GLN A 65 ? 0.2235 0.1638 0.1152 -0.0151 0.0128  -0.0045 73 GLN A CB  
511 C CG  . GLN A 65 ? 0.3549 0.2946 0.2376 -0.0124 0.0045  -0.0033 73 GLN A CG  
512 C CD  . GLN A 65 ? 0.3873 0.3274 0.2675 -0.0085 -0.0032 0.0011  73 GLN A CD  
513 O OE1 . GLN A 65 ? 0.2717 0.2051 0.1452 -0.0068 -0.0019 0.0051  73 GLN A OE1 
514 N NE2 . GLN A 65 ? 0.2697 0.2178 0.1558 -0.0070 -0.0109 -0.0002 73 GLN A NE2 
515 N N   . GLN A 66 ? 0.1677 0.1148 0.0832 -0.0187 0.0228  -0.0055 74 GLN A N   
516 C CA  . GLN A 66 ? 0.1670 0.1177 0.0930 -0.0221 0.0300  -0.0093 74 GLN A CA  
517 C C   . GLN A 66 ? 0.1492 0.1124 0.0932 -0.0208 0.0257  -0.0109 74 GLN A C   
518 O O   . GLN A 66 ? 0.1451 0.1163 0.1017 -0.0220 0.0283  -0.0159 74 GLN A O   
519 C CB  . GLN A 66 ? 0.1967 0.1365 0.1130 -0.0245 0.0364  -0.0068 74 GLN A CB  
520 C CG  . GLN A 66 ? 0.2407 0.1664 0.1381 -0.0268 0.0434  -0.0062 74 GLN A CG  
521 C CD  . GLN A 66 ? 0.3396 0.2499 0.2221 -0.0283 0.0493  -0.0021 74 GLN A CD  
522 O OE1 . GLN A 66 ? 0.2892 0.1968 0.1711 -0.0259 0.0458  0.0019  74 GLN A OE1 
523 N NE2 . GLN A 66 ? 0.4516 0.3493 0.3194 -0.0320 0.0586  -0.0029 74 GLN A NE2 
524 N N   . VAL A 67 ? 0.1354 0.1000 0.0800 -0.0181 0.0190  -0.0069 75 VAL A N   
525 C CA  . VAL A 67 ? 0.1211 0.0959 0.0795 -0.0168 0.0148  -0.0080 75 VAL A CA  
526 C C   . VAL A 67 ? 0.1147 0.0962 0.0806 -0.0152 0.0112  -0.0106 75 VAL A C   
527 O O   . VAL A 67 ? 0.1084 0.0975 0.0857 -0.0147 0.0108  -0.0138 75 VAL A O   
528 C CB  . VAL A 67 ? 0.1288 0.1031 0.0858 -0.0147 0.0096  -0.0036 75 VAL A CB  
529 C CG1 . VAL A 67 ? 0.1257 0.1087 0.0946 -0.0138 0.0061  -0.0048 75 VAL A CG1 
530 C CG2 . VAL A 67 ? 0.1460 0.1117 0.0955 -0.0156 0.0136  -0.0012 75 VAL A CG2 
531 N N   . VAL A 68 ? 0.1163 0.0947 0.0754 -0.0139 0.0082  -0.0094 76 VAL A N   
532 C CA  . VAL A 68 ? 0.1148 0.0969 0.0793 -0.0125 0.0057  -0.0121 76 VAL A CA  
533 C C   . VAL A 68 ? 0.1375 0.1226 0.1087 -0.0134 0.0111  -0.0173 76 VAL A C   
534 O O   . VAL A 68 ? 0.1216 0.1127 0.1031 -0.0112 0.0093  -0.0200 76 VAL A O   
535 C CB  . VAL A 68 ? 0.1395 0.1168 0.0944 -0.0123 0.0031  -0.0110 76 VAL A CB  
536 C CG1 . VAL A 68 ? 0.1480 0.1265 0.1070 -0.0115 0.0027  -0.0145 76 VAL A CG1 
537 C CG2 . VAL A 68 ? 0.1366 0.1145 0.0896 -0.0112 -0.0029 -0.0075 76 VAL A CG2 
538 N N   . SER A 69 ? 0.1362 0.1167 0.1014 -0.0162 0.0179  -0.0190 77 SER A N   
539 C CA  A SER A 69 ? 0.1390 0.1231 0.1116 -0.0177 0.0244  -0.0252 77 SER A CA  
540 C CA  B SER A 69 ? 0.1411 0.1253 0.1138 -0.0176 0.0243  -0.0251 77 SER A CA  
541 C C   . SER A 69 ? 0.1507 0.1448 0.1387 -0.0174 0.0248  -0.0284 77 SER A C   
542 O O   . SER A 69 ? 0.1547 0.1566 0.1547 -0.0156 0.0249  -0.0336 77 SER A O   
543 C CB  A SER A 69 ? 0.1654 0.1413 0.1271 -0.0219 0.0331  -0.0262 77 SER A CB  
544 C CB  B SER A 69 ? 0.1762 0.1522 0.1378 -0.0217 0.0328  -0.0262 77 SER A CB  
545 O OG  A SER A 69 ? 0.1815 0.1616 0.1514 -0.0240 0.0406  -0.0330 77 SER A OG  
546 O OG  B SER A 69 ? 0.2377 0.2056 0.1850 -0.0214 0.0316  -0.0242 77 SER A OG  
547 N N   . ARG A 70 ? 0.1367 0.1306 0.1245 -0.0189 0.0246  -0.0259 78 ARG A N   
548 C CA  . ARG A 70 ? 0.1278 0.1314 0.1294 -0.0192 0.0246  -0.0296 78 ARG A CA  
549 C C   . ARG A 70 ? 0.1239 0.1351 0.1341 -0.0143 0.0164  -0.0298 78 ARG A C   
550 O O   . ARG A 70 ? 0.1380 0.1590 0.1613 -0.0127 0.0155  -0.0351 78 ARG A O   
551 C CB  . ARG A 70 ? 0.1277 0.1281 0.1258 -0.0217 0.0258  -0.0266 78 ARG A CB  
552 C CG  . ARG A 70 ? 0.1776 0.1680 0.1660 -0.0265 0.0346  -0.0262 78 ARG A CG  
553 C CD  . ARG A 70 ? 0.2005 0.1941 0.1960 -0.0308 0.0438  -0.0334 78 ARG A CD  
554 N NE  . ARG A 70 ? 0.2179 0.1990 0.2013 -0.0361 0.0533  -0.0323 78 ARG A NE  
555 C CZ  . ARG A 70 ? 0.4803 0.4486 0.4467 -0.0369 0.0571  -0.0291 78 ARG A CZ  
556 N NH1 . ARG A 70 ? 0.3347 0.3024 0.2958 -0.0334 0.0524  -0.0275 78 ARG A NH1 
557 N NH2 . ARG A 70 ? 0.4382 0.3929 0.3914 -0.0413 0.0657  -0.0274 78 ARG A NH2 
558 N N   . ILE A 71 ? 0.1105 0.1172 0.1136 -0.0117 0.0103  -0.0243 79 ILE A N   
559 C CA  . ILE A 71 ? 0.1124 0.1232 0.1204 -0.0074 0.0032  -0.0237 79 ILE A CA  
560 C C   . ILE A 71 ? 0.1492 0.1615 0.1620 -0.0041 0.0025  -0.0272 79 ILE A C   
561 O O   . ILE A 71 ? 0.1626 0.1812 0.1842 -0.0001 -0.0013 -0.0298 79 ILE A O   
562 C CB  . ILE A 71 ? 0.1119 0.1167 0.1111 -0.0067 -0.0014 -0.0176 79 ILE A CB  
563 C CG1 . ILE A 71 ? 0.1078 0.1123 0.1046 -0.0090 -0.0010 -0.0148 79 ILE A CG1 
564 C CG2 . ILE A 71 ? 0.1141 0.1197 0.1155 -0.0027 -0.0074 -0.0166 79 ILE A CG2 
565 C CD1 . ILE A 71 ? 0.1308 0.1303 0.1200 -0.0088 -0.0041 -0.0099 79 ILE A CD1 
566 N N   . ARG A 72 ? 0.1270 0.1337 0.1338 -0.0053 0.0058  -0.0276 80 ARG A N   
567 C CA  . ARG A 72 ? 0.1535 0.1601 0.1640 -0.0022 0.0060  -0.0312 80 ARG A CA  
568 C C   . ARG A 72 ? 0.1792 0.1950 0.2029 -0.0016 0.0103  -0.0386 80 ARG A C   
569 O O   . ARG A 72 ? 0.1839 0.2027 0.2152 0.0029  0.0085  -0.0423 80 ARG A O   
570 C CB  . ARG A 72 ? 0.1754 0.1736 0.1750 -0.0044 0.0089  -0.0302 80 ARG A CB  
571 C CG  . ARG A 72 ? 0.2055 0.1968 0.1955 -0.0042 0.0039  -0.0250 80 ARG A CG  
572 C CD  . ARG A 72 ? 0.2404 0.2246 0.2211 -0.0059 0.0058  -0.0258 80 ARG A CD  
573 N NE  . ARG A 72 ? 0.2910 0.2705 0.2655 -0.0061 0.0010  -0.0222 80 ARG A NE  
574 C CZ  . ARG A 72 ? 0.3264 0.3012 0.2910 -0.0086 0.0007  -0.0215 80 ARG A CZ  
575 N NH1 . ARG A 72 ? 0.2842 0.2564 0.2415 -0.0107 0.0048  -0.0231 80 ARG A NH1 
576 N NH2 . ARG A 72 ? 0.3114 0.2839 0.2731 -0.0092 -0.0034 -0.0194 80 ARG A NH2 
577 N N   . ALA A 73 ? 0.1590 0.1785 0.1857 -0.0062 0.0161  -0.0411 81 ALA A N   
578 C CA  . ALA A 73 ? 0.1722 0.2013 0.2125 -0.0073 0.0219  -0.0494 81 ALA A CA  
579 C C   . ALA A 73 ? 0.1719 0.2132 0.2278 -0.0021 0.0158  -0.0535 81 ALA A C   
580 O O   . ALA A 73 ? 0.1776 0.2281 0.2472 0.0004  0.0173  -0.0609 81 ALA A O   
581 C CB  . ALA A 73 ? 0.1900 0.2184 0.2283 -0.0142 0.0295  -0.0503 81 ALA A CB  
582 N N   . ALA A 74 ? 0.1859 0.2279 0.2399 -0.0002 0.0087  -0.0491 82 ALA A N   
583 C CA  . ALA A 74 ? 0.1890 0.2411 0.2543 0.0053  0.0014  -0.0520 82 ALA A CA  
584 C C   . ALA A 74 ? 0.2382 0.2895 0.3060 0.0132  -0.0042 -0.0527 82 ALA A C   
585 O O   . ALA A 74 ? 0.2200 0.2599 0.2763 0.0147  -0.0059 -0.0471 82 ALA A O   
586 C CB  . ALA A 74 ? 0.2033 0.2526 0.2612 0.0053  -0.0042 -0.0461 82 ALA A CB  
587 N N   . LEU A 75 ? 0.2280 0.2915 0.3117 0.0183  -0.0065 -0.0602 83 LEU A N   
588 C CA  . LEU A 75 ? 0.2123 0.2742 0.2989 0.0269  -0.0116 -0.0612 83 LEU A CA  
589 C C   . LEU A 75 ? 0.2578 0.3105 0.3336 0.0333  -0.0212 -0.0540 83 LEU A C   
590 O O   . LEU A 75 ? 0.2417 0.2818 0.3078 0.0356  -0.0217 -0.0497 83 LEU A O   
591 C CB  . LEU A 75 ? 0.2158 0.2937 0.3236 0.0317  -0.0119 -0.0718 83 LEU A CB  
592 C CG  . LEU A 75 ? 0.2712 0.3473 0.3836 0.0417  -0.0166 -0.0739 83 LEU A CG  
593 C CD1 . LEU A 75 ? 0.3027 0.3639 0.4034 0.0403  -0.0115 -0.0702 83 LEU A CD1 
594 C CD2 . LEU A 75 ? 0.2725 0.3659 0.4075 0.0451  -0.0147 -0.0856 83 LEU A CD2 
595 N N   . ASN A 76 ? 0.2204 0.2779 0.2966 0.0356  -0.0280 -0.0528 84 ASN A N   
596 C CA  . ASN A 76 ? 0.2250 0.2719 0.2886 0.0413  -0.0362 -0.0458 84 ASN A CA  
597 C C   . ASN A 76 ? 0.2283 0.2738 0.2832 0.0386  -0.0396 -0.0410 84 ASN A C   
598 O O   . ASN A 76 ? 0.2262 0.2636 0.2706 0.0434  -0.0462 -0.0361 84 ASN A O   
599 C CB  . ASN A 76 ? 0.2874 0.3366 0.3570 0.0526  -0.0440 -0.0487 84 ASN A CB  
600 C CG  . ASN A 76 ? 0.7529 0.7863 0.8131 0.0572  -0.0441 -0.0446 84 ASN A CG  
601 O OD1 . ASN A 76 ? 0.7285 0.7487 0.7751 0.0618  -0.0496 -0.0381 84 ASN A OD1 
602 N ND2 . ASN A 76 ? 0.6411 0.6744 0.7070 0.0554  -0.0375 -0.0483 84 ASN A ND2 
603 N N   . ALA A 77 ? 0.1888 0.2403 0.2466 0.0308  -0.0345 -0.0424 85 ALA A N   
604 C CA  . ALA A 77 ? 0.1863 0.2369 0.2370 0.0276  -0.0365 -0.0389 85 ALA A CA  
605 C C   . ALA A 77 ? 0.2185 0.2701 0.2694 0.0186  -0.0285 -0.0390 85 ALA A C   
606 O O   . ALA A 77 ? 0.2227 0.2799 0.2824 0.0152  -0.0223 -0.0440 85 ALA A O   
607 C CB  . ALA A 77 ? 0.2018 0.2648 0.2612 0.0316  -0.0433 -0.0442 85 ALA A CB  
608 N N   . VAL A 78 ? 0.1550 0.2004 0.1957 0.0148  -0.0282 -0.0336 86 VAL A N   
609 C CA  . VAL A 78 ? 0.1383 0.1829 0.1781 0.0074  -0.0212 -0.0332 86 VAL A CA  
610 C C   . VAL A 78 ? 0.1291 0.1743 0.1650 0.0052  -0.0231 -0.0315 86 VAL A C   
611 O O   . VAL A 78 ? 0.1314 0.1714 0.1587 0.0079  -0.0281 -0.0273 86 VAL A O   
612 C CB  . VAL A 78 ? 0.1684 0.2024 0.1989 0.0044  -0.0165 -0.0283 86 VAL A CB  
613 C CG1 . VAL A 78 ? 0.1534 0.1775 0.1717 0.0054  -0.0198 -0.0213 86 VAL A CG1 
614 C CG2 . VAL A 78 ? 0.1554 0.1882 0.1850 -0.0020 -0.0093 -0.0286 86 VAL A CG2 
615 N N   . ARG A 79 ? 0.1151 0.1657 0.1569 0.0001  -0.0185 -0.0353 87 ARG A N   
616 C CA  . ARG A 79 ? 0.1017 0.1523 0.1406 -0.0029 -0.0186 -0.0347 87 ARG A CA  
617 C C   . ARG A 79 ? 0.1067 0.1473 0.1370 -0.0073 -0.0127 -0.0293 87 ARG A C   
618 O O   . ARG A 79 ? 0.1118 0.1500 0.1431 -0.0106 -0.0064 -0.0302 87 ARG A O   
619 C CB  . ARG A 79 ? 0.1316 0.1939 0.1835 -0.0059 -0.0163 -0.0430 87 ARG A CB  
620 C CG  . ARG A 79 ? 0.3009 0.3646 0.3520 -0.0096 -0.0157 -0.0445 87 ARG A CG  
621 C CD  . ARG A 79 ? 0.3381 0.4144 0.4039 -0.0129 -0.0134 -0.0545 87 ARG A CD  
622 N NE  . ARG A 79 ? 0.2890 0.3767 0.3608 -0.0086 -0.0222 -0.0595 87 ARG A NE  
623 C CZ  . ARG A 79 ? 0.3572 0.4536 0.4354 -0.0116 -0.0232 -0.0662 87 ARG A CZ  
624 N NH1 . ARG A 79 ? 0.1690 0.2628 0.2488 -0.0193 -0.0149 -0.0684 87 ARG A NH1 
625 N NH2 . ARG A 79 ? 0.2202 0.3268 0.3019 -0.0066 -0.0326 -0.0705 87 ARG A NH2 
626 N N   . LEU A 80 ? 0.0843 0.1187 0.1056 -0.0072 -0.0147 -0.0242 88 LEU A N   
627 C CA  . LEU A 80 ? 0.0795 0.1056 0.0937 -0.0101 -0.0106 -0.0196 88 LEU A CA  
628 C C   . LEU A 80 ? 0.0911 0.1169 0.1039 -0.0124 -0.0097 -0.0196 88 LEU A C   
629 O O   . LEU A 80 ? 0.1225 0.1495 0.1326 -0.0108 -0.0140 -0.0192 88 LEU A O   
630 C CB  . LEU A 80 ? 0.0928 0.1122 0.0988 -0.0078 -0.0132 -0.0140 88 LEU A CB  
631 C CG  . LEU A 80 ? 0.1102 0.1280 0.1161 -0.0055 -0.0142 -0.0135 88 LEU A CG  
632 C CD1 . LEU A 80 ? 0.1230 0.1340 0.1211 -0.0044 -0.0164 -0.0088 88 LEU A CD1 
633 C CD2 . LEU A 80 ? 0.1164 0.1333 0.1240 -0.0078 -0.0089 -0.0152 88 LEU A CD2 
634 N N   . LEU A 81 ? 0.0612 0.0843 0.0749 -0.0161 -0.0040 -0.0206 89 LEU A N   
635 C CA  . LEU A 81 ? 0.0638 0.0850 0.0760 -0.0183 -0.0022 -0.0207 89 LEU A CA  
636 C C   . LEU A 81 ? 0.0612 0.0738 0.0656 -0.0174 -0.0013 -0.0148 89 LEU A C   
637 O O   . LEU A 81 ? 0.0707 0.0779 0.0721 -0.0175 0.0015  -0.0124 89 LEU A O   
638 C CB  . LEU A 81 ? 0.0708 0.0919 0.0878 -0.0227 0.0041  -0.0253 89 LEU A CB  
639 C CG  . LEU A 81 ? 0.0808 0.1001 0.0973 -0.0252 0.0062  -0.0269 89 LEU A CG  
640 C CD1 . LEU A 81 ? 0.1121 0.1401 0.1325 -0.0250 0.0015  -0.0313 89 LEU A CD1 
641 C CD2 . LEU A 81 ? 0.0942 0.1094 0.1134 -0.0301 0.0141  -0.0302 89 LEU A CD2 
642 N N   . VAL A 82 ? 0.0600 0.0722 0.0613 -0.0164 -0.0037 -0.0129 90 VAL A N   
643 C CA  . VAL A 82 ? 0.0624 0.0694 0.0590 -0.0152 -0.0036 -0.0084 90 VAL A CA  
644 C C   . VAL A 82 ? 0.0704 0.0752 0.0666 -0.0162 -0.0013 -0.0088 90 VAL A C   
645 O O   . VAL A 82 ? 0.0910 0.0987 0.0890 -0.0178 -0.0010 -0.0122 90 VAL A O   
646 C CB  . VAL A 82 ? 0.0852 0.0931 0.0789 -0.0133 -0.0078 -0.0058 90 VAL A CB  
647 C CG1 . VAL A 82 ? 0.0918 0.1000 0.0854 -0.0119 -0.0096 -0.0054 90 VAL A CG1 
648 C CG2 . VAL A 82 ? 0.0984 0.1088 0.0905 -0.0133 -0.0103 -0.0072 90 VAL A CG2 
649 N N   . VAL A 83 ? 0.0761 0.0766 0.0704 -0.0148 -0.0002 -0.0058 91 VAL A N   
650 C CA  . VAL A 83 ? 0.0812 0.0800 0.0758 -0.0147 0.0017  -0.0060 91 VAL A CA  
651 C C   . VAL A 83 ? 0.0809 0.0822 0.0751 -0.0133 -0.0009 -0.0040 91 VAL A C   
652 O O   . VAL A 83 ? 0.0770 0.0779 0.0706 -0.0115 -0.0027 -0.0016 91 VAL A O   
653 C CB  . VAL A 83 ? 0.1133 0.1049 0.1068 -0.0134 0.0051  -0.0047 91 VAL A CB  
654 C CG1 . VAL A 83 ? 0.1282 0.1184 0.1232 -0.0121 0.0066  -0.0050 91 VAL A CG1 
655 C CG2 . VAL A 83 ? 0.1342 0.1222 0.1279 -0.0163 0.0093  -0.0074 91 VAL A CG2 
656 N N   . ASP A 84 ? 0.0699 0.0733 0.0635 -0.0146 -0.0007 -0.0057 92 ASP A N   
657 C CA  . ASP A 84 ? 0.0818 0.0869 0.0746 -0.0145 -0.0016 -0.0045 92 ASP A CA  
658 C C   . ASP A 84 ? 0.0893 0.0944 0.0864 -0.0130 0.0004  -0.0044 92 ASP A C   
659 O O   . ASP A 84 ? 0.0983 0.1013 0.0974 -0.0121 0.0028  -0.0054 92 ASP A O   
660 C CB  . ASP A 84 ? 0.1032 0.1086 0.0917 -0.0166 -0.0012 -0.0064 92 ASP A CB  
661 C CG  . ASP A 84 ? 0.1084 0.1142 0.0928 -0.0167 -0.0046 -0.0066 92 ASP A CG  
662 O OD1 . ASP A 84 ? 0.1053 0.1106 0.0881 -0.0156 -0.0072 -0.0045 92 ASP A OD1 
663 O OD2 . ASP A 84 ? 0.1278 0.1349 0.1108 -0.0176 -0.0050 -0.0095 92 ASP A OD2 
664 N N   . PRO A 85 ? 0.0863 0.0942 0.0855 -0.0127 -0.0007 -0.0035 93 PRO A N   
665 C CA  . PRO A 85 ? 0.0975 0.1080 0.1028 -0.0106 0.0003  -0.0043 93 PRO A CA  
666 C C   . PRO A 85 ? 0.0973 0.1090 0.1049 -0.0120 0.0044  -0.0073 93 PRO A C   
667 O O   . PRO A 85 ? 0.0996 0.1102 0.1026 -0.0152 0.0063  -0.0083 93 PRO A O   
668 C CB  . PRO A 85 ? 0.1192 0.1339 0.1270 -0.0111 -0.0018 -0.0039 93 PRO A CB  
669 C CG  . PRO A 85 ? 0.1370 0.1494 0.1386 -0.0145 -0.0017 -0.0033 93 PRO A CG  
670 C CD  . PRO A 85 ? 0.1087 0.1172 0.1050 -0.0141 -0.0027 -0.0023 93 PRO A CD  
671 N N   . GLU A 86 ? 0.1174 0.1308 0.1318 -0.0090 0.0056  -0.0086 94 GLU A N   
672 C CA  . GLU A 86 ? 0.1219 0.1370 0.1402 -0.0100 0.0102  -0.0122 94 GLU A CA  
673 C C   . GLU A 86 ? 0.1129 0.1329 0.1327 -0.0138 0.0124  -0.0141 94 GLU A C   
674 O O   . GLU A 86 ? 0.1197 0.1437 0.1426 -0.0141 0.0102  -0.0135 94 GLU A O   
675 C CB  . GLU A 86 ? 0.1563 0.1729 0.1830 -0.0048 0.0105  -0.0135 94 GLU A CB  
676 C CG  . GLU A 86 ? 0.2791 0.2876 0.3027 -0.0014 0.0103  -0.0118 94 GLU A CG  
677 C CD  . GLU A 86 ? 0.6417 0.6442 0.6597 -0.0047 0.0143  -0.0133 94 GLU A CD  
678 O OE1 . GLU A 86 ? 0.6147 0.6112 0.6274 -0.0049 0.0136  -0.0115 94 GLU A OE1 
679 O OE2 . GLU A 86 ? 0.6035 0.6075 0.6224 -0.0073 0.0182  -0.0169 94 GLU A OE2 
680 N N   . THR A 87 ? 0.1003 0.1190 0.1172 -0.0171 0.0172  -0.0167 95 THR A N   
681 C CA  . THR A 87 ? 0.1049 0.1260 0.1212 -0.0216 0.0212  -0.0188 95 THR A CA  
682 C C   . THR A 87 ? 0.0978 0.1229 0.1218 -0.0221 0.0273  -0.0238 95 THR A C   
683 O O   . THR A 87 ? 0.1309 0.1586 0.1563 -0.0263 0.0319  -0.0263 95 THR A O   
684 C CB  . THR A 87 ? 0.1575 0.1715 0.1592 -0.0257 0.0219  -0.0171 95 THR A CB  
685 O OG1 . THR A 87 ? 0.1929 0.2033 0.1889 -0.0260 0.0234  -0.0186 95 THR A OG1 
686 C CG2 . THR A 87 ? 0.2006 0.2116 0.1963 -0.0250 0.0164  -0.0129 95 THR A CG2 
687 N N   . SER A 88 ? 0.0769 0.1019 0.1061 -0.0184 0.0279  -0.0255 96 SER A N   
688 C CA  A SER A 88 ? 0.0769 0.1058 0.1144 -0.0182 0.0340  -0.0308 96 SER A CA  
689 C CA  B SER A 88 ? 0.0779 0.1063 0.1150 -0.0181 0.0340  -0.0308 96 SER A CA  
690 C C   . SER A 88 ? 0.0812 0.1142 0.1315 -0.0110 0.0315  -0.0319 96 SER A C   
691 O O   . SER A 88 ? 0.0985 0.1257 0.1459 -0.0068 0.0278  -0.0289 96 SER A O   
692 C CB  A SER A 88 ? 0.1213 0.1434 0.1500 -0.0206 0.0382  -0.0328 96 SER A CB  
693 C CB  B SER A 88 ? 0.1241 0.1456 0.1528 -0.0200 0.0377  -0.0325 96 SER A CB  
694 O OG  A SER A 88 ? 0.0847 0.1097 0.1220 -0.0198 0.0445  -0.0383 96 SER A OG  
695 O OG  B SER A 88 ? 0.2193 0.2364 0.2347 -0.0259 0.0400  -0.0321 96 SER A OG  
696 N N   . THR A 89 ? 0.0574 0.1000 0.1217 -0.0096 0.0337  -0.0365 97 THR A N   
697 C CA  . THR A 89 ? 0.0467 0.0773 0.1096 -0.0061 0.0229  -0.0361 97 THR A CA  
698 C C   . THR A 89 ? 0.0492 0.0854 0.1233 -0.0070 0.0282  -0.0428 97 THR A C   
699 O O   . THR A 89 ? 0.0542 0.1068 0.1405 -0.0093 0.0385  -0.0485 97 THR A O   
700 C CB  . THR A 89 ? 0.0545 0.1092 0.1389 0.0026  0.0236  -0.0366 97 THR A CB  
701 O OG1 . THR A 89 ? 0.0747 0.1221 0.1464 0.0014  0.0185  -0.0303 97 THR A OG1 
702 C CG2 . THR A 89 ? 0.0746 0.1325 0.1697 0.0126  0.0190  -0.0376 97 THR A CG2 
703 N N   . THR A 90 ? 0.0551 0.1013 0.1453 0.0020  0.0340  -0.0460 98 THR A N   
704 C CA  . THR A 90 ? 0.0648 0.1267 0.1763 0.0067  0.0443  -0.0553 98 THR A CA  
705 C C   . THR A 90 ? 0.0845 0.1585 0.2140 0.0149  0.0387  -0.0580 98 THR A C   
706 O O   . THR A 90 ? 0.1000 0.1701 0.2292 0.0236  0.0309  -0.0539 98 THR A O   
707 C CB  . THR A 90 ? 0.0979 0.1504 0.2065 0.0094  0.0489  -0.0570 98 THR A CB  
708 O OG1 . THR A 90 ? 0.1037 0.1462 0.1955 0.0015  0.0532  -0.0554 98 THR A OG1 
709 C CG2 . THR A 90 ? 0.1231 0.1841 0.2479 0.0115  0.0558  -0.0657 98 THR A CG2 
710 N N   . LEU A 91 ? 0.0592 0.1478 0.2044 0.0124  0.0426  -0.0652 99 LEU A N   
711 C CA  . LEU A 91 ? 0.0669 0.1710 0.2324 0.0195  0.0372  -0.0698 99 LEU A CA  
712 C C   . LEU A 91 ? 0.0635 0.1780 0.2484 0.0234  0.0430  -0.0790 99 LEU A C   
713 O O   . LEU A 91 ? 0.0760 0.2038 0.2793 0.0320  0.0368  -0.0832 99 LEU A O   
714 C CB  . LEU A 91 ? 0.0730 0.1881 0.2428 0.0131  0.0356  -0.0713 99 LEU A CB  
715 C CG  . LEU A 91 ? 0.1435 0.2493 0.2964 0.0115  0.0284  -0.0624 99 LEU A CG  
716 C CD1 . LEU A 91 ? 0.1470 0.2580 0.2990 0.0022  0.0304  -0.0635 99 LEU A CD1 
717 C CD2 . LEU A 91 ? 0.1805 0.2873 0.3357 0.0220  0.0169  -0.0589 99 LEU A CD2 
718 O OXT . LEU A 91 ? 0.0641 0.1698 0.2415 0.0160  0.0509  -0.0817 99 LEU A OXT 
# 
loop_
_pdbx_poly_seq_scheme.asym_id 
_pdbx_poly_seq_scheme.entity_id 
_pdbx_poly_seq_scheme.seq_id 
_pdbx_poly_seq_scheme.mon_id 
_pdbx_poly_seq_scheme.ndb_seq_num 
_pdbx_poly_seq_scheme.pdb_seq_num 
_pdbx_poly_seq_scheme.auth_seq_num 
_pdbx_poly_seq_scheme.pdb_mon_id 
_pdbx_poly_seq_scheme.auth_mon_id 
_pdbx_poly_seq_scheme.pdb_strand_id 
_pdbx_poly_seq_scheme.pdb_ins_code 
_pdbx_poly_seq_scheme.hetero 
A 1 1  GLY 1  9  9  GLY GLY A . n 
A 1 2  MET 2  10 10 MET MET A . n 
A 1 3  LEU 3  11 11 LEU LEU A . n 
A 1 4  PRO 4  12 12 PRO PRO A . n 
A 1 5  ARG 5  13 13 ARG ARG A . n 
A 1 6  LEU 6  14 14 LEU LEU A . n 
A 1 7  CYS 7  15 15 CYS CYS A . n 
A 1 8  CYS 8  16 16 CYS CYS A . n 
A 1 9  LEU 9  17 17 LEU LEU A . n 
A 1 10 GLU 10 18 18 GLU GLU A . n 
A 1 11 LYS 11 19 19 LYS LYS A . n 
A 1 12 GLY 12 20 20 GLY GLY A . n 
A 1 13 PRO 13 21 21 PRO PRO A . n 
A 1 14 ASN 14 22 22 ASN ASN A . n 
A 1 15 GLY 15 23 23 GLY GLY A . n 
A 1 16 TYR 16 24 24 TYR TYR A . n 
A 1 17 GLY 17 25 25 GLY GLY A . n 
A 1 18 PHE 18 26 26 PHE PHE A . n 
A 1 19 HIS 19 27 27 HIS HIS A . n 
A 1 20 LEU 20 28 28 LEU LEU A . n 
A 1 21 HIS 21 29 29 HIS HIS A . n 
A 1 22 GLY 22 30 30 GLY GLY A . n 
A 1 23 GLU 23 31 31 GLU GLU A . n 
A 1 24 LYS 24 32 32 LYS LYS A . n 
A 1 25 GLY 25 33 33 GLY GLY A . n 
A 1 26 LYS 26 34 34 LYS LYS A . n 
A 1 27 LEU 27 35 35 LEU LEU A . n 
A 1 28 GLY 28 36 36 GLY GLY A . n 
A 1 29 GLN 29 37 37 GLN GLN A . n 
A 1 30 TYR 30 38 38 TYR TYR A . n 
A 1 31 ILE 31 39 39 ILE ILE A . n 
A 1 32 ARG 32 40 40 ARG ARG A . n 
A 1 33 LEU 33 41 41 LEU LEU A . n 
A 1 34 VAL 34 42 42 VAL VAL A . n 
A 1 35 GLU 35 43 43 GLU GLU A . n 
A 1 36 PRO 36 44 44 PRO PRO A . n 
A 1 37 GLY 37 45 45 GLY GLY A . n 
A 1 38 SER 38 46 46 SER SER A . n 
A 1 39 PRO 39 47 47 PRO PRO A . n 
A 1 40 ALA 40 48 48 ALA ALA A . n 
A 1 41 GLU 41 49 49 GLU GLU A . n 
A 1 42 LYS 42 50 50 LYS LYS A . n 
A 1 43 ALA 43 51 51 ALA ALA A . n 
A 1 44 GLY 44 52 52 GLY GLY A . n 
A 1 45 LEU 45 53 53 LEU LEU A . n 
A 1 46 LEU 46 54 54 LEU LEU A . n 
A 1 47 ALA 47 55 55 ALA ALA A . n 
A 1 48 GLY 48 56 56 GLY GLY A . n 
A 1 49 ASP 49 57 57 ASP ASP A . n 
A 1 50 ARG 50 58 58 ARG ARG A . n 
A 1 51 LEU 51 59 59 LEU LEU A . n 
A 1 52 VAL 52 60 60 VAL VAL A . n 
A 1 53 GLU 53 61 61 GLU GLU A . n 
A 1 54 VAL 54 62 62 VAL VAL A . n 
A 1 55 ASN 55 63 63 ASN ASN A . n 
A 1 56 GLY 56 64 64 GLY GLY A . n 
A 1 57 GLU 57 65 65 GLU GLU A . n 
A 1 58 ASN 58 66 66 ASN ASN A . n 
A 1 59 VAL 59 67 67 VAL VAL A . n 
A 1 60 GLU 60 68 68 GLU GLU A . n 
A 1 61 LYS 61 69 69 LYS LYS A . n 
A 1 62 GLU 62 70 70 GLU GLU A . n 
A 1 63 THR 63 71 71 THR THR A . n 
A 1 64 HIS 64 72 72 HIS HIS A . n 
A 1 65 GLN 65 73 73 GLN GLN A . n 
A 1 66 GLN 66 74 74 GLN GLN A . n 
A 1 67 VAL 67 75 75 VAL VAL A . n 
A 1 68 VAL 68 76 76 VAL VAL A . n 
A 1 69 SER 69 77 77 SER SER A . n 
A 1 70 ARG 70 78 78 ARG ARG A . n 
A 1 71 ILE 71 79 79 ILE ILE A . n 
A 1 72 ARG 72 80 80 ARG ARG A . n 
A 1 73 ALA 73 81 81 ALA ALA A . n 
A 1 74 ALA 74 82 82 ALA ALA A . n 
A 1 75 LEU 75 83 83 LEU LEU A . n 
A 1 76 ASN 76 84 84 ASN ASN A . n 
A 1 77 ALA 77 85 85 ALA ALA A . n 
A 1 78 VAL 78 86 86 VAL VAL A . n 
A 1 79 ARG 79 87 87 ARG ARG A . n 
A 1 80 LEU 80 88 88 LEU LEU A . n 
A 1 81 LEU 81 89 89 LEU LEU A . n 
A 1 82 VAL 82 90 90 VAL VAL A . n 
A 1 83 VAL 83 91 91 VAL VAL A . n 
A 1 84 ASP 84 92 92 ASP ASP A . n 
A 1 85 PRO 85 93 93 PRO PRO A . n 
A 1 86 GLU 86 94 94 GLU GLU A . n 
A 1 87 THR 87 95 95 THR THR A . n 
A 1 88 SER 88 96 96 SER SER A . n 
A 1 89 THR 89 97 97 THR THR A . n 
A 1 90 THR 90 98 98 THR THR A . n 
A 1 91 LEU 91 99 99 LEU LEU A . n 
# 
loop_
_pdbx_nonpoly_scheme.asym_id 
_pdbx_nonpoly_scheme.entity_id 
_pdbx_nonpoly_scheme.mon_id 
_pdbx_nonpoly_scheme.ndb_seq_num 
_pdbx_nonpoly_scheme.pdb_seq_num 
_pdbx_nonpoly_scheme.auth_seq_num 
_pdbx_nonpoly_scheme.pdb_mon_id 
_pdbx_nonpoly_scheme.auth_mon_id 
_pdbx_nonpoly_scheme.pdb_strand_id 
_pdbx_nonpoly_scheme.pdb_ins_code 
B 2 ACY 1   101 425 ACY ACY A . 
C 3 CL  1   102 1   CL  CL  A . 
D 4 HOH 1   201 1   HOH HOH A . 
D 4 HOH 2   202 2   HOH HOH A . 
D 4 HOH 3   203 3   HOH HOH A . 
D 4 HOH 4   204 4   HOH HOH A . 
D 4 HOH 5   205 5   HOH HOH A . 
D 4 HOH 6   206 6   HOH HOH A . 
D 4 HOH 7   207 7   HOH HOH A . 
D 4 HOH 8   208 8   HOH HOH A . 
D 4 HOH 9   209 2   HOH HOH A . 
D 4 HOH 10  210 3   HOH HOH A . 
D 4 HOH 11  211 4   HOH HOH A . 
D 4 HOH 12  212 5   HOH HOH A . 
D 4 HOH 13  213 6   HOH HOH A . 
D 4 HOH 14  214 7   HOH HOH A . 
D 4 HOH 15  215 8   HOH HOH A . 
D 4 HOH 16  216 9   HOH HOH A . 
D 4 HOH 17  217 10  HOH HOH A . 
D 4 HOH 18  218 11  HOH HOH A . 
D 4 HOH 19  219 12  HOH HOH A . 
D 4 HOH 20  220 13  HOH HOH A . 
D 4 HOH 21  221 14  HOH HOH A . 
D 4 HOH 22  222 15  HOH HOH A . 
D 4 HOH 23  223 16  HOH HOH A . 
D 4 HOH 24  224 17  HOH HOH A . 
D 4 HOH 25  225 18  HOH HOH A . 
D 4 HOH 26  226 19  HOH HOH A . 
D 4 HOH 27  227 20  HOH HOH A . 
D 4 HOH 28  228 21  HOH HOH A . 
D 4 HOH 29  229 22  HOH HOH A . 
D 4 HOH 30  230 23  HOH HOH A . 
D 4 HOH 31  231 24  HOH HOH A . 
D 4 HOH 32  232 25  HOH HOH A . 
D 4 HOH 33  233 26  HOH HOH A . 
D 4 HOH 34  234 27  HOH HOH A . 
D 4 HOH 35  235 28  HOH HOH A . 
D 4 HOH 36  236 29  HOH HOH A . 
D 4 HOH 37  237 30  HOH HOH A . 
D 4 HOH 38  238 31  HOH HOH A . 
D 4 HOH 39  239 33  HOH HOH A . 
D 4 HOH 40  240 34  HOH HOH A . 
D 4 HOH 41  241 35  HOH HOH A . 
D 4 HOH 42  242 36  HOH HOH A . 
D 4 HOH 43  243 37  HOH HOH A . 
D 4 HOH 44  244 38  HOH HOH A . 
D 4 HOH 45  245 39  HOH HOH A . 
D 4 HOH 46  246 40  HOH HOH A . 
D 4 HOH 47  247 41  HOH HOH A . 
D 4 HOH 48  248 42  HOH HOH A . 
D 4 HOH 49  249 43  HOH HOH A . 
D 4 HOH 50  250 44  HOH HOH A . 
D 4 HOH 51  251 45  HOH HOH A . 
D 4 HOH 52  252 46  HOH HOH A . 
D 4 HOH 53  253 47  HOH HOH A . 
D 4 HOH 54  254 48  HOH HOH A . 
D 4 HOH 55  255 49  HOH HOH A . 
D 4 HOH 56  256 50  HOH HOH A . 
D 4 HOH 57  257 51  HOH HOH A . 
D 4 HOH 58  258 52  HOH HOH A . 
D 4 HOH 59  259 53  HOH HOH A . 
D 4 HOH 60  260 54  HOH HOH A . 
D 4 HOH 61  261 55  HOH HOH A . 
D 4 HOH 62  262 56  HOH HOH A . 
D 4 HOH 63  263 57  HOH HOH A . 
D 4 HOH 64  264 58  HOH HOH A . 
D 4 HOH 65  265 59  HOH HOH A . 
D 4 HOH 66  266 60  HOH HOH A . 
D 4 HOH 67  267 61  HOH HOH A . 
D 4 HOH 68  268 62  HOH HOH A . 
D 4 HOH 69  269 63  HOH HOH A . 
D 4 HOH 70  270 64  HOH HOH A . 
D 4 HOH 71  271 65  HOH HOH A . 
D 4 HOH 72  272 66  HOH HOH A . 
D 4 HOH 73  273 67  HOH HOH A . 
D 4 HOH 74  274 68  HOH HOH A . 
D 4 HOH 75  275 69  HOH HOH A . 
D 4 HOH 76  276 70  HOH HOH A . 
D 4 HOH 77  277 71  HOH HOH A . 
D 4 HOH 78  278 72  HOH HOH A . 
D 4 HOH 79  279 73  HOH HOH A . 
D 4 HOH 80  280 74  HOH HOH A . 
D 4 HOH 81  281 75  HOH HOH A . 
D 4 HOH 82  282 76  HOH HOH A . 
D 4 HOH 83  283 77  HOH HOH A . 
D 4 HOH 84  284 78  HOH HOH A . 
D 4 HOH 85  285 79  HOH HOH A . 
D 4 HOH 86  286 81  HOH HOH A . 
D 4 HOH 87  287 82  HOH HOH A . 
D 4 HOH 88  288 84  HOH HOH A . 
D 4 HOH 89  289 85  HOH HOH A . 
D 4 HOH 90  290 86  HOH HOH A . 
D 4 HOH 91  291 87  HOH HOH A . 
D 4 HOH 92  292 88  HOH HOH A . 
D 4 HOH 93  293 89  HOH HOH A . 
D 4 HOH 94  294 90  HOH HOH A . 
D 4 HOH 95  295 91  HOH HOH A . 
D 4 HOH 96  296 92  HOH HOH A . 
D 4 HOH 97  297 93  HOH HOH A . 
D 4 HOH 98  298 94  HOH HOH A . 
D 4 HOH 99  299 95  HOH HOH A . 
D 4 HOH 100 300 96  HOH HOH A . 
D 4 HOH 101 301 97  HOH HOH A . 
D 4 HOH 102 302 98  HOH HOH A . 
D 4 HOH 103 303 101 HOH HOH A . 
D 4 HOH 104 304 102 HOH HOH A . 
D 4 HOH 105 305 103 HOH HOH A . 
D 4 HOH 106 306 104 HOH HOH A . 
D 4 HOH 107 307 105 HOH HOH A . 
D 4 HOH 108 308 106 HOH HOH A . 
D 4 HOH 109 309 107 HOH HOH A . 
D 4 HOH 110 310 108 HOH HOH A . 
D 4 HOH 111 311 109 HOH HOH A . 
D 4 HOH 112 312 110 HOH HOH A . 
D 4 HOH 113 313 111 HOH HOH A . 
D 4 HOH 114 314 112 HOH HOH A . 
D 4 HOH 115 315 113 HOH HOH A . 
D 4 HOH 116 316 114 HOH HOH A . 
D 4 HOH 117 317 115 HOH HOH A . 
D 4 HOH 118 318 116 HOH HOH A . 
D 4 HOH 119 319 117 HOH HOH A . 
D 4 HOH 120 320 118 HOH HOH A . 
D 4 HOH 121 321 119 HOH HOH A . 
D 4 HOH 122 322 121 HOH HOH A . 
D 4 HOH 123 323 122 HOH HOH A . 
D 4 HOH 124 324 123 HOH HOH A . 
D 4 HOH 125 325 124 HOH HOH A . 
D 4 HOH 126 326 125 HOH HOH A . 
D 4 HOH 127 327 126 HOH HOH A . 
D 4 HOH 128 328 127 HOH HOH A . 
D 4 HOH 129 329 128 HOH HOH A . 
# 
_pdbx_struct_assembly.id                   1 
_pdbx_struct_assembly.details              author_and_software_defined_assembly 
_pdbx_struct_assembly.method_details       PISA 
_pdbx_struct_assembly.oligomeric_details   monomeric 
_pdbx_struct_assembly.oligomeric_count     1 
# 
_pdbx_struct_assembly_gen.assembly_id       1 
_pdbx_struct_assembly_gen.oper_expression   1 
_pdbx_struct_assembly_gen.asym_id_list      A,B,C,D 
# 
_pdbx_struct_oper_list.id                   1 
_pdbx_struct_oper_list.type                 'identity operation' 
_pdbx_struct_oper_list.name                 1_555 
_pdbx_struct_oper_list.symmetry_operation   x,y,z 
_pdbx_struct_oper_list.matrix[1][1]         1.0000000000 
_pdbx_struct_oper_list.matrix[1][2]         0.0000000000 
_pdbx_struct_oper_list.matrix[1][3]         0.0000000000 
_pdbx_struct_oper_list.vector[1]            0.0000000000 
_pdbx_struct_oper_list.matrix[2][1]         0.0000000000 
_pdbx_struct_oper_list.matrix[2][2]         1.0000000000 
_pdbx_struct_oper_list.matrix[2][3]         0.0000000000 
_pdbx_struct_oper_list.vector[2]            0.0000000000 
_pdbx_struct_oper_list.matrix[3][1]         0.0000000000 
_pdbx_struct_oper_list.matrix[3][2]         0.0000000000 
_pdbx_struct_oper_list.matrix[3][3]         1.0000000000 
_pdbx_struct_oper_list.vector[3]            0.0000000000 
# 
loop_
_pdbx_audit_revision_history.ordinal 
_pdbx_audit_revision_history.data_content_type 
_pdbx_audit_revision_history.major_revision 
_pdbx_audit_revision_history.minor_revision 
_pdbx_audit_revision_history.revision_date 
1 'Structure model' 1 0 2014-01-15 
2 'Structure model' 1 1 2023-09-20 
# 
_pdbx_audit_revision_details.ordinal             1 
_pdbx_audit_revision_details.revision_ordinal    1 
_pdbx_audit_revision_details.data_content_type   'Structure model' 
_pdbx_audit_revision_details.provider            repository 
_pdbx_audit_revision_details.type                'Initial release' 
_pdbx_audit_revision_details.description         ? 
_pdbx_audit_revision_details.details             ? 
# 
loop_
_pdbx_audit_revision_group.ordinal 
_pdbx_audit_revision_group.revision_ordinal 
_pdbx_audit_revision_group.data_content_type 
_pdbx_audit_revision_group.group 
1 2 'Structure model' 'Data collection'        
2 2 'Structure model' 'Database references'    
3 2 'Structure model' 'Derived calculations'   
4 2 'Structure model' 'Refinement description' 
# 
loop_
_pdbx_audit_revision_category.ordinal 
_pdbx_audit_revision_category.revision_ordinal 
_pdbx_audit_revision_category.data_content_type 
_pdbx_audit_revision_category.category 
1 2 'Structure model' chem_comp_atom                
2 2 'Structure model' chem_comp_bond                
3 2 'Structure model' database_2                    
4 2 'Structure model' pdbx_initial_refinement_model 
5 2 'Structure model' struct_ref_seq_dif            
6 2 'Structure model' struct_site                   
# 
loop_
_pdbx_audit_revision_item.ordinal 
_pdbx_audit_revision_item.revision_ordinal 
_pdbx_audit_revision_item.data_content_type 
_pdbx_audit_revision_item.item 
1 2 'Structure model' '_database_2.pdbx_DOI'                
2 2 'Structure model' '_database_2.pdbx_database_accession' 
3 2 'Structure model' '_struct_ref_seq_dif.details'         
4 2 'Structure model' '_struct_site.pdbx_auth_asym_id'      
5 2 'Structure model' '_struct_site.pdbx_auth_comp_id'      
6 2 'Structure model' '_struct_site.pdbx_auth_seq_id'       
# 
_pdbx_refine_tls.pdbx_refine_id   'X-RAY DIFFRACTION' 
_pdbx_refine_tls.id               1 
_pdbx_refine_tls.details          ? 
_pdbx_refine_tls.method           refined 
_pdbx_refine_tls.origin_x         -0.0242 
_pdbx_refine_tls.origin_y         0.1842 
_pdbx_refine_tls.origin_z         -0.4124 
_pdbx_refine_tls.T[1][1]          -0.0341 
_pdbx_refine_tls.T[2][2]          -0.0322 
_pdbx_refine_tls.T[3][3]          -0.0459 
_pdbx_refine_tls.T[1][2]          -0.0095 
_pdbx_refine_tls.T[1][3]          -0.0110 
_pdbx_refine_tls.T[2][3]          -0.0016 
_pdbx_refine_tls.L[1][1]          0.6766 
_pdbx_refine_tls.L[2][2]          1.2791 
_pdbx_refine_tls.L[3][3]          1.1081 
_pdbx_refine_tls.L[1][2]          -0.0045 
_pdbx_refine_tls.L[1][3]          -0.3212 
_pdbx_refine_tls.L[2][3]          0.6500 
_pdbx_refine_tls.S[1][1]          0.0336 
_pdbx_refine_tls.S[1][2]          -0.0101 
_pdbx_refine_tls.S[1][3]          0.0152 
_pdbx_refine_tls.S[2][1]          -0.0424 
_pdbx_refine_tls.S[2][2]          0.0391 
_pdbx_refine_tls.S[2][3]          -0.0647 
_pdbx_refine_tls.S[3][1]          0.0030 
_pdbx_refine_tls.S[3][2]          0.0450 
_pdbx_refine_tls.S[3][3]          -0.0728 
# 
_pdbx_refine_tls_group.pdbx_refine_id      'X-RAY DIFFRACTION' 
_pdbx_refine_tls_group.id                  1 
_pdbx_refine_tls_group.refine_tls_id       1 
_pdbx_refine_tls_group.beg_auth_asym_id    A 
_pdbx_refine_tls_group.beg_auth_seq_id     9 
_pdbx_refine_tls_group.beg_label_asym_id   ? 
_pdbx_refine_tls_group.beg_label_seq_id    ? 
_pdbx_refine_tls_group.end_auth_asym_id    A 
_pdbx_refine_tls_group.end_auth_seq_id     99 
_pdbx_refine_tls_group.end_label_asym_id   ? 
_pdbx_refine_tls_group.end_label_seq_id    ? 
_pdbx_refine_tls_group.selection           ? 
_pdbx_refine_tls_group.selection_details   ? 
# 
loop_
_software.name 
_software.classification 
_software.version 
_software.citation_id 
_software.pdbx_ordinal 
HKL-2000 'data collection' .      ? 1 
PHASER   phasing           .      ? 2 
BUSTER   refinement        2.10.0 ? 3 
HKL-2000 'data reduction'  .      ? 4 
HKL-2000 'data scaling'    .      ? 5 
# 
_pdbx_entry_details.entry_id                 4LMM 
_pdbx_entry_details.nonpolymer_details       ? 
_pdbx_entry_details.sequence_details         'THESE FIVE RESIDUES MIMIC THE C-TERMINAL TAIL OF CXCR2.' 
_pdbx_entry_details.compound_details         ? 
_pdbx_entry_details.source_details           ? 
_pdbx_entry_details.has_ligand_of_interest   ? 
# 
loop_
_pdbx_validate_torsion.id 
_pdbx_validate_torsion.PDB_model_num 
_pdbx_validate_torsion.auth_comp_id 
_pdbx_validate_torsion.auth_asym_id 
_pdbx_validate_torsion.auth_seq_id 
_pdbx_validate_torsion.PDB_ins_code 
_pdbx_validate_torsion.label_alt_id 
_pdbx_validate_torsion.phi 
_pdbx_validate_torsion.psi 
1 1 LYS A 32 ? ? 79.49   97.02 
2 1 ASN A 84 ? ? -141.65 11.98 
# 
loop_
_chem_comp_atom.comp_id 
_chem_comp_atom.atom_id 
_chem_comp_atom.type_symbol 
_chem_comp_atom.pdbx_aromatic_flag 
_chem_comp_atom.pdbx_stereo_config 
_chem_comp_atom.pdbx_ordinal 
ACY C    C  N N 1   
ACY O    O  N N 2   
ACY OXT  O  N N 3   
ACY CH3  C  N N 4   
ACY HXT  H  N N 5   
ACY H1   H  N N 6   
ACY H2   H  N N 7   
ACY H3   H  N N 8   
ALA N    N  N N 9   
ALA CA   C  N S 10  
ALA C    C  N N 11  
ALA O    O  N N 12  
ALA CB   C  N N 13  
ALA OXT  O  N N 14  
ALA H    H  N N 15  
ALA H2   H  N N 16  
ALA HA   H  N N 17  
ALA HB1  H  N N 18  
ALA HB2  H  N N 19  
ALA HB3  H  N N 20  
ALA HXT  H  N N 21  
ARG N    N  N N 22  
ARG CA   C  N S 23  
ARG C    C  N N 24  
ARG O    O  N N 25  
ARG CB   C  N N 26  
ARG CG   C  N N 27  
ARG CD   C  N N 28  
ARG NE   N  N N 29  
ARG CZ   C  N N 30  
ARG NH1  N  N N 31  
ARG NH2  N  N N 32  
ARG OXT  O  N N 33  
ARG H    H  N N 34  
ARG H2   H  N N 35  
ARG HA   H  N N 36  
ARG HB2  H  N N 37  
ARG HB3  H  N N 38  
ARG HG2  H  N N 39  
ARG HG3  H  N N 40  
ARG HD2  H  N N 41  
ARG HD3  H  N N 42  
ARG HE   H  N N 43  
ARG HH11 H  N N 44  
ARG HH12 H  N N 45  
ARG HH21 H  N N 46  
ARG HH22 H  N N 47  
ARG HXT  H  N N 48  
ASN N    N  N N 49  
ASN CA   C  N S 50  
ASN C    C  N N 51  
ASN O    O  N N 52  
ASN CB   C  N N 53  
ASN CG   C  N N 54  
ASN OD1  O  N N 55  
ASN ND2  N  N N 56  
ASN OXT  O  N N 57  
ASN H    H  N N 58  
ASN H2   H  N N 59  
ASN HA   H  N N 60  
ASN HB2  H  N N 61  
ASN HB3  H  N N 62  
ASN HD21 H  N N 63  
ASN HD22 H  N N 64  
ASN HXT  H  N N 65  
ASP N    N  N N 66  
ASP CA   C  N S 67  
ASP C    C  N N 68  
ASP O    O  N N 69  
ASP CB   C  N N 70  
ASP CG   C  N N 71  
ASP OD1  O  N N 72  
ASP OD2  O  N N 73  
ASP OXT  O  N N 74  
ASP H    H  N N 75  
ASP H2   H  N N 76  
ASP HA   H  N N 77  
ASP HB2  H  N N 78  
ASP HB3  H  N N 79  
ASP HD2  H  N N 80  
ASP HXT  H  N N 81  
CL  CL   CL N N 82  
CYS N    N  N N 83  
CYS CA   C  N R 84  
CYS C    C  N N 85  
CYS O    O  N N 86  
CYS CB   C  N N 87  
CYS SG   S  N N 88  
CYS OXT  O  N N 89  
CYS H    H  N N 90  
CYS H2   H  N N 91  
CYS HA   H  N N 92  
CYS HB2  H  N N 93  
CYS HB3  H  N N 94  
CYS HG   H  N N 95  
CYS HXT  H  N N 96  
GLN N    N  N N 97  
GLN CA   C  N S 98  
GLN C    C  N N 99  
GLN O    O  N N 100 
GLN CB   C  N N 101 
GLN CG   C  N N 102 
GLN CD   C  N N 103 
GLN OE1  O  N N 104 
GLN NE2  N  N N 105 
GLN OXT  O  N N 106 
GLN H    H  N N 107 
GLN H2   H  N N 108 
GLN HA   H  N N 109 
GLN HB2  H  N N 110 
GLN HB3  H  N N 111 
GLN HG2  H  N N 112 
GLN HG3  H  N N 113 
GLN HE21 H  N N 114 
GLN HE22 H  N N 115 
GLN HXT  H  N N 116 
GLU N    N  N N 117 
GLU CA   C  N S 118 
GLU C    C  N N 119 
GLU O    O  N N 120 
GLU CB   C  N N 121 
GLU CG   C  N N 122 
GLU CD   C  N N 123 
GLU OE1  O  N N 124 
GLU OE2  O  N N 125 
GLU OXT  O  N N 126 
GLU H    H  N N 127 
GLU H2   H  N N 128 
GLU HA   H  N N 129 
GLU HB2  H  N N 130 
GLU HB3  H  N N 131 
GLU HG2  H  N N 132 
GLU HG3  H  N N 133 
GLU HE2  H  N N 134 
GLU HXT  H  N N 135 
GLY N    N  N N 136 
GLY CA   C  N N 137 
GLY C    C  N N 138 
GLY O    O  N N 139 
GLY OXT  O  N N 140 
GLY H    H  N N 141 
GLY H2   H  N N 142 
GLY HA2  H  N N 143 
GLY HA3  H  N N 144 
GLY HXT  H  N N 145 
HIS N    N  N N 146 
HIS CA   C  N S 147 
HIS C    C  N N 148 
HIS O    O  N N 149 
HIS CB   C  N N 150 
HIS CG   C  Y N 151 
HIS ND1  N  Y N 152 
HIS CD2  C  Y N 153 
HIS CE1  C  Y N 154 
HIS NE2  N  Y N 155 
HIS OXT  O  N N 156 
HIS H    H  N N 157 
HIS H2   H  N N 158 
HIS HA   H  N N 159 
HIS HB2  H  N N 160 
HIS HB3  H  N N 161 
HIS HD1  H  N N 162 
HIS HD2  H  N N 163 
HIS HE1  H  N N 164 
HIS HE2  H  N N 165 
HIS HXT  H  N N 166 
HOH O    O  N N 167 
HOH H1   H  N N 168 
HOH H2   H  N N 169 
ILE N    N  N N 170 
ILE CA   C  N S 171 
ILE C    C  N N 172 
ILE O    O  N N 173 
ILE CB   C  N S 174 
ILE CG1  C  N N 175 
ILE CG2  C  N N 176 
ILE CD1  C  N N 177 
ILE OXT  O  N N 178 
ILE H    H  N N 179 
ILE H2   H  N N 180 
ILE HA   H  N N 181 
ILE HB   H  N N 182 
ILE HG12 H  N N 183 
ILE HG13 H  N N 184 
ILE HG21 H  N N 185 
ILE HG22 H  N N 186 
ILE HG23 H  N N 187 
ILE HD11 H  N N 188 
ILE HD12 H  N N 189 
ILE HD13 H  N N 190 
ILE HXT  H  N N 191 
LEU N    N  N N 192 
LEU CA   C  N S 193 
LEU C    C  N N 194 
LEU O    O  N N 195 
LEU CB   C  N N 196 
LEU CG   C  N N 197 
LEU CD1  C  N N 198 
LEU CD2  C  N N 199 
LEU OXT  O  N N 200 
LEU H    H  N N 201 
LEU H2   H  N N 202 
LEU HA   H  N N 203 
LEU HB2  H  N N 204 
LEU HB3  H  N N 205 
LEU HG   H  N N 206 
LEU HD11 H  N N 207 
LEU HD12 H  N N 208 
LEU HD13 H  N N 209 
LEU HD21 H  N N 210 
LEU HD22 H  N N 211 
LEU HD23 H  N N 212 
LEU HXT  H  N N 213 
LYS N    N  N N 214 
LYS CA   C  N S 215 
LYS C    C  N N 216 
LYS O    O  N N 217 
LYS CB   C  N N 218 
LYS CG   C  N N 219 
LYS CD   C  N N 220 
LYS CE   C  N N 221 
LYS NZ   N  N N 222 
LYS OXT  O  N N 223 
LYS H    H  N N 224 
LYS H2   H  N N 225 
LYS HA   H  N N 226 
LYS HB2  H  N N 227 
LYS HB3  H  N N 228 
LYS HG2  H  N N 229 
LYS HG3  H  N N 230 
LYS HD2  H  N N 231 
LYS HD3  H  N N 232 
LYS HE2  H  N N 233 
LYS HE3  H  N N 234 
LYS HZ1  H  N N 235 
LYS HZ2  H  N N 236 
LYS HZ3  H  N N 237 
LYS HXT  H  N N 238 
MET N    N  N N 239 
MET CA   C  N S 240 
MET C    C  N N 241 
MET O    O  N N 242 
MET CB   C  N N 243 
MET CG   C  N N 244 
MET SD   S  N N 245 
MET CE   C  N N 246 
MET OXT  O  N N 247 
MET H    H  N N 248 
MET H2   H  N N 249 
MET HA   H  N N 250 
MET HB2  H  N N 251 
MET HB3  H  N N 252 
MET HG2  H  N N 253 
MET HG3  H  N N 254 
MET HE1  H  N N 255 
MET HE2  H  N N 256 
MET HE3  H  N N 257 
MET HXT  H  N N 258 
PHE N    N  N N 259 
PHE CA   C  N S 260 
PHE C    C  N N 261 
PHE O    O  N N 262 
PHE CB   C  N N 263 
PHE CG   C  Y N 264 
PHE CD1  C  Y N 265 
PHE CD2  C  Y N 266 
PHE CE1  C  Y N 267 
PHE CE2  C  Y N 268 
PHE CZ   C  Y N 269 
PHE OXT  O  N N 270 
PHE H    H  N N 271 
PHE H2   H  N N 272 
PHE HA   H  N N 273 
PHE HB2  H  N N 274 
PHE HB3  H  N N 275 
PHE HD1  H  N N 276 
PHE HD2  H  N N 277 
PHE HE1  H  N N 278 
PHE HE2  H  N N 279 
PHE HZ   H  N N 280 
PHE HXT  H  N N 281 
PRO N    N  N N 282 
PRO CA   C  N S 283 
PRO C    C  N N 284 
PRO O    O  N N 285 
PRO CB   C  N N 286 
PRO CG   C  N N 287 
PRO CD   C  N N 288 
PRO OXT  O  N N 289 
PRO H    H  N N 290 
PRO HA   H  N N 291 
PRO HB2  H  N N 292 
PRO HB3  H  N N 293 
PRO HG2  H  N N 294 
PRO HG3  H  N N 295 
PRO HD2  H  N N 296 
PRO HD3  H  N N 297 
PRO HXT  H  N N 298 
SER N    N  N N 299 
SER CA   C  N S 300 
SER C    C  N N 301 
SER O    O  N N 302 
SER CB   C  N N 303 
SER OG   O  N N 304 
SER OXT  O  N N 305 
SER H    H  N N 306 
SER H2   H  N N 307 
SER HA   H  N N 308 
SER HB2  H  N N 309 
SER HB3  H  N N 310 
SER HG   H  N N 311 
SER HXT  H  N N 312 
THR N    N  N N 313 
THR CA   C  N S 314 
THR C    C  N N 315 
THR O    O  N N 316 
THR CB   C  N R 317 
THR OG1  O  N N 318 
THR CG2  C  N N 319 
THR OXT  O  N N 320 
THR H    H  N N 321 
THR H2   H  N N 322 
THR HA   H  N N 323 
THR HB   H  N N 324 
THR HG1  H  N N 325 
THR HG21 H  N N 326 
THR HG22 H  N N 327 
THR HG23 H  N N 328 
THR HXT  H  N N 329 
TYR N    N  N N 330 
TYR CA   C  N S 331 
TYR C    C  N N 332 
TYR O    O  N N 333 
TYR CB   C  N N 334 
TYR CG   C  Y N 335 
TYR CD1  C  Y N 336 
TYR CD2  C  Y N 337 
TYR CE1  C  Y N 338 
TYR CE2  C  Y N 339 
TYR CZ   C  Y N 340 
TYR OH   O  N N 341 
TYR OXT  O  N N 342 
TYR H    H  N N 343 
TYR H2   H  N N 344 
TYR HA   H  N N 345 
TYR HB2  H  N N 346 
TYR HB3  H  N N 347 
TYR HD1  H  N N 348 
TYR HD2  H  N N 349 
TYR HE1  H  N N 350 
TYR HE2  H  N N 351 
TYR HH   H  N N 352 
TYR HXT  H  N N 353 
VAL N    N  N N 354 
VAL CA   C  N S 355 
VAL C    C  N N 356 
VAL O    O  N N 357 
VAL CB   C  N N 358 
VAL CG1  C  N N 359 
VAL CG2  C  N N 360 
VAL OXT  O  N N 361 
VAL H    H  N N 362 
VAL H2   H  N N 363 
VAL HA   H  N N 364 
VAL HB   H  N N 365 
VAL HG11 H  N N 366 
VAL HG12 H  N N 367 
VAL HG13 H  N N 368 
VAL HG21 H  N N 369 
VAL HG22 H  N N 370 
VAL HG23 H  N N 371 
VAL HXT  H  N N 372 
# 
loop_
_chem_comp_bond.comp_id 
_chem_comp_bond.atom_id_1 
_chem_comp_bond.atom_id_2 
_chem_comp_bond.value_order 
_chem_comp_bond.pdbx_aromatic_flag 
_chem_comp_bond.pdbx_stereo_config 
_chem_comp_bond.pdbx_ordinal 
ACY C   O    doub N N 1   
ACY C   OXT  sing N N 2   
ACY C   CH3  sing N N 3   
ACY OXT HXT  sing N N 4   
ACY CH3 H1   sing N N 5   
ACY CH3 H2   sing N N 6   
ACY CH3 H3   sing N N 7   
ALA N   CA   sing N N 8   
ALA N   H    sing N N 9   
ALA N   H2   sing N N 10  
ALA CA  C    sing N N 11  
ALA CA  CB   sing N N 12  
ALA CA  HA   sing N N 13  
ALA C   O    doub N N 14  
ALA C   OXT  sing N N 15  
ALA CB  HB1  sing N N 16  
ALA CB  HB2  sing N N 17  
ALA CB  HB3  sing N N 18  
ALA OXT HXT  sing N N 19  
ARG N   CA   sing N N 20  
ARG N   H    sing N N 21  
ARG N   H2   sing N N 22  
ARG CA  C    sing N N 23  
ARG CA  CB   sing N N 24  
ARG CA  HA   sing N N 25  
ARG C   O    doub N N 26  
ARG C   OXT  sing N N 27  
ARG CB  CG   sing N N 28  
ARG CB  HB2  sing N N 29  
ARG CB  HB3  sing N N 30  
ARG CG  CD   sing N N 31  
ARG CG  HG2  sing N N 32  
ARG CG  HG3  sing N N 33  
ARG CD  NE   sing N N 34  
ARG CD  HD2  sing N N 35  
ARG CD  HD3  sing N N 36  
ARG NE  CZ   sing N N 37  
ARG NE  HE   sing N N 38  
ARG CZ  NH1  sing N N 39  
ARG CZ  NH2  doub N N 40  
ARG NH1 HH11 sing N N 41  
ARG NH1 HH12 sing N N 42  
ARG NH2 HH21 sing N N 43  
ARG NH2 HH22 sing N N 44  
ARG OXT HXT  sing N N 45  
ASN N   CA   sing N N 46  
ASN N   H    sing N N 47  
ASN N   H2   sing N N 48  
ASN CA  C    sing N N 49  
ASN CA  CB   sing N N 50  
ASN CA  HA   sing N N 51  
ASN C   O    doub N N 52  
ASN C   OXT  sing N N 53  
ASN CB  CG   sing N N 54  
ASN CB  HB2  sing N N 55  
ASN CB  HB3  sing N N 56  
ASN CG  OD1  doub N N 57  
ASN CG  ND2  sing N N 58  
ASN ND2 HD21 sing N N 59  
ASN ND2 HD22 sing N N 60  
ASN OXT HXT  sing N N 61  
ASP N   CA   sing N N 62  
ASP N   H    sing N N 63  
ASP N   H2   sing N N 64  
ASP CA  C    sing N N 65  
ASP CA  CB   sing N N 66  
ASP CA  HA   sing N N 67  
ASP C   O    doub N N 68  
ASP C   OXT  sing N N 69  
ASP CB  CG   sing N N 70  
ASP CB  HB2  sing N N 71  
ASP CB  HB3  sing N N 72  
ASP CG  OD1  doub N N 73  
ASP CG  OD2  sing N N 74  
ASP OD2 HD2  sing N N 75  
ASP OXT HXT  sing N N 76  
CYS N   CA   sing N N 77  
CYS N   H    sing N N 78  
CYS N   H2   sing N N 79  
CYS CA  C    sing N N 80  
CYS CA  CB   sing N N 81  
CYS CA  HA   sing N N 82  
CYS C   O    doub N N 83  
CYS C   OXT  sing N N 84  
CYS CB  SG   sing N N 85  
CYS CB  HB2  sing N N 86  
CYS CB  HB3  sing N N 87  
CYS SG  HG   sing N N 88  
CYS OXT HXT  sing N N 89  
GLN N   CA   sing N N 90  
GLN N   H    sing N N 91  
GLN N   H2   sing N N 92  
GLN CA  C    sing N N 93  
GLN CA  CB   sing N N 94  
GLN CA  HA   sing N N 95  
GLN C   O    doub N N 96  
GLN C   OXT  sing N N 97  
GLN CB  CG   sing N N 98  
GLN CB  HB2  sing N N 99  
GLN CB  HB3  sing N N 100 
GLN CG  CD   sing N N 101 
GLN CG  HG2  sing N N 102 
GLN CG  HG3  sing N N 103 
GLN CD  OE1  doub N N 104 
GLN CD  NE2  sing N N 105 
GLN NE2 HE21 sing N N 106 
GLN NE2 HE22 sing N N 107 
GLN OXT HXT  sing N N 108 
GLU N   CA   sing N N 109 
GLU N   H    sing N N 110 
GLU N   H2   sing N N 111 
GLU CA  C    sing N N 112 
GLU CA  CB   sing N N 113 
GLU CA  HA   sing N N 114 
GLU C   O    doub N N 115 
GLU C   OXT  sing N N 116 
GLU CB  CG   sing N N 117 
GLU CB  HB2  sing N N 118 
GLU CB  HB3  sing N N 119 
GLU CG  CD   sing N N 120 
GLU CG  HG2  sing N N 121 
GLU CG  HG3  sing N N 122 
GLU CD  OE1  doub N N 123 
GLU CD  OE2  sing N N 124 
GLU OE2 HE2  sing N N 125 
GLU OXT HXT  sing N N 126 
GLY N   CA   sing N N 127 
GLY N   H    sing N N 128 
GLY N   H2   sing N N 129 
GLY CA  C    sing N N 130 
GLY CA  HA2  sing N N 131 
GLY CA  HA3  sing N N 132 
GLY C   O    doub N N 133 
GLY C   OXT  sing N N 134 
GLY OXT HXT  sing N N 135 
HIS N   CA   sing N N 136 
HIS N   H    sing N N 137 
HIS N   H2   sing N N 138 
HIS CA  C    sing N N 139 
HIS CA  CB   sing N N 140 
HIS CA  HA   sing N N 141 
HIS C   O    doub N N 142 
HIS C   OXT  sing N N 143 
HIS CB  CG   sing N N 144 
HIS CB  HB2  sing N N 145 
HIS CB  HB3  sing N N 146 
HIS CG  ND1  sing Y N 147 
HIS CG  CD2  doub Y N 148 
HIS ND1 CE1  doub Y N 149 
HIS ND1 HD1  sing N N 150 
HIS CD2 NE2  sing Y N 151 
HIS CD2 HD2  sing N N 152 
HIS CE1 NE2  sing Y N 153 
HIS CE1 HE1  sing N N 154 
HIS NE2 HE2  sing N N 155 
HIS OXT HXT  sing N N 156 
HOH O   H1   sing N N 157 
HOH O   H2   sing N N 158 
ILE N   CA   sing N N 159 
ILE N   H    sing N N 160 
ILE N   H2   sing N N 161 
ILE CA  C    sing N N 162 
ILE CA  CB   sing N N 163 
ILE CA  HA   sing N N 164 
ILE C   O    doub N N 165 
ILE C   OXT  sing N N 166 
ILE CB  CG1  sing N N 167 
ILE CB  CG2  sing N N 168 
ILE CB  HB   sing N N 169 
ILE CG1 CD1  sing N N 170 
ILE CG1 HG12 sing N N 171 
ILE CG1 HG13 sing N N 172 
ILE CG2 HG21 sing N N 173 
ILE CG2 HG22 sing N N 174 
ILE CG2 HG23 sing N N 175 
ILE CD1 HD11 sing N N 176 
ILE CD1 HD12 sing N N 177 
ILE CD1 HD13 sing N N 178 
ILE OXT HXT  sing N N 179 
LEU N   CA   sing N N 180 
LEU N   H    sing N N 181 
LEU N   H2   sing N N 182 
LEU CA  C    sing N N 183 
LEU CA  CB   sing N N 184 
LEU CA  HA   sing N N 185 
LEU C   O    doub N N 186 
LEU C   OXT  sing N N 187 
LEU CB  CG   sing N N 188 
LEU CB  HB2  sing N N 189 
LEU CB  HB3  sing N N 190 
LEU CG  CD1  sing N N 191 
LEU CG  CD2  sing N N 192 
LEU CG  HG   sing N N 193 
LEU CD1 HD11 sing N N 194 
LEU CD1 HD12 sing N N 195 
LEU CD1 HD13 sing N N 196 
LEU CD2 HD21 sing N N 197 
LEU CD2 HD22 sing N N 198 
LEU CD2 HD23 sing N N 199 
LEU OXT HXT  sing N N 200 
LYS N   CA   sing N N 201 
LYS N   H    sing N N 202 
LYS N   H2   sing N N 203 
LYS CA  C    sing N N 204 
LYS CA  CB   sing N N 205 
LYS CA  HA   sing N N 206 
LYS C   O    doub N N 207 
LYS C   OXT  sing N N 208 
LYS CB  CG   sing N N 209 
LYS CB  HB2  sing N N 210 
LYS CB  HB3  sing N N 211 
LYS CG  CD   sing N N 212 
LYS CG  HG2  sing N N 213 
LYS CG  HG3  sing N N 214 
LYS CD  CE   sing N N 215 
LYS CD  HD2  sing N N 216 
LYS CD  HD3  sing N N 217 
LYS CE  NZ   sing N N 218 
LYS CE  HE2  sing N N 219 
LYS CE  HE3  sing N N 220 
LYS NZ  HZ1  sing N N 221 
LYS NZ  HZ2  sing N N 222 
LYS NZ  HZ3  sing N N 223 
LYS OXT HXT  sing N N 224 
MET N   CA   sing N N 225 
MET N   H    sing N N 226 
MET N   H2   sing N N 227 
MET CA  C    sing N N 228 
MET CA  CB   sing N N 229 
MET CA  HA   sing N N 230 
MET C   O    doub N N 231 
MET C   OXT  sing N N 232 
MET CB  CG   sing N N 233 
MET CB  HB2  sing N N 234 
MET CB  HB3  sing N N 235 
MET CG  SD   sing N N 236 
MET CG  HG2  sing N N 237 
MET CG  HG3  sing N N 238 
MET SD  CE   sing N N 239 
MET CE  HE1  sing N N 240 
MET CE  HE2  sing N N 241 
MET CE  HE3  sing N N 242 
MET OXT HXT  sing N N 243 
PHE N   CA   sing N N 244 
PHE N   H    sing N N 245 
PHE N   H2   sing N N 246 
PHE CA  C    sing N N 247 
PHE CA  CB   sing N N 248 
PHE CA  HA   sing N N 249 
PHE C   O    doub N N 250 
PHE C   OXT  sing N N 251 
PHE CB  CG   sing N N 252 
PHE CB  HB2  sing N N 253 
PHE CB  HB3  sing N N 254 
PHE CG  CD1  doub Y N 255 
PHE CG  CD2  sing Y N 256 
PHE CD1 CE1  sing Y N 257 
PHE CD1 HD1  sing N N 258 
PHE CD2 CE2  doub Y N 259 
PHE CD2 HD2  sing N N 260 
PHE CE1 CZ   doub Y N 261 
PHE CE1 HE1  sing N N 262 
PHE CE2 CZ   sing Y N 263 
PHE CE2 HE2  sing N N 264 
PHE CZ  HZ   sing N N 265 
PHE OXT HXT  sing N N 266 
PRO N   CA   sing N N 267 
PRO N   CD   sing N N 268 
PRO N   H    sing N N 269 
PRO CA  C    sing N N 270 
PRO CA  CB   sing N N 271 
PRO CA  HA   sing N N 272 
PRO C   O    doub N N 273 
PRO C   OXT  sing N N 274 
PRO CB  CG   sing N N 275 
PRO CB  HB2  sing N N 276 
PRO CB  HB3  sing N N 277 
PRO CG  CD   sing N N 278 
PRO CG  HG2  sing N N 279 
PRO CG  HG3  sing N N 280 
PRO CD  HD2  sing N N 281 
PRO CD  HD3  sing N N 282 
PRO OXT HXT  sing N N 283 
SER N   CA   sing N N 284 
SER N   H    sing N N 285 
SER N   H2   sing N N 286 
SER CA  C    sing N N 287 
SER CA  CB   sing N N 288 
SER CA  HA   sing N N 289 
SER C   O    doub N N 290 
SER C   OXT  sing N N 291 
SER CB  OG   sing N N 292 
SER CB  HB2  sing N N 293 
SER CB  HB3  sing N N 294 
SER OG  HG   sing N N 295 
SER OXT HXT  sing N N 296 
THR N   CA   sing N N 297 
THR N   H    sing N N 298 
THR N   H2   sing N N 299 
THR CA  C    sing N N 300 
THR CA  CB   sing N N 301 
THR CA  HA   sing N N 302 
THR C   O    doub N N 303 
THR C   OXT  sing N N 304 
THR CB  OG1  sing N N 305 
THR CB  CG2  sing N N 306 
THR CB  HB   sing N N 307 
THR OG1 HG1  sing N N 308 
THR CG2 HG21 sing N N 309 
THR CG2 HG22 sing N N 310 
THR CG2 HG23 sing N N 311 
THR OXT HXT  sing N N 312 
TYR N   CA   sing N N 313 
TYR N   H    sing N N 314 
TYR N   H2   sing N N 315 
TYR CA  C    sing N N 316 
TYR CA  CB   sing N N 317 
TYR CA  HA   sing N N 318 
TYR C   O    doub N N 319 
TYR C   OXT  sing N N 320 
TYR CB  CG   sing N N 321 
TYR CB  HB2  sing N N 322 
TYR CB  HB3  sing N N 323 
TYR CG  CD1  doub Y N 324 
TYR CG  CD2  sing Y N 325 
TYR CD1 CE1  sing Y N 326 
TYR CD1 HD1  sing N N 327 
TYR CD2 CE2  doub Y N 328 
TYR CD2 HD2  sing N N 329 
TYR CE1 CZ   doub Y N 330 
TYR CE1 HE1  sing N N 331 
TYR CE2 CZ   sing Y N 332 
TYR CE2 HE2  sing N N 333 
TYR CZ  OH   sing N N 334 
TYR OH  HH   sing N N 335 
TYR OXT HXT  sing N N 336 
VAL N   CA   sing N N 337 
VAL N   H    sing N N 338 
VAL N   H2   sing N N 339 
VAL CA  C    sing N N 340 
VAL CA  CB   sing N N 341 
VAL CA  HA   sing N N 342 
VAL C   O    doub N N 343 
VAL C   OXT  sing N N 344 
VAL CB  CG1  sing N N 345 
VAL CB  CG2  sing N N 346 
VAL CB  HB   sing N N 347 
VAL CG1 HG11 sing N N 348 
VAL CG1 HG12 sing N N 349 
VAL CG1 HG13 sing N N 350 
VAL CG2 HG21 sing N N 351 
VAL CG2 HG22 sing N N 352 
VAL CG2 HG23 sing N N 353 
VAL OXT HXT  sing N N 354 
# 
loop_
_pdbx_entity_nonpoly.entity_id 
_pdbx_entity_nonpoly.name 
_pdbx_entity_nonpoly.comp_id 
2 'ACETIC ACID'  ACY 
3 'CHLORIDE ION' CL  
4 water          HOH 
# 
_pdbx_initial_refinement_model.id               1 
_pdbx_initial_refinement_model.entity_id_list   ? 
_pdbx_initial_refinement_model.type             'experimental model' 
_pdbx_initial_refinement_model.source_name      PDB 
_pdbx_initial_refinement_model.accession_code   4JL7 
_pdbx_initial_refinement_model.details          'PDB ENTRY 4JL7' 
# 
